data_2K48
#
_entry.id   2K48
#
_entity_poly.entity_id   1
_entity_poly.type   'polypeptide(L)'
_entity_poly.pdbx_seq_one_letter_code
;MHHHHHHGKPIPNPLLGLDSTENLYFQGIDPFTMSTLQELQENITAHEQQLVTARQKLKDAEKAVEVDPDDVNKSTLQNR
RAAVSTLETKLGELKRQLADLVAAQKL
;
_entity_poly.pdbx_strand_id   A
#
# COMPACT_ATOMS: atom_id res chain seq x y z
N MET A 1 -7.85 -31.40 56.49
CA MET A 1 -9.07 -30.58 56.73
C MET A 1 -9.76 -31.00 58.04
N HIS A 2 -10.81 -30.27 58.46
CA HIS A 2 -11.49 -30.41 59.76
C HIS A 2 -13.02 -30.56 59.64
N HIS A 3 -13.51 -30.95 58.47
CA HIS A 3 -14.93 -31.06 58.10
C HIS A 3 -15.18 -32.23 57.12
N HIS A 4 -16.45 -32.51 56.82
CA HIS A 4 -16.89 -33.60 55.95
C HIS A 4 -18.10 -33.19 55.09
N HIS A 5 -18.39 -33.99 54.05
CA HIS A 5 -19.39 -33.70 53.02
C HIS A 5 -20.18 -34.96 52.60
N HIS A 6 -21.32 -34.76 51.92
CA HIS A 6 -22.31 -35.79 51.61
C HIS A 6 -22.80 -35.72 50.15
N HIS A 7 -22.00 -35.11 49.26
CA HIS A 7 -22.29 -34.93 47.83
C HIS A 7 -22.44 -36.27 47.08
N GLY A 8 -23.12 -36.23 45.93
CA GLY A 8 -23.37 -37.37 45.04
C GLY A 8 -24.08 -36.96 43.73
N LYS A 9 -24.36 -37.94 42.87
CA LYS A 9 -24.98 -37.75 41.53
C LYS A 9 -26.03 -38.83 41.23
N PRO A 10 -27.09 -38.49 40.49
CA PRO A 10 -28.14 -39.44 40.09
C PRO A 10 -27.68 -40.40 38.98
N ILE A 11 -28.45 -41.48 38.78
CA ILE A 11 -28.30 -42.40 37.63
C ILE A 11 -28.56 -41.67 36.29
N PRO A 12 -27.98 -42.18 35.18
CA PRO A 12 -28.13 -41.58 33.85
C PRO A 12 -29.55 -41.78 33.28
N ASN A 13 -29.84 -41.10 32.16
CA ASN A 13 -31.14 -41.07 31.49
C ASN A 13 -30.98 -41.51 30.01
N PRO A 14 -31.93 -42.26 29.42
CA PRO A 14 -31.79 -42.86 28.08
C PRO A 14 -31.85 -41.82 26.93
N LEU A 15 -30.73 -41.14 26.72
CA LEU A 15 -30.53 -40.04 25.74
C LEU A 15 -29.25 -40.28 24.90
N LEU A 16 -28.84 -41.55 24.77
CA LEU A 16 -27.60 -41.97 24.10
C LEU A 16 -27.50 -41.44 22.65
N GLY A 17 -26.33 -40.89 22.31
CA GLY A 17 -26.05 -40.20 21.04
C GLY A 17 -24.74 -39.43 21.08
N LEU A 18 -24.52 -38.56 20.09
CA LEU A 18 -23.37 -37.64 20.02
C LEU A 18 -23.34 -36.71 21.25
N ASP A 19 -22.22 -36.70 21.99
CA ASP A 19 -22.08 -35.97 23.27
C ASP A 19 -20.69 -35.28 23.42
N SER A 20 -19.85 -35.33 22.37
CA SER A 20 -18.50 -34.76 22.33
C SER A 20 -18.22 -34.11 20.97
N THR A 21 -17.29 -33.15 20.94
CA THR A 21 -16.97 -32.33 19.75
C THR A 21 -15.46 -32.04 19.64
N GLU A 22 -15.04 -31.41 18.53
CA GLU A 22 -13.64 -31.06 18.22
C GLU A 22 -13.52 -29.57 17.82
N ASN A 23 -14.41 -28.73 18.37
CA ASN A 23 -14.58 -27.30 18.03
C ASN A 23 -13.46 -26.37 18.57
N LEU A 24 -12.46 -26.92 19.28
CA LEU A 24 -11.31 -26.18 19.81
C LEU A 24 -10.58 -25.41 18.70
N TYR A 25 -10.40 -24.09 18.90
CA TYR A 25 -9.79 -23.17 17.93
C TYR A 25 -9.05 -22.02 18.63
N PHE A 26 -8.07 -21.44 17.93
CA PHE A 26 -7.27 -20.29 18.35
C PHE A 26 -6.75 -19.51 17.12
N GLN A 27 -6.44 -18.22 17.28
CA GLN A 27 -6.00 -17.33 16.20
C GLN A 27 -5.00 -16.26 16.69
N GLY A 28 -4.04 -15.91 15.84
CA GLY A 28 -3.07 -14.83 16.02
C GLY A 28 -2.04 -14.81 14.88
N ILE A 29 -1.61 -13.61 14.45
CA ILE A 29 -0.70 -13.39 13.31
C ILE A 29 0.04 -12.04 13.44
N ASP A 30 1.22 -11.93 12.81
CA ASP A 30 1.98 -10.68 12.69
C ASP A 30 1.23 -9.61 11.86
N PRO A 31 1.46 -8.30 12.10
CA PRO A 31 0.78 -7.21 11.40
C PRO A 31 1.33 -6.90 9.99
N PHE A 32 2.23 -7.74 9.44
CA PHE A 32 2.99 -7.48 8.21
C PHE A 32 2.16 -7.05 6.99
N THR A 33 0.93 -7.55 6.84
CA THR A 33 0.00 -7.18 5.75
C THR A 33 -0.41 -5.70 5.79
N MET A 34 -0.49 -5.08 6.99
CA MET A 34 -0.67 -3.63 7.11
C MET A 34 0.66 -2.87 7.32
N SER A 35 1.76 -3.52 7.70
CA SER A 35 3.08 -2.85 7.61
C SER A 35 3.34 -2.53 6.13
N THR A 36 2.93 -3.46 5.25
CA THR A 36 2.86 -3.29 3.80
C THR A 36 1.86 -2.19 3.38
N LEU A 37 0.70 -2.04 4.03
CA LEU A 37 -0.17 -0.88 3.81
C LEU A 37 0.59 0.40 4.07
N GLN A 38 1.26 0.48 5.21
CA GLN A 38 1.84 1.73 5.66
C GLN A 38 2.97 2.17 4.71
N GLU A 39 3.73 1.20 4.17
CA GLU A 39 4.71 1.35 3.09
C GLU A 39 4.07 1.71 1.75
N LEU A 40 3.03 0.99 1.31
CA LEU A 40 2.46 1.13 -0.03
C LEU A 40 1.52 2.33 -0.18
N GLN A 41 0.77 2.69 0.86
CA GLN A 41 -0.02 3.93 0.93
C GLN A 41 0.91 5.16 1.01
N GLU A 42 2.11 5.00 1.56
CA GLU A 42 3.18 5.99 1.49
C GLU A 42 3.85 6.00 0.11
N ASN A 43 4.00 4.83 -0.53
CA ASN A 43 4.49 4.69 -1.91
C ASN A 43 3.56 5.39 -2.91
N ILE A 44 2.24 5.20 -2.74
CA ILE A 44 1.17 5.93 -3.44
C ILE A 44 1.46 7.41 -3.32
N THR A 45 1.56 7.91 -2.08
CA THR A 45 1.70 9.33 -1.79
C THR A 45 3.00 9.90 -2.32
N ALA A 46 4.12 9.19 -2.20
CA ALA A 46 5.42 9.66 -2.69
C ALA A 46 5.51 9.61 -4.22
N HIS A 47 5.02 8.54 -4.84
CA HIS A 47 4.83 8.42 -6.29
C HIS A 47 3.71 9.35 -6.79
N GLU A 48 2.78 9.83 -5.94
CA GLU A 48 1.84 10.89 -6.30
C GLU A 48 2.54 12.25 -6.23
N GLN A 49 3.36 12.56 -5.21
CA GLN A 49 4.12 13.80 -5.14
C GLN A 49 5.19 13.86 -6.24
N GLN A 50 5.80 12.74 -6.58
CA GLN A 50 6.64 12.63 -7.77
C GLN A 50 5.80 12.77 -9.03
N LEU A 51 4.49 12.49 -8.98
CA LEU A 51 3.56 12.73 -10.08
C LEU A 51 3.12 14.19 -10.19
N VAL A 52 2.80 14.90 -9.11
CA VAL A 52 2.58 16.35 -9.11
C VAL A 52 3.84 17.06 -9.58
N THR A 53 4.99 16.58 -9.10
CA THR A 53 6.27 17.10 -9.51
C THR A 53 6.51 16.75 -10.95
N ALA A 54 6.16 15.56 -11.47
CA ALA A 54 6.23 15.28 -12.89
C ALA A 54 5.32 16.21 -13.71
N ARG A 55 4.15 16.61 -13.17
CA ARG A 55 3.33 17.66 -13.78
C ARG A 55 4.11 19.00 -13.80
N GLN A 56 4.73 19.34 -12.67
CA GLN A 56 5.55 20.53 -12.44
C GLN A 56 6.86 20.54 -13.27
N LYS A 57 7.45 19.38 -13.53
CA LYS A 57 8.62 19.18 -14.39
C LYS A 57 8.20 19.33 -15.85
N LEU A 58 7.03 18.81 -16.24
CA LEU A 58 6.48 19.07 -17.58
C LEU A 58 6.08 20.54 -17.75
N LYS A 59 5.58 21.23 -16.73
CA LYS A 59 5.39 22.69 -16.80
C LYS A 59 6.72 23.48 -16.90
N ASP A 60 7.80 22.98 -16.28
CA ASP A 60 9.16 23.51 -16.43
C ASP A 60 9.78 23.19 -17.81
N ALA A 61 9.32 22.12 -18.49
CA ALA A 61 9.66 21.84 -19.88
C ALA A 61 8.79 22.68 -20.85
N GLU A 62 7.55 23.03 -20.49
CA GLU A 62 6.76 24.02 -21.25
C GLU A 62 7.41 25.40 -21.11
N LYS A 63 7.90 25.69 -19.90
CA LYS A 63 8.73 26.84 -19.61
C LYS A 63 10.03 26.82 -20.41
N ALA A 64 10.49 25.68 -20.92
CA ALA A 64 11.64 25.58 -21.82
C ALA A 64 11.33 25.89 -23.29
N VAL A 65 10.25 25.33 -23.85
CA VAL A 65 9.75 25.73 -25.18
C VAL A 65 9.25 27.20 -25.18
N GLU A 66 8.95 27.78 -24.01
CA GLU A 66 8.71 29.22 -23.82
C GLU A 66 9.98 30.05 -24.11
N VAL A 67 11.12 29.63 -23.56
CA VAL A 67 12.39 30.37 -23.54
C VAL A 67 13.28 30.12 -24.74
N ASP A 68 13.30 28.88 -25.24
CA ASP A 68 14.10 28.48 -26.38
C ASP A 68 13.46 27.30 -27.14
N PRO A 69 12.41 27.56 -27.95
CA PRO A 69 11.60 26.58 -28.69
C PRO A 69 12.32 25.74 -29.76
N ASP A 70 13.40 25.04 -29.41
CA ASP A 70 13.97 24.01 -30.27
C ASP A 70 13.09 22.77 -30.21
N ASP A 71 13.04 21.97 -31.28
CA ASP A 71 12.16 20.80 -31.39
C ASP A 71 12.36 19.78 -30.26
N VAL A 72 13.56 19.80 -29.68
CA VAL A 72 13.90 19.10 -28.47
C VAL A 72 13.21 19.59 -27.23
N ASN A 73 13.04 20.89 -26.98
CA ASN A 73 12.42 21.35 -25.72
C ASN A 73 10.93 20.98 -25.72
N LYS A 74 10.36 20.82 -26.92
CA LYS A 74 9.00 20.28 -27.14
C LYS A 74 8.99 18.74 -27.03
N SER A 75 10.02 18.04 -27.48
CA SER A 75 10.19 16.58 -27.30
C SER A 75 10.52 16.17 -25.85
N THR A 76 11.30 17.02 -25.20
CA THR A 76 11.64 17.07 -23.77
C THR A 76 10.38 17.31 -22.99
N LEU A 77 9.40 17.98 -23.59
CA LEU A 77 8.08 18.02 -23.00
C LEU A 77 7.47 16.63 -22.98
N GLN A 78 7.41 15.97 -24.12
CA GLN A 78 6.85 14.63 -24.30
C GLN A 78 7.55 13.57 -23.44
N ASN A 79 8.81 13.81 -23.09
CA ASN A 79 9.63 13.08 -22.13
C ASN A 79 9.22 13.34 -20.66
N ARG A 80 8.99 14.61 -20.28
CA ARG A 80 8.50 14.94 -18.92
C ARG A 80 7.06 14.45 -18.71
N ARG A 81 6.25 14.65 -19.75
CA ARG A 81 4.89 14.13 -19.95
C ARG A 81 4.86 12.60 -20.04
N ALA A 82 5.96 11.99 -20.49
CA ALA A 82 6.18 10.54 -20.42
C ALA A 82 6.48 10.07 -18.98
N ALA A 83 7.16 10.89 -18.15
CA ALA A 83 7.24 10.59 -16.71
C ALA A 83 5.84 10.69 -16.10
N VAL A 84 5.06 11.73 -16.36
CA VAL A 84 3.65 11.77 -15.90
C VAL A 84 2.92 10.51 -16.34
N SER A 85 3.14 9.99 -17.54
CA SER A 85 2.55 8.72 -17.97
C SER A 85 3.09 7.48 -17.21
N THR A 86 4.39 7.44 -16.89
CA THR A 86 5.01 6.45 -15.98
C THR A 86 4.32 6.44 -14.63
N LEU A 87 4.27 7.64 -14.05
CA LEU A 87 3.78 8.00 -12.75
C LEU A 87 2.28 7.71 -12.63
N GLU A 88 1.51 8.05 -13.66
CA GLU A 88 0.08 7.84 -13.77
C GLU A 88 -0.24 6.34 -13.92
N THR A 89 0.52 5.59 -14.74
CA THR A 89 0.43 4.12 -14.86
C THR A 89 0.68 3.48 -13.51
N LYS A 90 1.77 3.91 -12.87
CA LYS A 90 2.08 3.49 -11.51
C LYS A 90 0.91 3.78 -10.64
N LEU A 91 0.44 5.00 -10.50
CA LEU A 91 -0.58 5.27 -9.51
C LEU A 91 -1.90 4.56 -9.75
N GLY A 92 -2.28 4.24 -10.99
CA GLY A 92 -3.42 3.35 -11.19
C GLY A 92 -3.12 1.94 -10.66
N GLU A 93 -1.98 1.36 -11.05
CA GLU A 93 -1.53 0.04 -10.55
C GLU A 93 -1.24 0.02 -9.03
N LEU A 94 -0.78 1.14 -8.46
CA LEU A 94 -0.41 1.41 -7.07
C LEU A 94 -1.67 1.57 -6.22
N LYS A 95 -2.60 2.44 -6.63
CA LYS A 95 -3.90 2.63 -5.98
C LYS A 95 -4.73 1.34 -6.05
N ARG A 96 -4.53 0.49 -7.08
CA ARG A 96 -5.07 -0.88 -7.17
C ARG A 96 -4.32 -1.88 -6.28
N GLN A 97 -2.99 -1.77 -6.11
CA GLN A 97 -2.30 -2.57 -5.07
C GLN A 97 -2.94 -2.25 -3.76
N LEU A 98 -3.19 -0.97 -3.48
CA LEU A 98 -3.93 -0.58 -2.29
C LEU A 98 -5.31 -1.19 -2.25
N ALA A 99 -6.15 -1.07 -3.27
CA ALA A 99 -7.47 -1.68 -3.21
C ALA A 99 -7.46 -3.21 -2.95
N ASP A 100 -6.37 -3.93 -3.27
CA ASP A 100 -6.14 -5.32 -2.87
C ASP A 100 -5.59 -5.47 -1.42
N LEU A 101 -4.59 -4.66 -1.07
CA LEU A 101 -3.97 -4.51 0.25
C LEU A 101 -4.98 -4.21 1.34
N VAL A 102 -5.75 -3.17 1.06
CA VAL A 102 -6.66 -2.50 1.97
C VAL A 102 -7.77 -3.47 2.31
N ALA A 103 -8.26 -4.15 1.28
CA ALA A 103 -9.20 -5.26 1.35
C ALA A 103 -8.67 -6.55 2.02
N ALA A 104 -7.43 -6.50 2.53
CA ALA A 104 -6.77 -7.50 3.36
C ALA A 104 -6.29 -6.92 4.71
N GLN A 105 -6.23 -5.59 4.88
CA GLN A 105 -6.02 -4.94 6.19
C GLN A 105 -7.22 -5.23 7.13
N LYS A 106 -8.36 -5.57 6.51
CA LYS A 106 -9.64 -6.06 7.07
C LYS A 106 -9.52 -7.38 7.83
N LEU A 107 -8.64 -8.27 7.36
CA LEU A 107 -8.49 -9.68 7.78
C LEU A 107 -7.71 -9.83 9.10
N MET A 1 6.26 -30.61 58.26
CA MET A 1 6.12 -29.96 59.59
C MET A 1 5.08 -28.84 59.54
N HIS A 2 4.37 -28.61 60.65
CA HIS A 2 3.32 -27.57 60.79
C HIS A 2 3.29 -26.99 62.21
N HIS A 3 2.57 -25.88 62.39
CA HIS A 3 2.58 -25.04 63.61
C HIS A 3 1.15 -24.66 64.05
N HIS A 4 0.28 -25.67 64.21
CA HIS A 4 -1.12 -25.49 64.65
C HIS A 4 -1.27 -24.88 66.06
N HIS A 5 -2.53 -24.62 66.44
CA HIS A 5 -2.95 -24.10 67.75
C HIS A 5 -4.12 -24.91 68.34
N HIS A 6 -4.61 -24.53 69.52
CA HIS A 6 -5.81 -25.11 70.16
C HIS A 6 -7.10 -24.81 69.38
N HIS A 7 -8.21 -25.45 69.78
CA HIS A 7 -9.56 -25.23 69.22
C HIS A 7 -10.02 -23.76 69.34
N GLY A 8 -10.98 -23.36 68.50
CA GLY A 8 -11.50 -21.99 68.39
C GLY A 8 -12.79 -21.87 67.57
N LYS A 9 -13.20 -20.63 67.27
CA LYS A 9 -14.41 -20.30 66.49
C LYS A 9 -14.40 -20.93 65.09
N PRO A 10 -15.57 -21.32 64.54
CA PRO A 10 -15.71 -21.79 63.16
C PRO A 10 -15.16 -20.81 62.10
N ILE A 11 -14.75 -21.36 60.95
CA ILE A 11 -14.28 -20.64 59.75
C ILE A 11 -14.85 -21.27 58.47
N PRO A 12 -14.98 -20.50 57.38
CA PRO A 12 -15.59 -20.96 56.13
C PRO A 12 -14.69 -21.92 55.35
N ASN A 13 -15.31 -22.73 54.48
CA ASN A 13 -14.65 -23.72 53.62
C ASN A 13 -15.33 -23.80 52.23
N PRO A 14 -14.87 -22.99 51.24
CA PRO A 14 -15.41 -22.96 49.88
C PRO A 14 -15.46 -24.30 49.13
N LEU A 15 -14.53 -25.23 49.43
CA LEU A 15 -14.35 -26.53 48.74
C LEU A 15 -14.25 -26.41 47.20
N LEU A 16 -13.65 -25.33 46.70
CA LEU A 16 -13.44 -25.01 45.28
C LEU A 16 -12.04 -24.43 45.03
N GLY A 17 -11.59 -24.45 43.77
CA GLY A 17 -10.28 -23.97 43.34
C GLY A 17 -10.08 -24.01 41.81
N LEU A 18 -8.88 -23.62 41.36
CA LEU A 18 -8.50 -23.53 39.94
C LEU A 18 -7.00 -23.84 39.76
N ASP A 19 -6.62 -24.38 38.60
CA ASP A 19 -5.24 -24.72 38.22
C ASP A 19 -5.04 -24.61 36.69
N SER A 20 -3.81 -24.30 36.25
CA SER A 20 -3.45 -24.13 34.84
C SER A 20 -1.95 -24.38 34.55
N THR A 21 -1.59 -24.49 33.27
CA THR A 21 -0.22 -24.75 32.78
C THR A 21 0.06 -23.90 31.53
N GLU A 22 1.32 -23.46 31.36
CA GLU A 22 1.76 -22.71 30.16
C GLU A 22 1.68 -23.53 28.87
N ASN A 23 1.65 -22.86 27.71
CA ASN A 23 1.57 -23.50 26.39
C ASN A 23 2.29 -22.68 25.29
N LEU A 24 2.35 -23.24 24.08
CA LEU A 24 2.84 -22.59 22.86
C LEU A 24 1.98 -23.04 21.64
N TYR A 25 0.65 -23.02 21.79
CA TYR A 25 -0.31 -23.50 20.78
C TYR A 25 -0.38 -22.64 19.50
N PHE A 26 0.24 -21.44 19.47
CA PHE A 26 0.28 -20.56 18.30
C PHE A 26 0.88 -21.24 17.05
N GLN A 27 0.19 -21.10 15.92
CA GLN A 27 0.62 -21.56 14.59
C GLN A 27 -0.04 -20.73 13.49
N GLY A 28 0.67 -20.45 12.40
CA GLY A 28 0.18 -19.63 11.28
C GLY A 28 1.30 -19.20 10.30
N ILE A 29 1.00 -18.18 9.49
CA ILE A 29 1.93 -17.53 8.55
C ILE A 29 2.14 -16.06 8.93
N ASP A 30 3.10 -15.39 8.27
CA ASP A 30 3.49 -14.01 8.59
C ASP A 30 2.31 -13.00 8.51
N PRO A 31 2.12 -12.13 9.53
CA PRO A 31 1.15 -11.04 9.53
C PRO A 31 1.72 -9.83 8.76
N PHE A 32 1.67 -8.61 9.33
CA PHE A 32 2.26 -7.37 8.80
C PHE A 32 1.67 -6.88 7.46
N THR A 33 0.50 -7.39 7.05
CA THR A 33 -0.23 -6.95 5.84
C THR A 33 -0.55 -5.46 5.88
N MET A 34 -0.94 -4.90 7.03
CA MET A 34 -1.12 -3.45 7.17
C MET A 34 0.17 -2.66 7.46
N SER A 35 1.29 -3.32 7.77
CA SER A 35 2.60 -2.65 7.76
C SER A 35 2.96 -2.35 6.31
N THR A 36 2.65 -3.30 5.41
CA THR A 36 2.69 -3.13 3.96
C THR A 36 1.68 -2.09 3.48
N LEU A 37 0.50 -1.94 4.10
CA LEU A 37 -0.39 -0.80 3.81
C LEU A 37 0.34 0.48 4.08
N GLN A 38 0.93 0.62 5.26
CA GLN A 38 1.45 1.90 5.68
C GLN A 38 2.66 2.32 4.81
N GLU A 39 3.40 1.33 4.29
CA GLU A 39 4.46 1.44 3.27
C GLU A 39 3.94 1.74 1.86
N LEU A 40 2.90 1.05 1.39
CA LEU A 40 2.37 1.18 0.03
C LEU A 40 1.43 2.37 -0.14
N GLN A 41 0.62 2.72 0.86
CA GLN A 41 -0.18 3.96 0.93
C GLN A 41 0.75 5.19 1.05
N GLU A 42 1.95 5.01 1.58
CA GLU A 42 3.04 6.00 1.55
C GLU A 42 3.76 6.00 0.19
N ASN A 43 3.94 4.83 -0.45
CA ASN A 43 4.46 4.72 -1.81
C ASN A 43 3.55 5.42 -2.83
N ILE A 44 2.24 5.25 -2.67
CA ILE A 44 1.18 5.99 -3.38
C ILE A 44 1.49 7.47 -3.26
N THR A 45 1.63 7.96 -2.03
CA THR A 45 1.80 9.37 -1.72
C THR A 45 3.14 9.92 -2.22
N ALA A 46 4.23 9.18 -2.11
CA ALA A 46 5.55 9.65 -2.59
C ALA A 46 5.67 9.58 -4.11
N HIS A 47 5.15 8.52 -4.74
CA HIS A 47 5.00 8.40 -6.19
C HIS A 47 3.90 9.35 -6.70
N GLU A 48 2.97 9.82 -5.86
CA GLU A 48 2.04 10.91 -6.22
C GLU A 48 2.78 12.25 -6.15
N GLN A 49 3.60 12.52 -5.12
CA GLN A 49 4.40 13.75 -5.03
C GLN A 49 5.45 13.79 -6.14
N GLN A 50 6.09 12.68 -6.48
CA GLN A 50 6.91 12.57 -7.67
C GLN A 50 6.06 12.75 -8.93
N LEU A 51 4.75 12.47 -8.87
CA LEU A 51 3.82 12.73 -9.96
C LEU A 51 3.41 14.22 -10.06
N VAL A 52 3.15 14.92 -8.96
CA VAL A 52 2.96 16.39 -8.97
C VAL A 52 4.22 17.07 -9.44
N THR A 53 5.37 16.57 -8.99
CA THR A 53 6.65 17.05 -9.41
C THR A 53 6.83 16.73 -10.88
N ALA A 54 6.46 15.55 -11.38
CA ALA A 54 6.50 15.26 -12.83
C ALA A 54 5.57 16.20 -13.61
N ARG A 55 4.43 16.60 -13.03
CA ARG A 55 3.59 17.66 -13.62
C ARG A 55 4.37 18.99 -13.66
N GLN A 56 5.03 19.33 -12.56
CA GLN A 56 5.88 20.52 -12.37
C GLN A 56 7.14 20.50 -13.26
N LYS A 57 7.72 19.32 -13.50
CA LYS A 57 8.86 19.11 -14.41
C LYS A 57 8.40 19.28 -15.85
N LEU A 58 7.21 18.79 -16.21
CA LEU A 58 6.62 19.06 -17.52
C LEU A 58 6.22 20.52 -17.68
N LYS A 59 5.74 21.21 -16.64
CA LYS A 59 5.56 22.68 -16.70
C LYS A 59 6.88 23.45 -16.84
N ASP A 60 7.97 22.95 -16.26
CA ASP A 60 9.34 23.48 -16.46
C ASP A 60 9.90 23.15 -17.86
N ALA A 61 9.42 22.10 -18.53
CA ALA A 61 9.70 21.83 -19.94
C ALA A 61 8.80 22.67 -20.87
N GLU A 62 7.57 23.02 -20.47
CA GLU A 62 6.75 24.03 -21.19
C GLU A 62 7.42 25.39 -21.08
N LYS A 63 7.96 25.68 -19.89
CA LYS A 63 8.80 26.81 -19.62
C LYS A 63 10.07 26.80 -20.47
N ALA A 64 10.51 25.65 -21.00
CA ALA A 64 11.62 25.55 -21.96
C ALA A 64 11.25 25.88 -23.41
N VAL A 65 10.15 25.33 -23.93
CA VAL A 65 9.59 25.75 -25.24
C VAL A 65 9.10 27.22 -25.20
N GLU A 66 8.85 27.78 -24.01
CA GLU A 66 8.63 29.22 -23.80
C GLU A 66 9.89 30.05 -24.14
N VAL A 67 11.05 29.61 -23.63
CA VAL A 67 12.31 30.36 -23.66
C VAL A 67 13.14 30.13 -24.91
N ASP A 68 13.15 28.91 -25.42
CA ASP A 68 13.89 28.52 -26.61
C ASP A 68 13.21 27.35 -27.34
N PRO A 69 12.12 27.59 -28.09
CA PRO A 69 11.29 26.62 -28.81
C PRO A 69 11.96 25.76 -29.90
N ASP A 70 13.06 25.08 -29.59
CA ASP A 70 13.63 24.05 -30.44
C ASP A 70 12.74 22.80 -30.36
N ASP A 71 12.65 22.02 -31.44
CA ASP A 71 11.73 20.86 -31.51
C ASP A 71 11.99 19.83 -30.41
N VAL A 72 13.20 19.84 -29.88
CA VAL A 72 13.59 19.11 -28.68
C VAL A 72 12.94 19.61 -27.42
N ASN A 73 12.78 20.89 -27.15
CA ASN A 73 12.22 21.35 -25.87
C ASN A 73 10.73 20.99 -25.81
N LYS A 74 10.10 20.87 -26.99
CA LYS A 74 8.74 20.33 -27.18
C LYS A 74 8.72 18.79 -27.08
N SER A 75 9.75 18.09 -27.55
CA SER A 75 9.90 16.62 -27.39
C SER A 75 10.29 16.19 -25.97
N THR A 76 11.10 17.02 -25.33
CA THR A 76 11.50 17.06 -23.93
C THR A 76 10.27 17.29 -23.09
N LEU A 77 9.27 17.98 -23.65
CA LEU A 77 7.98 18.02 -23.01
C LEU A 77 7.36 16.63 -22.97
N GLN A 78 7.25 15.98 -24.11
CA GLN A 78 6.68 14.63 -24.28
C GLN A 78 7.41 13.57 -23.47
N ASN A 79 8.68 13.81 -23.16
CA ASN A 79 9.53 13.08 -22.23
C ASN A 79 9.19 13.33 -20.75
N ARG A 80 8.99 14.60 -20.34
CA ARG A 80 8.55 14.92 -18.98
C ARG A 80 7.13 14.46 -18.71
N ARG A 81 6.27 14.66 -19.71
CA ARG A 81 4.92 14.16 -19.87
C ARG A 81 4.88 12.62 -19.97
N ALA A 82 5.97 12.00 -20.45
CA ALA A 82 6.18 10.55 -20.41
C ALA A 82 6.51 10.09 -18.98
N ALA A 83 7.25 10.87 -18.16
CA ALA A 83 7.37 10.55 -16.73
C ALA A 83 6.01 10.67 -16.06
N VAL A 84 5.22 11.72 -16.29
CA VAL A 84 3.83 11.76 -15.81
C VAL A 84 3.08 10.51 -16.23
N SER A 85 3.28 9.98 -17.42
CA SER A 85 2.67 8.71 -17.84
C SER A 85 3.25 7.47 -17.09
N THR A 86 4.55 7.42 -16.78
CA THR A 86 5.18 6.43 -15.88
C THR A 86 4.49 6.44 -14.52
N LEU A 87 4.46 7.64 -13.96
CA LEU A 87 3.98 8.02 -12.65
C LEU A 87 2.48 7.75 -12.51
N GLU A 88 1.71 8.08 -13.54
CA GLU A 88 0.28 7.86 -13.63
C GLU A 88 -0.06 6.36 -13.81
N THR A 89 0.70 5.62 -14.65
CA THR A 89 0.61 4.15 -14.77
C THR A 89 0.87 3.50 -13.43
N LYS A 90 1.95 3.94 -12.78
CA LYS A 90 2.23 3.54 -11.41
C LYS A 90 1.06 3.86 -10.56
N LEU A 91 0.61 5.10 -10.41
CA LEU A 91 -0.43 5.37 -9.43
C LEU A 91 -1.74 4.66 -9.70
N GLY A 92 -2.10 4.35 -10.95
CA GLY A 92 -3.24 3.47 -11.17
C GLY A 92 -2.95 2.05 -10.64
N GLU A 93 -1.81 1.45 -11.00
CA GLU A 93 -1.39 0.12 -10.49
C GLU A 93 -1.14 0.12 -8.97
N LEU A 94 -0.62 1.20 -8.39
CA LEU A 94 -0.29 1.46 -7.00
C LEU A 94 -1.58 1.59 -6.19
N LYS A 95 -2.51 2.44 -6.64
CA LYS A 95 -3.83 2.61 -6.03
C LYS A 95 -4.65 1.31 -6.14
N ARG A 96 -4.44 0.48 -7.19
CA ARG A 96 -4.99 -0.90 -7.29
C ARG A 96 -4.27 -1.90 -6.38
N GLN A 97 -2.95 -1.80 -6.17
CA GLN A 97 -2.26 -2.59 -5.14
C GLN A 97 -2.90 -2.29 -3.83
N LEU A 98 -3.17 -1.01 -3.54
CA LEU A 98 -3.93 -0.65 -2.36
C LEU A 98 -5.30 -1.30 -2.35
N ALA A 99 -6.11 -1.22 -3.38
CA ALA A 99 -7.41 -1.89 -3.35
C ALA A 99 -7.35 -3.41 -3.08
N ASP A 100 -6.24 -4.09 -3.41
CA ASP A 100 -5.98 -5.48 -3.01
C ASP A 100 -5.45 -5.62 -1.56
N LEU A 101 -4.51 -4.75 -1.17
CA LEU A 101 -3.93 -4.59 0.17
C LEU A 101 -4.98 -4.33 1.23
N VAL A 102 -5.78 -3.33 0.94
CA VAL A 102 -6.74 -2.69 1.82
C VAL A 102 -7.83 -3.70 2.12
N ALA A 103 -8.26 -4.41 1.07
CA ALA A 103 -9.15 -5.56 1.10
C ALA A 103 -8.57 -6.82 1.79
N ALA A 104 -7.38 -6.69 2.38
CA ALA A 104 -6.73 -7.65 3.26
C ALA A 104 -6.31 -7.05 4.63
N GLN A 105 -6.30 -5.71 4.78
CA GLN A 105 -6.14 -5.04 6.09
C GLN A 105 -7.34 -5.37 7.02
N LYS A 106 -8.50 -5.67 6.40
CA LYS A 106 -9.80 -6.00 6.99
C LYS A 106 -9.86 -7.37 7.66
N LEU A 107 -8.98 -8.30 7.26
CA LEU A 107 -8.97 -9.73 7.62
C LEU A 107 -8.37 -9.98 9.02
N MET A 1 29.06 -62.53 14.78
CA MET A 1 29.25 -61.64 15.95
C MET A 1 30.71 -61.23 16.08
N HIS A 2 30.98 -59.98 16.48
CA HIS A 2 32.34 -59.42 16.61
C HIS A 2 32.53 -58.45 17.80
N HIS A 3 31.45 -57.90 18.36
CA HIS A 3 31.48 -56.97 19.50
C HIS A 3 30.18 -57.07 20.32
N HIS A 4 30.28 -56.82 21.63
CA HIS A 4 29.18 -56.89 22.61
C HIS A 4 29.32 -55.81 23.70
N HIS A 5 28.24 -55.57 24.44
CA HIS A 5 28.20 -54.64 25.59
C HIS A 5 27.24 -55.16 26.67
N HIS A 6 27.63 -55.04 27.94
CA HIS A 6 26.90 -55.60 29.09
C HIS A 6 27.01 -54.79 30.39
N HIS A 7 27.65 -53.61 30.39
CA HIS A 7 27.71 -52.72 31.55
C HIS A 7 26.32 -52.13 31.86
N GLY A 8 25.92 -52.17 33.14
CA GLY A 8 24.59 -51.74 33.60
C GLY A 8 24.26 -52.23 35.03
N LYS A 9 22.99 -52.12 35.42
CA LYS A 9 22.44 -52.59 36.71
C LYS A 9 21.10 -53.32 36.51
N PRO A 10 20.79 -54.33 37.36
CA PRO A 10 19.61 -55.17 37.17
C PRO A 10 18.28 -54.51 37.63
N ILE A 11 18.35 -53.51 38.52
CA ILE A 11 17.17 -52.80 39.06
C ILE A 11 16.42 -51.98 37.96
N PRO A 12 15.08 -51.98 37.95
CA PRO A 12 14.24 -51.12 37.11
C PRO A 12 14.54 -49.61 37.24
N ASN A 13 14.08 -48.83 36.26
CA ASN A 13 14.15 -47.36 36.24
C ASN A 13 12.89 -46.77 35.57
N PRO A 14 12.30 -45.69 36.10
CA PRO A 14 11.09 -45.08 35.54
C PRO A 14 11.36 -44.32 34.23
N LEU A 15 10.29 -44.00 33.48
CA LEU A 15 10.30 -43.20 32.26
C LEU A 15 9.06 -42.29 32.16
N LEU A 16 7.86 -42.84 32.41
CA LEU A 16 6.61 -42.09 32.57
C LEU A 16 6.61 -41.26 33.86
N GLY A 17 5.88 -40.14 33.89
CA GLY A 17 5.74 -39.31 35.10
C GLY A 17 4.88 -38.03 34.98
N LEU A 18 4.53 -37.58 33.76
CA LEU A 18 3.76 -36.36 33.51
C LEU A 18 2.89 -36.48 32.24
N ASP A 19 1.80 -35.71 32.18
CA ASP A 19 0.89 -35.60 31.02
C ASP A 19 1.58 -35.05 29.75
N SER A 20 0.94 -35.24 28.59
CA SER A 20 1.49 -34.94 27.25
C SER A 20 0.46 -34.33 26.27
N THR A 21 -0.64 -33.76 26.78
CA THR A 21 -1.76 -33.24 25.98
C THR A 21 -2.35 -31.93 26.56
N GLU A 22 -3.21 -31.27 25.78
CA GLU A 22 -3.83 -29.96 26.06
C GLU A 22 -5.19 -29.85 25.33
N ASN A 23 -6.06 -28.97 25.82
CA ASN A 23 -7.40 -28.70 25.27
C ASN A 23 -7.73 -27.20 25.15
N LEU A 24 -7.02 -26.31 25.85
CA LEU A 24 -7.13 -24.86 25.71
C LEU A 24 -6.39 -24.36 24.46
N TYR A 25 -7.12 -23.83 23.48
CA TYR A 25 -6.59 -23.24 22.24
C TYR A 25 -7.41 -22.00 21.82
N PHE A 26 -6.71 -20.99 21.29
CA PHE A 26 -7.25 -19.69 20.85
C PHE A 26 -6.28 -18.96 19.90
N GLN A 27 -6.66 -17.79 19.40
CA GLN A 27 -5.84 -16.94 18.50
C GLN A 27 -6.04 -15.45 18.82
N GLY A 28 -5.00 -14.63 18.57
CA GLY A 28 -4.98 -13.19 18.86
C GLY A 28 -3.82 -12.45 18.20
N ILE A 29 -3.54 -12.75 16.93
CA ILE A 29 -2.41 -12.22 16.15
C ILE A 29 -2.79 -12.02 14.66
N ASP A 30 -2.04 -11.17 13.95
CA ASP A 30 -2.26 -10.78 12.56
C ASP A 30 -0.96 -10.64 11.75
N PRO A 31 -1.00 -10.82 10.41
CA PRO A 31 0.19 -10.75 9.57
C PRO A 31 0.65 -9.32 9.22
N PHE A 32 1.86 -9.23 8.65
CA PHE A 32 2.52 -7.99 8.18
C PHE A 32 1.84 -7.29 6.97
N THR A 33 0.66 -7.75 6.53
CA THR A 33 -0.10 -7.17 5.40
C THR A 33 -0.34 -5.67 5.56
N MET A 34 -0.52 -5.15 6.77
CA MET A 34 -0.65 -3.70 7.00
C MET A 34 0.67 -2.96 7.23
N SER A 35 1.78 -3.65 7.52
CA SER A 35 3.11 -3.01 7.48
C SER A 35 3.38 -2.64 6.01
N THR A 36 2.98 -3.53 5.10
CA THR A 36 2.92 -3.31 3.66
C THR A 36 1.92 -2.21 3.28
N LEU A 37 0.75 -2.08 3.94
CA LEU A 37 -0.13 -0.91 3.74
C LEU A 37 0.63 0.37 4.03
N GLN A 38 1.30 0.41 5.19
CA GLN A 38 1.88 1.65 5.66
C GLN A 38 3.00 2.15 4.73
N GLU A 39 3.75 1.22 4.12
CA GLU A 39 4.72 1.43 3.03
C GLU A 39 4.06 1.77 1.69
N LEU A 40 3.03 1.05 1.27
CA LEU A 40 2.44 1.19 -0.07
C LEU A 40 1.48 2.39 -0.18
N GLN A 41 0.72 2.71 0.85
CA GLN A 41 -0.09 3.93 0.96
C GLN A 41 0.83 5.18 1.04
N GLU A 42 2.04 5.03 1.58
CA GLU A 42 3.11 6.03 1.52
C GLU A 42 3.75 6.07 0.13
N ASN A 43 3.93 4.92 -0.52
CA ASN A 43 4.42 4.81 -1.90
C ASN A 43 3.48 5.50 -2.88
N ILE A 44 2.17 5.31 -2.71
CA ILE A 44 1.09 6.05 -3.40
C ILE A 44 1.38 7.53 -3.28
N THR A 45 1.49 8.02 -2.06
CA THR A 45 1.62 9.45 -1.78
C THR A 45 2.95 10.02 -2.26
N ALA A 46 4.06 9.28 -2.18
CA ALA A 46 5.36 9.76 -2.66
C ALA A 46 5.47 9.68 -4.20
N HIS A 47 4.96 8.62 -4.81
CA HIS A 47 4.80 8.50 -6.26
C HIS A 47 3.70 9.44 -6.77
N GLU A 48 2.76 9.89 -5.92
CA GLU A 48 1.83 10.95 -6.28
C GLU A 48 2.54 12.31 -6.22
N GLN A 49 3.36 12.61 -5.19
CA GLN A 49 4.13 13.86 -5.12
C GLN A 49 5.18 13.92 -6.23
N GLN A 50 5.83 12.80 -6.55
CA GLN A 50 6.68 12.70 -7.74
C GLN A 50 5.82 12.85 -9.00
N LEU A 51 4.53 12.53 -8.96
CA LEU A 51 3.60 12.77 -10.05
C LEU A 51 3.21 14.26 -10.16
N VAL A 52 2.83 14.95 -9.10
CA VAL A 52 2.60 16.40 -9.12
C VAL A 52 3.85 17.14 -9.54
N THR A 53 5.01 16.66 -9.08
CA THR A 53 6.29 17.18 -9.51
C THR A 53 6.53 16.85 -10.96
N ALA A 54 6.19 15.67 -11.48
CA ALA A 54 6.27 15.33 -12.90
C ALA A 54 5.37 16.25 -13.74
N ARG A 55 4.18 16.63 -13.24
CA ARG A 55 3.35 17.67 -13.87
C ARG A 55 4.10 19.02 -13.84
N GLN A 56 4.65 19.40 -12.69
CA GLN A 56 5.47 20.60 -12.45
C GLN A 56 6.74 20.63 -13.34
N LYS A 57 7.31 19.45 -13.60
CA LYS A 57 8.47 19.18 -14.44
C LYS A 57 8.13 19.29 -15.91
N LEU A 58 6.98 18.76 -16.35
CA LEU A 58 6.47 19.00 -17.69
C LEU A 58 6.10 20.47 -17.89
N LYS A 59 5.61 21.19 -16.88
CA LYS A 59 5.45 22.65 -16.98
C LYS A 59 6.80 23.41 -17.05
N ASP A 60 7.85 22.95 -16.36
CA ASP A 60 9.23 23.46 -16.52
C ASP A 60 9.81 23.11 -17.91
N ALA A 61 9.33 22.05 -18.58
CA ALA A 61 9.64 21.77 -19.98
C ALA A 61 8.77 22.62 -20.94
N GLU A 62 7.54 22.99 -20.57
CA GLU A 62 6.74 23.98 -21.32
C GLU A 62 7.41 25.35 -21.21
N LYS A 63 7.96 25.65 -20.02
CA LYS A 63 8.83 26.80 -19.80
C LYS A 63 10.03 26.75 -20.74
N ALA A 64 10.57 25.57 -21.03
CA ALA A 64 11.72 25.42 -21.90
C ALA A 64 11.41 25.70 -23.37
N VAL A 65 10.24 25.28 -23.87
CA VAL A 65 9.76 25.70 -25.20
C VAL A 65 9.22 27.15 -25.21
N GLU A 66 8.82 27.71 -24.06
CA GLU A 66 8.52 29.15 -23.89
C GLU A 66 9.76 30.02 -24.09
N VAL A 67 10.90 29.51 -23.62
CA VAL A 67 12.11 30.28 -23.46
C VAL A 67 13.27 29.96 -24.38
N ASP A 68 13.33 28.74 -24.90
CA ASP A 68 14.24 28.35 -25.97
C ASP A 68 13.67 27.23 -26.86
N PRO A 69 12.66 27.53 -27.70
CA PRO A 69 11.87 26.60 -28.54
C PRO A 69 12.61 25.74 -29.59
N ASP A 70 13.65 25.00 -29.22
CA ASP A 70 14.23 23.97 -30.09
C ASP A 70 13.30 22.76 -30.10
N ASP A 71 13.27 21.99 -31.20
CA ASP A 71 12.36 20.84 -31.37
C ASP A 71 12.49 19.79 -30.26
N VAL A 72 13.67 19.76 -29.65
CA VAL A 72 13.96 19.01 -28.44
C VAL A 72 13.25 19.51 -27.22
N ASN A 73 13.09 20.80 -26.95
CA ASN A 73 12.43 21.25 -25.71
C ASN A 73 10.93 20.91 -25.76
N LYS A 74 10.40 20.76 -26.98
CA LYS A 74 9.04 20.26 -27.27
C LYS A 74 8.95 18.72 -27.19
N SER A 75 10.04 18.00 -27.50
CA SER A 75 10.17 16.54 -27.33
C SER A 75 10.48 16.11 -25.89
N THR A 76 11.29 16.93 -25.22
CA THR A 76 11.62 16.97 -23.80
C THR A 76 10.35 17.22 -23.02
N LEU A 77 9.39 17.90 -23.64
CA LEU A 77 8.07 17.96 -23.06
C LEU A 77 7.45 16.57 -23.01
N GLN A 78 7.39 15.89 -24.14
CA GLN A 78 6.81 14.55 -24.31
C GLN A 78 7.50 13.50 -23.44
N ASN A 79 8.76 13.74 -23.10
CA ASN A 79 9.57 13.02 -22.12
C ASN A 79 9.15 13.30 -20.66
N ARG A 80 8.95 14.57 -20.29
CA ARG A 80 8.45 14.93 -18.95
C ARG A 80 7.01 14.48 -18.73
N ARG A 81 6.21 14.66 -19.76
CA ARG A 81 4.85 14.16 -19.96
C ARG A 81 4.80 12.63 -20.02
N ALA A 82 5.87 11.99 -20.48
CA ALA A 82 6.08 10.54 -20.39
C ALA A 82 6.40 10.10 -18.95
N ALA A 83 7.06 10.93 -18.13
CA ALA A 83 7.15 10.66 -16.69
C ALA A 83 5.76 10.77 -16.07
N VAL A 84 4.99 11.82 -16.32
CA VAL A 84 3.58 11.86 -15.86
C VAL A 84 2.83 10.62 -16.28
N SER A 85 3.04 10.09 -17.49
CA SER A 85 2.44 8.82 -17.92
C SER A 85 2.98 7.59 -17.16
N THR A 86 4.28 7.53 -16.85
CA THR A 86 4.91 6.54 -15.94
C THR A 86 4.23 6.54 -14.59
N LEU A 87 4.20 7.73 -14.00
CA LEU A 87 3.72 8.10 -12.69
C LEU A 87 2.23 7.83 -12.55
N GLU A 88 1.46 8.17 -13.58
CA GLU A 88 0.01 7.97 -13.69
C GLU A 88 -0.31 6.47 -13.85
N THR A 89 0.44 5.73 -14.69
CA THR A 89 0.33 4.25 -14.81
C THR A 89 0.59 3.61 -13.47
N LYS A 90 1.69 4.02 -12.82
CA LYS A 90 1.99 3.62 -11.47
C LYS A 90 0.83 3.92 -10.60
N LEU A 91 0.38 5.15 -10.43
CA LEU A 91 -0.64 5.41 -9.44
C LEU A 91 -1.95 4.69 -9.68
N GLY A 92 -2.35 4.39 -10.92
CA GLY A 92 -3.49 3.50 -11.12
C GLY A 92 -3.19 2.08 -10.61
N GLU A 93 -2.05 1.49 -11.01
CA GLU A 93 -1.60 0.18 -10.51
C GLU A 93 -1.31 0.15 -8.99
N LEU A 94 -0.83 1.26 -8.42
CA LEU A 94 -0.46 1.51 -7.03
C LEU A 94 -1.71 1.63 -6.17
N LYS A 95 -2.65 2.50 -6.58
CA LYS A 95 -3.95 2.66 -5.93
C LYS A 95 -4.76 1.36 -6.01
N ARG A 96 -4.58 0.54 -7.06
CA ARG A 96 -5.10 -0.84 -7.16
C ARG A 96 -4.34 -1.85 -6.30
N GLN A 97 -3.01 -1.72 -6.13
CA GLN A 97 -2.30 -2.52 -5.12
C GLN A 97 -2.92 -2.24 -3.78
N LEU A 98 -3.19 -0.97 -3.48
CA LEU A 98 -3.93 -0.61 -2.29
C LEU A 98 -5.29 -1.27 -2.25
N ALA A 99 -6.14 -1.17 -3.26
CA ALA A 99 -7.45 -1.82 -3.20
C ALA A 99 -7.38 -3.34 -2.95
N ASP A 100 -6.29 -4.03 -3.31
CA ASP A 100 -6.02 -5.42 -2.94
C ASP A 100 -5.45 -5.58 -1.50
N LEU A 101 -4.48 -4.74 -1.13
CA LEU A 101 -3.86 -4.59 0.20
C LEU A 101 -4.88 -4.33 1.30
N VAL A 102 -5.68 -3.32 1.04
CA VAL A 102 -6.60 -2.69 1.95
C VAL A 102 -7.69 -3.70 2.29
N ALA A 103 -8.16 -4.38 1.25
CA ALA A 103 -9.06 -5.52 1.30
C ALA A 103 -8.50 -6.80 1.96
N ALA A 104 -7.29 -6.69 2.53
CA ALA A 104 -6.61 -7.68 3.35
C ALA A 104 -6.18 -7.12 4.73
N GLN A 105 -5.99 -5.80 4.87
CA GLN A 105 -5.80 -5.10 6.15
C GLN A 105 -6.97 -5.34 7.12
N LYS A 106 -8.15 -5.59 6.56
CA LYS A 106 -9.45 -5.89 7.20
C LYS A 106 -9.53 -7.27 7.88
N LEU A 107 -8.63 -8.20 7.51
CA LEU A 107 -8.67 -9.63 7.87
C LEU A 107 -7.96 -9.94 9.21
N MET A 1 37.87 -3.69 59.83
CA MET A 1 37.47 -3.89 61.24
C MET A 1 35.95 -3.85 61.41
N HIS A 2 35.41 -4.53 62.43
CA HIS A 2 33.97 -4.60 62.70
C HIS A 2 33.35 -3.26 63.12
N HIS A 3 32.05 -3.10 62.89
CA HIS A 3 31.25 -1.95 63.37
C HIS A 3 31.33 -1.80 64.90
N HIS A 4 31.71 -0.62 65.37
CA HIS A 4 32.01 -0.34 66.79
C HIS A 4 30.76 -0.34 67.69
N HIS A 5 29.58 -0.14 67.12
CA HIS A 5 28.27 -0.18 67.80
C HIS A 5 27.22 -0.86 66.89
N HIS A 6 26.32 -1.64 67.50
CA HIS A 6 25.35 -2.50 66.81
C HIS A 6 24.17 -2.90 67.71
N HIS A 7 23.13 -3.48 67.11
CA HIS A 7 21.93 -4.01 67.77
C HIS A 7 21.50 -5.35 67.11
N GLY A 8 20.71 -6.16 67.82
CA GLY A 8 20.23 -7.45 67.30
C GLY A 8 19.35 -8.24 68.27
N LYS A 9 18.83 -9.37 67.79
CA LYS A 9 17.94 -10.33 68.49
C LYS A 9 18.26 -11.77 68.01
N PRO A 10 17.92 -12.81 68.78
CA PRO A 10 18.26 -14.21 68.50
C PRO A 10 17.36 -14.86 67.41
N ILE A 11 17.22 -14.18 66.26
CA ILE A 11 16.32 -14.50 65.14
C ILE A 11 17.05 -14.35 63.80
N PRO A 12 16.58 -15.02 62.73
CA PRO A 12 17.19 -14.97 61.41
C PRO A 12 16.98 -13.59 60.73
N ASN A 13 17.73 -13.35 59.64
CA ASN A 13 17.79 -12.07 58.93
C ASN A 13 17.75 -12.30 57.40
N PRO A 14 16.99 -11.51 56.62
CA PRO A 14 16.76 -11.78 55.21
C PRO A 14 18.00 -11.53 54.33
N LEU A 15 18.18 -12.39 53.32
CA LEU A 15 19.24 -12.32 52.30
C LEU A 15 18.80 -13.05 51.01
N LEU A 16 19.61 -12.93 49.95
CA LEU A 16 19.36 -13.51 48.61
C LEU A 16 17.97 -13.12 48.02
N GLY A 17 17.48 -11.92 48.37
CA GLY A 17 16.13 -11.44 48.00
C GLY A 17 15.88 -9.96 48.27
N LEU A 18 16.94 -9.14 48.25
CA LEU A 18 16.92 -7.69 48.58
C LEU A 18 17.40 -6.79 47.43
N ASP A 19 17.73 -7.37 46.27
CA ASP A 19 18.25 -6.69 45.07
C ASP A 19 17.68 -7.29 43.76
N SER A 20 16.61 -8.09 43.86
CA SER A 20 15.96 -8.80 42.76
C SER A 20 15.36 -7.87 41.68
N THR A 21 15.30 -8.36 40.44
CA THR A 21 14.76 -7.65 39.26
C THR A 21 13.96 -8.58 38.36
N GLU A 22 13.14 -8.03 37.46
CA GLU A 22 12.26 -8.78 36.54
C GLU A 22 12.02 -7.99 35.24
N ASN A 23 11.82 -8.69 34.11
CA ASN A 23 11.49 -8.10 32.80
C ASN A 23 10.71 -9.07 31.89
N LEU A 24 10.06 -8.53 30.85
CA LEU A 24 9.32 -9.28 29.83
C LEU A 24 9.29 -8.52 28.49
N TYR A 25 9.20 -9.24 27.37
CA TYR A 25 8.97 -8.69 26.03
C TYR A 25 7.60 -8.01 25.88
N PHE A 26 7.44 -7.17 24.85
CA PHE A 26 6.17 -6.53 24.50
C PHE A 26 5.12 -7.55 24.01
N GLN A 27 4.01 -7.67 24.73
CA GLN A 27 2.88 -8.53 24.35
C GLN A 27 2.06 -7.91 23.20
N GLY A 28 1.84 -8.67 22.13
CA GLY A 28 1.12 -8.21 20.92
C GLY A 28 1.07 -9.26 19.81
N ILE A 29 0.65 -8.84 18.61
CA ILE A 29 0.57 -9.65 17.38
C ILE A 29 1.22 -8.92 16.19
N ASP A 30 1.63 -9.67 15.16
CA ASP A 30 2.42 -9.13 14.03
C ASP A 30 1.59 -8.19 13.13
N PRO A 31 2.06 -6.95 12.87
CA PRO A 31 1.33 -5.94 12.08
C PRO A 31 1.66 -5.93 10.57
N PHE A 32 2.62 -6.74 10.11
CA PHE A 32 3.23 -6.70 8.77
C PHE A 32 2.31 -6.46 7.57
N THR A 33 1.13 -7.08 7.49
CA THR A 33 0.17 -6.87 6.39
C THR A 33 -0.36 -5.44 6.29
N MET A 34 -0.56 -4.73 7.43
CA MET A 34 -0.86 -3.30 7.42
C MET A 34 0.39 -2.41 7.57
N SER A 35 1.54 -2.94 7.99
CA SER A 35 2.81 -2.19 7.87
C SER A 35 3.09 -1.99 6.38
N THR A 36 2.76 -3.01 5.57
CA THR A 36 2.74 -2.95 4.09
C THR A 36 1.68 -1.98 3.58
N LEU A 37 0.50 -1.88 4.21
CA LEU A 37 -0.45 -0.80 3.89
C LEU A 37 0.23 0.52 4.06
N GLN A 38 0.83 0.77 5.22
CA GLN A 38 1.31 2.09 5.51
C GLN A 38 2.50 2.47 4.60
N GLU A 39 3.37 1.51 4.27
CA GLU A 39 4.44 1.58 3.27
C GLU A 39 3.92 1.79 1.83
N LEU A 40 2.87 1.10 1.42
CA LEU A 40 2.32 1.19 0.06
C LEU A 40 1.43 2.41 -0.15
N GLN A 41 0.65 2.79 0.86
CA GLN A 41 -0.15 4.02 0.95
C GLN A 41 0.79 5.25 1.06
N GLU A 42 2.02 5.05 1.56
CA GLU A 42 3.12 6.02 1.52
C GLU A 42 3.80 6.02 0.14
N ASN A 43 3.98 4.86 -0.49
CA ASN A 43 4.48 4.72 -1.87
C ASN A 43 3.55 5.42 -2.86
N ILE A 44 2.24 5.28 -2.68
CA ILE A 44 1.19 6.02 -3.37
C ILE A 44 1.50 7.50 -3.25
N THR A 45 1.61 8.01 -2.04
CA THR A 45 1.75 9.45 -1.78
C THR A 45 3.10 9.99 -2.27
N ALA A 46 4.19 9.24 -2.15
CA ALA A 46 5.50 9.67 -2.62
C ALA A 46 5.64 9.60 -4.15
N HIS A 47 5.14 8.52 -4.77
CA HIS A 47 4.99 8.40 -6.21
C HIS A 47 3.89 9.34 -6.74
N GLU A 48 2.95 9.81 -5.91
CA GLU A 48 2.03 10.89 -6.28
C GLU A 48 2.75 12.23 -6.21
N GLN A 49 3.56 12.53 -5.18
CA GLN A 49 4.34 13.77 -5.12
C GLN A 49 5.42 13.81 -6.20
N GLN A 50 6.05 12.68 -6.52
CA GLN A 50 6.91 12.57 -7.70
C GLN A 50 6.08 12.73 -8.97
N LEU A 51 4.78 12.42 -8.94
CA LEU A 51 3.87 12.66 -10.05
C LEU A 51 3.45 14.12 -10.18
N VAL A 52 3.13 14.83 -9.10
CA VAL A 52 2.89 16.29 -9.14
C VAL A 52 4.14 17.01 -9.53
N THR A 53 5.29 16.56 -9.04
CA THR A 53 6.58 17.06 -9.43
C THR A 53 6.88 16.70 -10.86
N ALA A 54 6.46 15.54 -11.39
CA ALA A 54 6.54 15.24 -12.81
C ALA A 54 5.63 16.18 -13.63
N ARG A 55 4.45 16.57 -13.09
CA ARG A 55 3.65 17.64 -13.72
C ARG A 55 4.41 18.97 -13.70
N GLN A 56 5.01 19.31 -12.56
CA GLN A 56 5.83 20.51 -12.31
C GLN A 56 7.14 20.52 -13.12
N LYS A 57 7.70 19.35 -13.40
CA LYS A 57 8.85 19.12 -14.26
C LYS A 57 8.47 19.29 -15.72
N LEU A 58 7.28 18.79 -16.11
CA LEU A 58 6.73 19.08 -17.43
C LEU A 58 6.38 20.56 -17.58
N LYS A 59 5.91 21.26 -16.54
CA LYS A 59 5.73 22.73 -16.63
C LYS A 59 7.08 23.47 -16.77
N ASP A 60 8.17 22.95 -16.20
CA ASP A 60 9.54 23.43 -16.44
C ASP A 60 10.05 23.07 -17.87
N ALA A 61 9.50 22.05 -18.52
CA ALA A 61 9.71 21.76 -19.95
C ALA A 61 8.84 22.65 -20.86
N GLU A 62 7.63 23.03 -20.44
CA GLU A 62 6.84 24.06 -21.14
C GLU A 62 7.52 25.42 -21.01
N LYS A 63 8.11 25.67 -19.84
CA LYS A 63 8.99 26.80 -19.57
C LYS A 63 10.24 26.78 -20.46
N ALA A 64 10.63 25.64 -21.02
CA ALA A 64 11.71 25.55 -22.00
C ALA A 64 11.30 25.86 -23.45
N VAL A 65 10.19 25.33 -23.94
CA VAL A 65 9.59 25.75 -25.24
C VAL A 65 9.11 27.22 -25.19
N GLU A 66 8.89 27.78 -23.99
CA GLU A 66 8.67 29.21 -23.74
C GLU A 66 9.91 30.05 -24.12
N VAL A 67 11.09 29.61 -23.65
CA VAL A 67 12.36 30.37 -23.70
C VAL A 67 13.15 30.14 -24.98
N ASP A 68 13.14 28.92 -25.49
CA ASP A 68 13.86 28.54 -26.70
C ASP A 68 13.16 27.35 -27.41
N PRO A 69 12.06 27.61 -28.14
CA PRO A 69 11.21 26.63 -28.83
C PRO A 69 11.87 25.77 -29.93
N ASP A 70 12.95 25.06 -29.62
CA ASP A 70 13.51 24.03 -30.49
C ASP A 70 12.63 22.78 -30.38
N ASP A 71 12.53 21.99 -31.46
CA ASP A 71 11.64 20.81 -31.52
C ASP A 71 11.90 19.80 -30.40
N VAL A 72 13.13 19.81 -29.88
CA VAL A 72 13.53 19.11 -28.69
C VAL A 72 12.89 19.60 -27.42
N ASN A 73 12.73 20.90 -27.16
CA ASN A 73 12.19 21.36 -25.88
C ASN A 73 10.69 21.01 -25.80
N LYS A 74 10.05 20.84 -26.96
CA LYS A 74 8.69 20.30 -27.12
C LYS A 74 8.68 18.77 -26.99
N SER A 75 9.67 18.07 -27.56
CA SER A 75 9.87 16.60 -27.37
C SER A 75 10.28 16.21 -25.94
N THR A 76 11.03 17.08 -25.31
CA THR A 76 11.42 17.13 -23.90
C THR A 76 10.19 17.37 -23.06
N LEU A 77 9.19 18.06 -23.61
CA LEU A 77 7.90 18.07 -22.95
C LEU A 77 7.31 16.66 -22.96
N GLN A 78 7.24 16.03 -24.13
CA GLN A 78 6.71 14.67 -24.31
C GLN A 78 7.44 13.61 -23.49
N ASN A 79 8.69 13.88 -23.14
CA ASN A 79 9.54 13.14 -22.21
C ASN A 79 9.21 13.40 -20.73
N ARG A 80 8.99 14.64 -20.30
CA ARG A 80 8.52 14.91 -18.94
C ARG A 80 7.09 14.40 -18.72
N ARG A 81 6.26 14.58 -19.75
CA ARG A 81 4.92 14.02 -19.94
C ARG A 81 4.95 12.49 -20.03
N ALA A 82 6.05 11.90 -20.49
CA ALA A 82 6.29 10.47 -20.43
C ALA A 82 6.62 10.01 -18.99
N ALA A 83 7.31 10.81 -18.16
CA ALA A 83 7.42 10.51 -16.73
C ALA A 83 6.04 10.60 -16.07
N VAL A 84 5.27 11.67 -16.30
CA VAL A 84 3.86 11.72 -15.83
C VAL A 84 3.11 10.48 -16.26
N SER A 85 3.34 9.93 -17.45
CA SER A 85 2.74 8.66 -17.87
C SER A 85 3.28 7.43 -17.11
N THR A 86 4.58 7.37 -16.80
CA THR A 86 5.21 6.38 -15.89
C THR A 86 4.51 6.40 -14.54
N LEU A 87 4.48 7.59 -13.96
CA LEU A 87 4.00 7.97 -12.67
C LEU A 87 2.49 7.70 -12.53
N GLU A 88 1.73 8.05 -13.56
CA GLU A 88 0.28 7.86 -13.66
C GLU A 88 -0.07 6.37 -13.83
N THR A 89 0.69 5.61 -14.66
CA THR A 89 0.56 4.14 -14.76
C THR A 89 0.80 3.51 -13.41
N LYS A 90 1.91 3.91 -12.77
CA LYS A 90 2.22 3.50 -11.41
C LYS A 90 1.05 3.80 -10.54
N LEU A 91 0.60 5.04 -10.41
CA LEU A 91 -0.42 5.33 -9.43
C LEU A 91 -1.74 4.65 -9.68
N GLY A 92 -2.14 4.36 -10.91
CA GLY A 92 -3.30 3.50 -11.14
C GLY A 92 -3.03 2.09 -10.59
N GLU A 93 -1.89 1.49 -10.92
CA GLU A 93 -1.49 0.16 -10.39
C GLU A 93 -1.16 0.16 -8.89
N LEU A 94 -0.71 1.28 -8.33
CA LEU A 94 -0.34 1.51 -6.94
C LEU A 94 -1.62 1.67 -6.11
N LYS A 95 -2.55 2.50 -6.57
CA LYS A 95 -3.87 2.68 -5.96
C LYS A 95 -4.70 1.38 -6.08
N ARG A 96 -4.50 0.55 -7.13
CA ARG A 96 -5.06 -0.82 -7.22
C ARG A 96 -4.35 -1.83 -6.31
N GLN A 97 -3.01 -1.77 -6.14
CA GLN A 97 -2.32 -2.55 -5.10
C GLN A 97 -3.00 -2.24 -3.79
N LEU A 98 -3.21 -0.95 -3.49
CA LEU A 98 -3.93 -0.58 -2.29
C LEU A 98 -5.30 -1.21 -2.23
N ALA A 99 -6.13 -1.10 -3.26
CA ALA A 99 -7.45 -1.73 -3.22
C ALA A 99 -7.43 -3.26 -2.96
N ASP A 100 -6.36 -3.97 -3.34
CA ASP A 100 -6.13 -5.38 -2.96
C ASP A 100 -5.56 -5.56 -1.54
N LEU A 101 -4.61 -4.71 -1.16
CA LEU A 101 -4.00 -4.57 0.18
C LEU A 101 -5.05 -4.34 1.25
N VAL A 102 -5.85 -3.32 1.00
CA VAL A 102 -6.80 -2.71 1.89
C VAL A 102 -7.89 -3.72 2.16
N ALA A 103 -8.36 -4.36 1.09
CA ALA A 103 -9.29 -5.48 1.10
C ALA A 103 -8.72 -6.80 1.66
N ALA A 104 -7.53 -6.74 2.25
CA ALA A 104 -6.87 -7.78 3.02
C ALA A 104 -6.41 -7.31 4.42
N GLN A 105 -6.31 -5.99 4.65
CA GLN A 105 -6.13 -5.38 5.98
C GLN A 105 -7.31 -5.69 6.93
N LYS A 106 -8.44 -6.10 6.34
CA LYS A 106 -9.74 -6.43 6.95
C LYS A 106 -9.83 -7.89 7.46
N LEU A 107 -8.89 -8.75 7.08
CA LEU A 107 -8.91 -10.21 7.27
C LEU A 107 -8.14 -10.63 8.55
N MET A 1 -38.01 -51.98 45.90
CA MET A 1 -36.57 -51.81 46.23
C MET A 1 -35.69 -52.01 44.99
N HIS A 2 -34.50 -51.40 44.96
CA HIS A 2 -33.60 -51.39 43.78
C HIS A 2 -32.13 -51.73 44.11
N HIS A 3 -31.80 -51.99 45.38
CA HIS A 3 -30.45 -52.36 45.82
C HIS A 3 -29.99 -53.74 45.31
N HIS A 4 -28.67 -53.94 45.19
CA HIS A 4 -28.05 -55.18 44.70
C HIS A 4 -26.80 -55.60 45.51
N HIS A 5 -26.40 -54.81 46.50
CA HIS A 5 -25.21 -55.01 47.35
C HIS A 5 -25.35 -54.27 48.70
N HIS A 6 -24.46 -54.56 49.65
CA HIS A 6 -24.33 -53.81 50.90
C HIS A 6 -23.77 -52.40 50.66
N HIS A 7 -24.06 -51.46 51.58
CA HIS A 7 -23.56 -50.07 51.58
C HIS A 7 -23.72 -49.33 50.23
N GLY A 8 -22.88 -48.33 49.95
CA GLY A 8 -22.88 -47.55 48.71
C GLY A 8 -21.55 -46.81 48.45
N LYS A 9 -21.39 -46.32 47.21
CA LYS A 9 -20.19 -45.65 46.68
C LYS A 9 -20.58 -44.50 45.73
N PRO A 10 -19.69 -43.50 45.54
CA PRO A 10 -19.86 -42.47 44.51
C PRO A 10 -20.10 -43.05 43.10
N ILE A 11 -20.89 -42.33 42.29
CA ILE A 11 -21.32 -42.72 40.92
C ILE A 11 -21.28 -41.53 39.94
N PRO A 12 -21.14 -41.80 38.63
CA PRO A 12 -21.09 -40.77 37.60
C PRO A 12 -22.46 -40.13 37.34
N ASN A 13 -22.46 -38.96 36.69
CA ASN A 13 -23.65 -38.17 36.38
C ASN A 13 -23.46 -37.34 35.09
N PRO A 14 -24.54 -36.90 34.41
CA PRO A 14 -24.45 -36.22 33.11
C PRO A 14 -23.93 -34.77 33.16
N LEU A 15 -23.73 -34.19 34.35
CA LEU A 15 -23.22 -32.83 34.53
C LEU A 15 -21.68 -32.75 34.59
N LEU A 16 -20.98 -33.89 34.62
CA LEU A 16 -19.51 -33.96 34.51
C LEU A 16 -19.01 -33.33 33.20
N GLY A 17 -17.91 -32.57 33.28
CA GLY A 17 -17.40 -31.76 32.16
C GLY A 17 -16.16 -30.93 32.49
N LEU A 18 -15.12 -31.59 33.03
CA LEU A 18 -13.85 -30.97 33.44
C LEU A 18 -13.20 -30.12 32.32
N ASP A 19 -12.87 -28.87 32.63
CA ASP A 19 -12.25 -27.91 31.70
C ASP A 19 -10.83 -28.33 31.27
N SER A 20 -10.48 -28.11 29.99
CA SER A 20 -9.18 -28.48 29.40
C SER A 20 -8.68 -27.60 28.24
N THR A 21 -9.54 -26.77 27.64
CA THR A 21 -9.18 -25.90 26.50
C THR A 21 -8.32 -24.70 26.90
N GLU A 22 -7.40 -24.27 26.02
CA GLU A 22 -6.59 -23.06 26.20
C GLU A 22 -7.41 -21.77 26.01
N ASN A 23 -6.95 -20.67 26.63
CA ASN A 23 -7.53 -19.32 26.50
C ASN A 23 -7.09 -18.60 25.19
N LEU A 24 -7.24 -19.28 24.05
CA LEU A 24 -6.74 -18.84 22.73
C LEU A 24 -7.68 -19.26 21.59
N TYR A 25 -7.73 -18.45 20.53
CA TYR A 25 -8.52 -18.69 19.31
C TYR A 25 -7.82 -18.05 18.08
N PHE A 26 -8.03 -18.62 16.89
CA PHE A 26 -7.54 -18.10 15.61
C PHE A 26 -8.39 -16.91 15.11
N GLN A 27 -8.27 -15.77 15.81
CA GLN A 27 -9.08 -14.56 15.59
C GLN A 27 -8.89 -13.91 14.20
N GLY A 28 -7.74 -14.10 13.55
CA GLY A 28 -7.42 -13.57 12.23
C GLY A 28 -5.96 -13.82 11.80
N ILE A 29 -5.58 -13.34 10.62
CA ILE A 29 -4.19 -13.42 10.12
C ILE A 29 -3.24 -12.46 10.86
N ASP A 30 -1.93 -12.60 10.62
CA ASP A 30 -0.92 -11.66 11.13
C ASP A 30 -1.13 -10.21 10.62
N PRO A 31 -0.89 -9.18 11.45
CA PRO A 31 -1.14 -7.77 11.09
C PRO A 31 -0.14 -7.18 10.09
N PHE A 32 0.91 -7.91 9.70
CA PHE A 32 1.97 -7.46 8.78
C PHE A 32 1.46 -7.00 7.40
N THR A 33 0.29 -7.46 6.96
CA THR A 33 -0.40 -6.94 5.76
C THR A 33 -0.63 -5.42 5.84
N MET A 34 -0.89 -4.86 7.03
CA MET A 34 -1.00 -3.42 7.21
C MET A 34 0.36 -2.70 7.45
N SER A 35 1.43 -3.41 7.77
CA SER A 35 2.77 -2.78 7.73
C SER A 35 3.10 -2.46 6.27
N THR A 36 2.73 -3.39 5.38
CA THR A 36 2.74 -3.22 3.92
C THR A 36 1.76 -2.12 3.47
N LEU A 37 0.57 -1.97 4.08
CA LEU A 37 -0.29 -0.80 3.82
C LEU A 37 0.45 0.48 4.10
N GLN A 38 1.07 0.56 5.27
CA GLN A 38 1.61 1.83 5.72
C GLN A 38 2.78 2.28 4.82
N GLU A 39 3.54 1.34 4.27
CA GLU A 39 4.55 1.51 3.22
C GLU A 39 3.96 1.82 1.85
N LEU A 40 2.94 1.09 1.39
CA LEU A 40 2.40 1.20 0.03
C LEU A 40 1.44 2.39 -0.13
N GLN A 41 0.63 2.72 0.87
CA GLN A 41 -0.19 3.93 0.94
C GLN A 41 0.69 5.20 1.05
N GLU A 42 1.91 5.04 1.58
CA GLU A 42 2.96 6.07 1.55
C GLU A 42 3.67 6.08 0.18
N ASN A 43 3.89 4.92 -0.44
CA ASN A 43 4.42 4.79 -1.81
C ASN A 43 3.50 5.48 -2.83
N ILE A 44 2.19 5.28 -2.68
CA ILE A 44 1.13 6.00 -3.39
C ILE A 44 1.40 7.49 -3.27
N THR A 45 1.50 8.00 -2.06
CA THR A 45 1.61 9.43 -1.78
C THR A 45 2.95 10.02 -2.23
N ALA A 46 4.05 9.28 -2.12
CA ALA A 46 5.36 9.75 -2.58
C ALA A 46 5.50 9.68 -4.11
N HIS A 47 4.98 8.63 -4.73
CA HIS A 47 4.83 8.49 -6.17
C HIS A 47 3.71 9.39 -6.71
N GLU A 48 2.78 9.88 -5.89
CA GLU A 48 1.84 10.94 -6.27
C GLU A 48 2.56 12.29 -6.19
N GLN A 49 3.38 12.55 -5.17
CA GLN A 49 4.21 13.77 -5.08
C GLN A 49 5.25 13.82 -6.19
N GLN A 50 5.88 12.70 -6.53
CA GLN A 50 6.71 12.60 -7.72
C GLN A 50 5.86 12.77 -8.98
N LEU A 51 4.54 12.51 -8.91
CA LEU A 51 3.62 12.78 -10.02
C LEU A 51 3.24 14.26 -10.11
N VAL A 52 2.97 14.97 -9.00
CA VAL A 52 2.81 16.44 -9.01
C VAL A 52 4.08 17.10 -9.48
N THR A 53 5.23 16.60 -9.02
CA THR A 53 6.52 17.07 -9.44
C THR A 53 6.69 16.75 -10.90
N ALA A 54 6.32 15.58 -11.41
CA ALA A 54 6.36 15.29 -12.85
C ALA A 54 5.45 16.24 -13.65
N ARG A 55 4.29 16.64 -13.09
CA ARG A 55 3.48 17.72 -13.68
C ARG A 55 4.28 19.03 -13.73
N GLN A 56 4.94 19.36 -12.63
CA GLN A 56 5.80 20.53 -12.43
C GLN A 56 7.09 20.50 -13.28
N LYS A 57 7.65 19.32 -13.55
CA LYS A 57 8.79 19.10 -14.42
C LYS A 57 8.34 19.29 -15.88
N LEU A 58 7.13 18.82 -16.23
CA LEU A 58 6.57 19.09 -17.56
C LEU A 58 6.19 20.56 -17.71
N LYS A 59 5.71 21.27 -16.68
CA LYS A 59 5.56 22.73 -16.75
C LYS A 59 6.89 23.48 -16.88
N ASP A 60 7.97 22.98 -16.29
CA ASP A 60 9.34 23.47 -16.47
C ASP A 60 9.91 23.15 -17.87
N ALA A 61 9.42 22.09 -18.54
CA ALA A 61 9.71 21.82 -19.94
C ALA A 61 8.84 22.67 -20.89
N GLU A 62 7.62 23.04 -20.52
CA GLU A 62 6.83 24.06 -21.26
C GLU A 62 7.51 25.42 -21.13
N LYS A 63 8.01 25.69 -19.93
CA LYS A 63 8.88 26.83 -19.64
C LYS A 63 10.17 26.80 -20.46
N ALA A 64 10.60 25.64 -20.97
CA ALA A 64 11.73 25.54 -21.91
C ALA A 64 11.40 25.85 -23.38
N VAL A 65 10.31 25.31 -23.92
CA VAL A 65 9.79 25.73 -25.24
C VAL A 65 9.32 27.20 -25.23
N GLU A 66 9.04 27.78 -24.05
CA GLU A 66 8.83 29.22 -23.84
C GLU A 66 10.10 30.03 -24.15
N VAL A 67 11.24 29.60 -23.60
CA VAL A 67 12.51 30.34 -23.59
C VAL A 67 13.37 30.11 -24.82
N ASP A 68 13.38 28.88 -25.33
CA ASP A 68 14.15 28.50 -26.50
C ASP A 68 13.48 27.31 -27.23
N PRO A 69 12.42 27.57 -28.02
CA PRO A 69 11.60 26.59 -28.75
C PRO A 69 12.30 25.72 -29.80
N ASP A 70 13.36 25.02 -29.44
CA ASP A 70 13.96 23.97 -30.28
C ASP A 70 13.04 22.75 -30.24
N ASP A 71 12.96 21.98 -31.32
CA ASP A 71 12.04 20.84 -31.45
C ASP A 71 12.22 19.79 -30.35
N VAL A 72 13.42 19.75 -29.78
CA VAL A 72 13.75 19.00 -28.59
C VAL A 72 13.09 19.51 -27.34
N ASN A 73 12.95 20.80 -27.06
CA ASN A 73 12.36 21.27 -25.80
C ASN A 73 10.86 20.94 -25.78
N LYS A 74 10.27 20.82 -26.96
CA LYS A 74 8.90 20.32 -27.19
C LYS A 74 8.84 18.79 -27.09
N SER A 75 9.85 18.06 -27.56
CA SER A 75 9.98 16.59 -27.39
C SER A 75 10.33 16.15 -25.96
N THR A 76 11.13 16.97 -25.30
CA THR A 76 11.50 17.00 -23.88
C THR A 76 10.25 17.27 -23.07
N LEU A 77 9.29 17.98 -23.66
CA LEU A 77 7.99 18.04 -23.03
C LEU A 77 7.34 16.66 -23.01
N GLN A 78 7.24 16.02 -24.17
CA GLN A 78 6.64 14.68 -24.34
C GLN A 78 7.33 13.62 -23.49
N ASN A 79 8.61 13.81 -23.19
CA ASN A 79 9.43 13.06 -22.25
C ASN A 79 9.07 13.31 -20.77
N ARG A 80 8.88 14.58 -20.37
CA ARG A 80 8.44 14.91 -19.01
C ARG A 80 7.00 14.48 -18.75
N ARG A 81 6.17 14.68 -19.77
CA ARG A 81 4.79 14.20 -19.94
C ARG A 81 4.74 12.66 -20.03
N ALA A 82 5.82 12.03 -20.50
CA ALA A 82 6.01 10.58 -20.44
C ALA A 82 6.36 10.11 -19.02
N ALA A 83 7.07 10.90 -18.20
CA ALA A 83 7.20 10.59 -16.77
C ALA A 83 5.83 10.72 -16.11
N VAL A 84 5.06 11.78 -16.33
CA VAL A 84 3.66 11.84 -15.85
C VAL A 84 2.89 10.59 -16.27
N SER A 85 3.08 10.07 -17.48
CA SER A 85 2.47 8.81 -17.90
C SER A 85 3.01 7.56 -17.16
N THR A 86 4.31 7.52 -16.84
CA THR A 86 4.95 6.50 -15.95
C THR A 86 4.27 6.52 -14.58
N LEU A 87 4.27 7.71 -14.00
CA LEU A 87 3.79 8.07 -12.69
C LEU A 87 2.29 7.80 -12.55
N GLU A 88 1.53 8.12 -13.59
CA GLU A 88 0.09 7.91 -13.70
C GLU A 88 -0.23 6.40 -13.86
N THR A 89 0.53 5.66 -14.70
CA THR A 89 0.44 4.18 -14.82
C THR A 89 0.69 3.53 -13.48
N LYS A 90 1.79 3.95 -12.83
CA LYS A 90 2.08 3.55 -11.47
C LYS A 90 0.91 3.85 -10.60
N LEU A 91 0.46 5.08 -10.47
CA LEU A 91 -0.57 5.34 -9.48
C LEU A 91 -1.89 4.63 -9.73
N GLY A 92 -2.27 4.29 -10.96
CA GLY A 92 -3.41 3.40 -11.16
C GLY A 92 -3.10 2.00 -10.64
N GLU A 93 -1.96 1.41 -11.03
CA GLU A 93 -1.49 0.09 -10.55
C GLU A 93 -1.22 0.05 -9.03
N LEU A 94 -0.73 1.16 -8.45
CA LEU A 94 -0.38 1.43 -7.05
C LEU A 94 -1.63 1.57 -6.22
N LYS A 95 -2.56 2.46 -6.63
CA LYS A 95 -3.88 2.62 -5.99
C LYS A 95 -4.69 1.30 -6.06
N ARG A 96 -4.46 0.47 -7.08
CA ARG A 96 -4.96 -0.93 -7.19
C ARG A 96 -4.20 -1.92 -6.30
N GLN A 97 -2.87 -1.81 -6.13
CA GLN A 97 -2.17 -2.59 -5.10
C GLN A 97 -2.82 -2.30 -3.77
N LEU A 98 -3.12 -1.03 -3.50
CA LEU A 98 -3.90 -0.68 -2.34
C LEU A 98 -5.26 -1.33 -2.33
N ALA A 99 -6.09 -1.23 -3.36
CA ALA A 99 -7.39 -1.88 -3.32
C ALA A 99 -7.33 -3.41 -3.05
N ASP A 100 -6.22 -4.09 -3.37
CA ASP A 100 -5.95 -5.48 -2.97
C ASP A 100 -5.40 -5.61 -1.52
N LEU A 101 -4.46 -4.76 -1.14
CA LEU A 101 -3.86 -4.59 0.20
C LEU A 101 -4.90 -4.34 1.26
N VAL A 102 -5.71 -3.34 0.98
CA VAL A 102 -6.66 -2.72 1.87
C VAL A 102 -7.74 -3.73 2.19
N ALA A 103 -8.18 -4.44 1.15
CA ALA A 103 -9.06 -5.59 1.20
C ALA A 103 -8.46 -6.85 1.86
N ALA A 104 -7.27 -6.72 2.45
CA ALA A 104 -6.58 -7.69 3.28
C ALA A 104 -6.11 -7.11 4.63
N GLN A 105 -6.12 -5.78 4.81
CA GLN A 105 -5.92 -5.11 6.11
C GLN A 105 -7.07 -5.46 7.10
N LYS A 106 -8.22 -5.82 6.51
CA LYS A 106 -9.52 -6.18 7.12
C LYS A 106 -9.56 -7.59 7.75
N LEU A 107 -8.57 -8.43 7.45
CA LEU A 107 -8.52 -9.88 7.77
C LEU A 107 -7.82 -10.19 9.11
N MET A 1 -34.85 -14.24 32.50
CA MET A 1 -33.66 -15.10 32.75
C MET A 1 -34.05 -16.58 32.81
N HIS A 2 -33.09 -17.49 32.63
CA HIS A 2 -33.25 -18.94 32.88
C HIS A 2 -33.52 -19.27 34.36
N HIS A 3 -34.03 -20.47 34.62
CA HIS A 3 -34.22 -21.02 35.97
C HIS A 3 -33.93 -22.54 35.97
N HIS A 4 -33.42 -23.06 37.08
CA HIS A 4 -32.97 -24.45 37.26
C HIS A 4 -33.14 -24.90 38.72
N HIS A 5 -32.89 -26.19 39.00
CA HIS A 5 -32.95 -26.78 40.35
C HIS A 5 -31.64 -27.52 40.67
N HIS A 6 -30.79 -26.91 41.52
CA HIS A 6 -29.47 -27.44 41.91
C HIS A 6 -29.50 -28.85 42.52
N HIS A 7 -30.62 -29.24 43.15
CA HIS A 7 -30.88 -30.59 43.68
C HIS A 7 -30.86 -31.69 42.58
N GLY A 8 -31.19 -31.34 41.33
CA GLY A 8 -31.37 -32.27 40.21
C GLY A 8 -32.83 -32.54 39.82
N LYS A 9 -33.79 -31.89 40.48
CA LYS A 9 -35.24 -31.94 40.14
C LYS A 9 -35.51 -31.44 38.71
N PRO A 10 -36.56 -31.96 38.05
CA PRO A 10 -36.89 -31.60 36.68
C PRO A 10 -37.31 -30.13 36.54
N ILE A 11 -37.19 -29.59 35.31
CA ILE A 11 -37.53 -28.21 34.93
C ILE A 11 -37.80 -28.13 33.41
N PRO A 12 -38.81 -27.37 32.97
CA PRO A 12 -39.02 -27.06 31.55
C PRO A 12 -37.85 -26.24 30.98
N ASN A 13 -37.44 -26.54 29.75
CA ASN A 13 -36.25 -25.92 29.13
C ASN A 13 -36.41 -24.38 28.99
N PRO A 14 -35.44 -23.57 29.48
CA PRO A 14 -35.54 -22.11 29.50
C PRO A 14 -35.26 -21.44 28.13
N LEU A 15 -34.74 -22.18 27.14
CA LEU A 15 -34.26 -21.70 25.84
C LEU A 15 -33.31 -20.48 25.94
N LEU A 16 -32.50 -20.44 27.00
CA LEU A 16 -31.57 -19.35 27.34
C LEU A 16 -30.37 -19.92 28.11
N GLY A 17 -29.15 -19.63 27.66
CA GLY A 17 -27.91 -20.03 28.32
C GLY A 17 -26.65 -19.60 27.55
N LEU A 18 -26.15 -20.47 26.67
CA LEU A 18 -24.95 -20.28 25.83
C LEU A 18 -25.14 -20.90 24.43
N ASP A 19 -24.29 -20.48 23.48
CA ASP A 19 -24.32 -20.92 22.07
C ASP A 19 -22.90 -21.10 21.47
N SER A 20 -21.89 -21.31 22.32
CA SER A 20 -20.48 -21.56 21.96
C SER A 20 -19.82 -20.51 21.05
N THR A 21 -20.31 -19.26 21.07
CA THR A 21 -19.87 -18.15 20.21
C THR A 21 -18.39 -17.78 20.33
N GLU A 22 -17.72 -18.12 21.45
CA GLU A 22 -16.28 -17.92 21.64
C GLU A 22 -15.41 -18.70 20.62
N ASN A 23 -15.93 -19.78 20.02
CA ASN A 23 -15.29 -20.49 18.91
C ASN A 23 -15.16 -19.62 17.62
N LEU A 24 -15.89 -18.50 17.54
CA LEU A 24 -15.88 -17.54 16.43
C LEU A 24 -15.29 -16.17 16.85
N TYR A 25 -14.64 -16.07 18.03
CA TYR A 25 -14.11 -14.83 18.62
C TYR A 25 -13.11 -14.06 17.73
N PHE A 26 -12.37 -14.78 16.86
CA PHE A 26 -11.42 -14.21 15.90
C PHE A 26 -11.41 -15.03 14.59
N GLN A 27 -11.14 -14.36 13.46
CA GLN A 27 -11.21 -14.96 12.11
C GLN A 27 -10.14 -14.39 11.14
N GLY A 28 -9.20 -13.57 11.63
CA GLY A 28 -8.03 -13.10 10.87
C GLY A 28 -6.88 -14.10 10.88
N ILE A 29 -5.70 -13.70 10.37
CA ILE A 29 -4.50 -14.56 10.34
C ILE A 29 -3.18 -13.81 10.61
N ASP A 30 -2.98 -12.59 10.07
CA ASP A 30 -1.74 -11.81 10.26
C ASP A 30 -1.97 -10.29 10.04
N PRO A 31 -1.44 -9.41 10.91
CA PRO A 31 -1.49 -7.95 10.74
C PRO A 31 -0.40 -7.42 9.77
N PHE A 32 0.58 -8.24 9.37
CA PHE A 32 1.72 -7.84 8.53
C PHE A 32 1.34 -7.25 7.17
N THR A 33 0.16 -7.61 6.64
CA THR A 33 -0.44 -6.96 5.46
C THR A 33 -0.56 -5.45 5.62
N MET A 34 -0.81 -4.94 6.83
CA MET A 34 -0.85 -3.49 7.08
C MET A 34 0.53 -2.84 7.27
N SER A 35 1.60 -3.58 7.58
CA SER A 35 2.96 -3.00 7.51
C SER A 35 3.26 -2.64 6.04
N THR A 36 2.81 -3.51 5.13
CA THR A 36 2.79 -3.28 3.69
C THR A 36 1.81 -2.17 3.29
N LEU A 37 0.65 -2.01 3.95
CA LEU A 37 -0.21 -0.82 3.74
C LEU A 37 0.56 0.45 4.04
N GLN A 38 1.22 0.48 5.19
CA GLN A 38 1.79 1.72 5.67
C GLN A 38 2.95 2.19 4.76
N GLU A 39 3.63 1.24 4.12
CA GLU A 39 4.63 1.38 3.05
C GLU A 39 4.02 1.74 1.69
N LEU A 40 2.97 1.06 1.26
CA LEU A 40 2.38 1.21 -0.07
C LEU A 40 1.42 2.41 -0.19
N GLN A 41 0.62 2.72 0.84
CA GLN A 41 -0.19 3.94 0.94
C GLN A 41 0.73 5.18 1.04
N GLU A 42 1.95 5.02 1.54
CA GLU A 42 3.01 6.02 1.49
C GLU A 42 3.68 6.06 0.10
N ASN A 43 3.88 4.91 -0.54
CA ASN A 43 4.36 4.82 -1.93
C ASN A 43 3.42 5.52 -2.90
N ILE A 44 2.10 5.34 -2.73
CA ILE A 44 1.03 6.08 -3.40
C ILE A 44 1.33 7.57 -3.28
N THR A 45 1.46 8.06 -2.06
CA THR A 45 1.60 9.47 -1.76
C THR A 45 2.93 10.04 -2.28
N ALA A 46 4.05 9.32 -2.16
CA ALA A 46 5.34 9.78 -2.65
C ALA A 46 5.45 9.71 -4.18
N HIS A 47 4.88 8.68 -4.80
CA HIS A 47 4.71 8.55 -6.25
C HIS A 47 3.60 9.49 -6.76
N GLU A 48 2.68 9.97 -5.91
CA GLU A 48 1.75 11.04 -6.27
C GLU A 48 2.47 12.41 -6.20
N GLN A 49 3.29 12.67 -5.18
CA GLN A 49 4.08 13.90 -5.10
C GLN A 49 5.14 13.95 -6.19
N GLN A 50 5.79 12.82 -6.50
CA GLN A 50 6.63 12.73 -7.71
C GLN A 50 5.78 12.91 -8.97
N LEU A 51 4.47 12.62 -8.91
CA LEU A 51 3.55 12.88 -10.01
C LEU A 51 3.13 14.34 -10.13
N VAL A 52 2.82 15.06 -9.05
CA VAL A 52 2.62 16.53 -9.07
C VAL A 52 3.87 17.23 -9.53
N THR A 53 5.02 16.77 -9.02
CA THR A 53 6.31 17.28 -9.40
C THR A 53 6.59 16.94 -10.84
N ALA A 54 6.20 15.77 -11.37
CA ALA A 54 6.29 15.45 -12.79
C ALA A 54 5.39 16.37 -13.62
N ARG A 55 4.21 16.77 -13.12
CA ARG A 55 3.42 17.83 -13.77
C ARG A 55 4.18 19.16 -13.77
N GLN A 56 4.76 19.52 -12.62
CA GLN A 56 5.61 20.70 -12.38
C GLN A 56 6.92 20.67 -13.17
N LYS A 57 7.43 19.49 -13.49
CA LYS A 57 8.62 19.22 -14.29
C LYS A 57 8.29 19.34 -15.77
N LEU A 58 7.12 18.83 -16.18
CA LEU A 58 6.60 19.08 -17.51
C LEU A 58 6.27 20.56 -17.71
N LYS A 59 5.79 21.30 -16.71
CA LYS A 59 5.63 22.76 -16.83
C LYS A 59 6.97 23.49 -16.98
N ASP A 60 8.05 22.98 -16.38
CA ASP A 60 9.43 23.45 -16.61
C ASP A 60 9.95 23.04 -18.01
N ALA A 61 9.41 21.99 -18.64
CA ALA A 61 9.65 21.66 -20.05
C ALA A 61 8.80 22.52 -21.00
N GLU A 62 7.58 22.92 -20.63
CA GLU A 62 6.80 23.92 -21.37
C GLU A 62 7.46 25.29 -21.27
N LYS A 63 8.02 25.59 -20.10
CA LYS A 63 8.89 26.74 -19.89
C LYS A 63 10.07 26.70 -20.85
N ALA A 64 10.62 25.52 -21.13
CA ALA A 64 11.77 25.36 -22.01
C ALA A 64 11.44 25.64 -23.49
N VAL A 65 10.27 25.23 -23.97
CA VAL A 65 9.76 25.63 -25.30
C VAL A 65 9.21 27.07 -25.32
N GLU A 66 8.82 27.64 -24.18
CA GLU A 66 8.50 29.07 -24.00
C GLU A 66 9.74 29.95 -24.22
N VAL A 67 10.87 29.46 -23.72
CA VAL A 67 12.09 30.24 -23.58
C VAL A 67 13.24 29.92 -24.51
N ASP A 68 13.29 28.70 -25.03
CA ASP A 68 14.21 28.32 -26.10
C ASP A 68 13.64 27.17 -26.97
N PRO A 69 12.62 27.45 -27.82
CA PRO A 69 11.85 26.50 -28.64
C PRO A 69 12.59 25.62 -29.67
N ASP A 70 13.66 24.93 -29.29
CA ASP A 70 14.26 23.88 -30.12
C ASP A 70 13.35 22.67 -30.09
N ASP A 71 13.32 21.88 -31.17
CA ASP A 71 12.39 20.74 -31.31
C ASP A 71 12.53 19.72 -30.18
N VAL A 72 13.71 19.67 -29.59
CA VAL A 72 14.00 18.94 -28.37
C VAL A 72 13.28 19.45 -27.15
N ASN A 73 13.10 20.74 -26.91
CA ASN A 73 12.45 21.21 -25.69
C ASN A 73 10.96 20.86 -25.72
N LYS A 74 10.43 20.69 -26.94
CA LYS A 74 9.07 20.16 -27.22
C LYS A 74 9.03 18.63 -27.05
N SER A 75 10.03 17.89 -27.53
CA SER A 75 10.20 16.44 -27.27
C SER A 75 10.51 16.08 -25.82
N THR A 76 11.23 16.95 -25.15
CA THR A 76 11.53 17.03 -23.73
C THR A 76 10.25 17.29 -22.97
N LEU A 77 9.30 17.97 -23.58
CA LEU A 77 7.98 17.99 -22.98
C LEU A 77 7.38 16.59 -23.00
N GLN A 78 7.37 15.93 -24.16
CA GLN A 78 6.84 14.58 -24.35
C GLN A 78 7.50 13.53 -23.46
N ASN A 79 8.74 13.79 -23.08
CA ASN A 79 9.55 13.06 -22.10
C ASN A 79 9.14 13.34 -20.64
N ARG A 80 8.90 14.60 -20.25
CA ARG A 80 8.38 14.91 -18.91
C ARG A 80 6.94 14.42 -18.74
N ARG A 81 6.15 14.58 -19.80
CA ARG A 81 4.81 14.04 -20.03
C ARG A 81 4.81 12.51 -20.06
N ALA A 82 5.91 11.91 -20.51
CA ALA A 82 6.16 10.47 -20.40
C ALA A 82 6.45 10.04 -18.94
N ALA A 83 7.09 10.89 -18.11
CA ALA A 83 7.17 10.63 -16.67
C ALA A 83 5.79 10.75 -16.06
N VAL A 84 5.02 11.81 -16.29
CA VAL A 84 3.62 11.89 -15.82
C VAL A 84 2.85 10.65 -16.25
N SER A 85 3.07 10.11 -17.44
CA SER A 85 2.48 8.84 -17.88
C SER A 85 3.00 7.61 -17.12
N THR A 86 4.30 7.54 -16.81
CA THR A 86 4.92 6.53 -15.90
C THR A 86 4.23 6.53 -14.55
N LEU A 87 4.21 7.72 -13.97
CA LEU A 87 3.70 8.11 -12.68
C LEU A 87 2.21 7.85 -12.56
N GLU A 88 1.45 8.19 -13.60
CA GLU A 88 0.01 8.00 -13.72
C GLU A 88 -0.35 6.50 -13.87
N THR A 89 0.41 5.76 -14.70
CA THR A 89 0.31 4.28 -14.82
C THR A 89 0.53 3.65 -13.48
N LYS A 90 1.63 4.05 -12.83
CA LYS A 90 1.93 3.65 -11.47
C LYS A 90 0.74 3.96 -10.60
N LEU A 91 0.30 5.19 -10.47
CA LEU A 91 -0.72 5.47 -9.47
C LEU A 91 -2.05 4.79 -9.70
N GLY A 92 -2.45 4.49 -10.93
CA GLY A 92 -3.61 3.62 -11.12
C GLY A 92 -3.32 2.20 -10.62
N GLU A 93 -2.20 1.60 -11.04
CA GLU A 93 -1.75 0.29 -10.56
C GLU A 93 -1.46 0.25 -9.04
N LEU A 94 -0.96 1.34 -8.45
CA LEU A 94 -0.59 1.59 -7.06
C LEU A 94 -1.84 1.73 -6.20
N LYS A 95 -2.76 2.61 -6.60
CA LYS A 95 -4.07 2.78 -5.93
C LYS A 95 -4.89 1.48 -6.00
N ARG A 96 -4.71 0.66 -7.05
CA ARG A 96 -5.25 -0.72 -7.15
C ARG A 96 -4.47 -1.74 -6.31
N GLN A 97 -3.13 -1.61 -6.15
CA GLN A 97 -2.40 -2.43 -5.16
C GLN A 97 -3.01 -2.17 -3.82
N LEU A 98 -3.30 -0.91 -3.50
CA LEU A 98 -4.03 -0.58 -2.30
C LEU A 98 -5.39 -1.23 -2.24
N ALA A 99 -6.26 -1.11 -3.24
CA ALA A 99 -7.57 -1.77 -3.16
C ALA A 99 -7.48 -3.31 -2.94
N ASP A 100 -6.38 -3.97 -3.33
CA ASP A 100 -6.09 -5.37 -2.98
C ASP A 100 -5.49 -5.55 -1.57
N LEU A 101 -4.54 -4.69 -1.19
CA LEU A 101 -3.89 -4.56 0.12
C LEU A 101 -4.89 -4.35 1.24
N VAL A 102 -5.72 -3.35 1.02
CA VAL A 102 -6.64 -2.76 1.97
C VAL A 102 -7.67 -3.81 2.32
N ALA A 103 -8.17 -4.49 1.28
CA ALA A 103 -9.02 -5.66 1.32
C ALA A 103 -8.39 -6.93 1.95
N ALA A 104 -7.15 -6.81 2.45
CA ALA A 104 -6.42 -7.79 3.22
C ALA A 104 -5.87 -7.24 4.56
N GLN A 105 -5.88 -5.92 4.76
CA GLN A 105 -5.61 -5.26 6.06
C GLN A 105 -6.71 -5.65 7.09
N LYS A 106 -7.88 -6.00 6.56
CA LYS A 106 -9.12 -6.45 7.21
C LYS A 106 -9.05 -7.88 7.80
N LEU A 107 -7.96 -8.62 7.55
CA LEU A 107 -7.78 -10.06 7.85
C LEU A 107 -6.81 -10.26 9.05
N MET A 1 -16.89 -17.38 40.01
CA MET A 1 -17.53 -18.50 40.76
C MET A 1 -16.47 -19.37 41.44
N HIS A 2 -16.74 -19.82 42.67
CA HIS A 2 -15.89 -20.74 43.44
C HIS A 2 -16.71 -21.64 44.38
N HIS A 3 -16.10 -22.74 44.86
CA HIS A 3 -16.71 -23.72 45.76
C HIS A 3 -18.06 -24.32 45.25
N HIS A 4 -18.80 -24.99 46.13
CA HIS A 4 -20.07 -25.69 45.83
C HIS A 4 -21.01 -25.73 47.06
N HIS A 5 -22.29 -26.00 46.82
CA HIS A 5 -23.37 -25.94 47.82
C HIS A 5 -23.93 -27.33 48.20
N HIS A 6 -23.58 -28.38 47.45
CA HIS A 6 -24.09 -29.75 47.58
C HIS A 6 -22.96 -30.79 47.46
N HIS A 7 -23.26 -32.06 47.72
CA HIS A 7 -22.29 -33.17 47.73
C HIS A 7 -22.84 -34.40 46.99
N GLY A 8 -21.94 -35.19 46.40
CA GLY A 8 -22.25 -36.37 45.58
C GLY A 8 -21.07 -36.79 44.69
N LYS A 9 -21.34 -37.70 43.74
CA LYS A 9 -20.39 -38.16 42.71
C LYS A 9 -21.06 -38.26 41.33
N PRO A 10 -20.33 -38.02 40.22
CA PRO A 10 -20.84 -38.17 38.86
C PRO A 10 -21.44 -39.56 38.56
N ILE A 11 -22.42 -39.61 37.66
CA ILE A 11 -22.96 -40.86 37.09
C ILE A 11 -21.87 -41.51 36.22
N PRO A 12 -21.74 -42.86 36.25
CA PRO A 12 -20.76 -43.61 35.46
C PRO A 12 -20.96 -43.39 33.95
N ASN A 13 -19.84 -43.36 33.20
CA ASN A 13 -19.81 -43.03 31.78
C ASN A 13 -20.63 -44.01 30.92
N PRO A 14 -21.58 -43.53 30.08
CA PRO A 14 -22.40 -44.38 29.21
C PRO A 14 -21.64 -44.92 28.00
N LEU A 15 -22.19 -45.95 27.35
CA LEU A 15 -21.70 -46.53 26.09
C LEU A 15 -22.04 -45.63 24.88
N LEU A 16 -21.45 -44.43 24.84
CA LEU A 16 -21.78 -43.35 23.89
C LEU A 16 -20.53 -42.57 23.46
N GLY A 17 -20.53 -42.09 22.21
CA GLY A 17 -19.42 -41.33 21.61
C GLY A 17 -19.82 -40.65 20.28
N LEU A 18 -21.04 -40.12 20.22
CA LEU A 18 -21.69 -39.61 19.00
C LEU A 18 -21.09 -38.32 18.38
N ASP A 19 -20.14 -37.67 19.05
CA ASP A 19 -19.61 -36.35 18.67
C ASP A 19 -18.09 -36.23 18.97
N SER A 20 -17.38 -35.50 18.09
CA SER A 20 -15.95 -35.16 18.18
C SER A 20 -15.65 -33.93 17.31
N THR A 21 -14.47 -33.32 17.47
CA THR A 21 -14.09 -32.05 16.83
C THR A 21 -12.68 -32.08 16.21
N GLU A 22 -12.44 -31.18 15.26
CA GLU A 22 -11.16 -30.97 14.55
C GLU A 22 -11.06 -29.51 14.08
N ASN A 23 -9.84 -28.99 13.87
CA ASN A 23 -9.57 -27.59 13.52
C ASN A 23 -8.38 -27.44 12.55
N LEU A 24 -8.39 -26.36 11.76
CA LEU A 24 -7.33 -25.97 10.82
C LEU A 24 -7.23 -24.44 10.76
N TYR A 25 -6.07 -23.89 11.14
CA TYR A 25 -5.85 -22.44 11.32
C TYR A 25 -4.43 -21.98 10.92
N PHE A 26 -3.64 -22.86 10.29
CA PHE A 26 -2.21 -22.62 9.98
C PHE A 26 -1.95 -21.65 8.80
N GLN A 27 -2.99 -21.14 8.14
CA GLN A 27 -2.94 -20.22 7.00
C GLN A 27 -4.02 -19.13 7.13
N GLY A 28 -3.86 -18.02 6.38
CA GLY A 28 -4.77 -16.86 6.42
C GLY A 28 -4.55 -15.94 7.63
N ILE A 29 -3.38 -16.03 8.28
CA ILE A 29 -3.00 -15.32 9.51
C ILE A 29 -1.62 -14.64 9.40
N ASP A 30 -1.10 -14.50 8.17
CA ASP A 30 0.24 -13.99 7.86
C ASP A 30 0.52 -12.59 8.43
N PRO A 31 1.72 -12.32 8.95
CA PRO A 31 2.07 -11.02 9.54
C PRO A 31 2.35 -9.93 8.49
N PHE A 32 2.49 -8.69 8.98
CA PHE A 32 2.96 -7.50 8.25
C PHE A 32 2.10 -7.01 7.05
N THR A 33 0.91 -7.58 6.82
CA THR A 33 0.03 -7.19 5.69
C THR A 33 -0.38 -5.72 5.72
N MET A 34 -0.69 -5.14 6.89
CA MET A 34 -0.93 -3.70 7.04
C MET A 34 0.36 -2.88 7.34
N SER A 35 1.47 -3.53 7.65
CA SER A 35 2.77 -2.83 7.66
C SER A 35 3.11 -2.48 6.20
N THR A 36 2.80 -3.41 5.29
CA THR A 36 2.81 -3.22 3.84
C THR A 36 1.79 -2.17 3.39
N LEU A 37 0.62 -2.04 4.03
CA LEU A 37 -0.28 -0.90 3.77
C LEU A 37 0.46 0.39 4.05
N GLN A 38 1.07 0.49 5.23
CA GLN A 38 1.61 1.76 5.67
C GLN A 38 2.82 2.21 4.83
N GLU A 39 3.53 1.25 4.22
CA GLU A 39 4.58 1.38 3.21
C GLU A 39 4.08 1.66 1.80
N LEU A 40 3.02 0.98 1.34
CA LEU A 40 2.48 1.10 -0.01
C LEU A 40 1.57 2.33 -0.16
N GLN A 41 0.77 2.67 0.85
CA GLN A 41 0.00 3.91 0.94
C GLN A 41 0.93 5.14 1.06
N GLU A 42 2.16 4.92 1.56
CA GLU A 42 3.26 5.90 1.53
C GLU A 42 3.95 5.93 0.15
N ASN A 43 4.13 4.78 -0.50
CA ASN A 43 4.62 4.69 -1.89
C ASN A 43 3.68 5.40 -2.87
N ILE A 44 2.37 5.24 -2.67
CA ILE A 44 1.31 5.99 -3.36
C ILE A 44 1.61 7.47 -3.23
N THR A 45 1.74 7.96 -2.00
CA THR A 45 1.88 9.39 -1.72
C THR A 45 3.21 9.94 -2.22
N ALA A 46 4.31 9.20 -2.10
CA ALA A 46 5.62 9.66 -2.61
C ALA A 46 5.68 9.61 -4.14
N HIS A 47 5.20 8.54 -4.77
CA HIS A 47 5.02 8.42 -6.20
C HIS A 47 3.91 9.36 -6.72
N GLU A 48 2.99 9.84 -5.87
CA GLU A 48 2.06 10.92 -6.22
C GLU A 48 2.78 12.27 -6.15
N GLN A 49 3.61 12.55 -5.13
CA GLN A 49 4.39 13.80 -5.05
C GLN A 49 5.43 13.86 -6.17
N GLN A 50 6.07 12.74 -6.50
CA GLN A 50 6.90 12.64 -7.70
C GLN A 50 6.04 12.80 -8.95
N LEU A 51 4.73 12.52 -8.89
CA LEU A 51 3.80 12.77 -9.99
C LEU A 51 3.35 14.23 -10.10
N VAL A 52 3.03 14.93 -9.01
CA VAL A 52 2.81 16.38 -9.03
C VAL A 52 4.04 17.09 -9.49
N THR A 53 5.20 16.64 -9.01
CA THR A 53 6.48 17.16 -9.42
C THR A 53 6.77 16.80 -10.86
N ALA A 54 6.37 15.63 -11.37
CA ALA A 54 6.45 15.34 -12.79
C ALA A 54 5.53 16.27 -13.61
N ARG A 55 4.35 16.66 -13.08
CA ARG A 55 3.55 17.72 -13.71
C ARG A 55 4.30 19.07 -13.69
N GLN A 56 4.89 19.42 -12.54
CA GLN A 56 5.70 20.61 -12.28
C GLN A 56 7.02 20.63 -13.08
N LYS A 57 7.56 19.47 -13.40
CA LYS A 57 8.73 19.24 -14.25
C LYS A 57 8.34 19.39 -15.71
N LEU A 58 7.19 18.85 -16.11
CA LEU A 58 6.64 19.10 -17.43
C LEU A 58 6.27 20.58 -17.62
N LYS A 59 5.81 21.30 -16.59
CA LYS A 59 5.62 22.76 -16.70
C LYS A 59 6.94 23.53 -16.89
N ASP A 60 8.05 23.03 -16.33
CA ASP A 60 9.41 23.54 -16.60
C ASP A 60 9.91 23.12 -18.01
N ALA A 61 9.37 22.06 -18.61
CA ALA A 61 9.58 21.72 -20.03
C ALA A 61 8.69 22.57 -20.96
N GLU A 62 7.48 22.95 -20.54
CA GLU A 62 6.66 23.93 -21.25
C GLU A 62 7.30 25.31 -21.17
N LYS A 63 7.91 25.63 -20.02
CA LYS A 63 8.75 26.81 -19.86
C LYS A 63 9.91 26.78 -20.86
N ALA A 64 10.47 25.61 -21.14
CA ALA A 64 11.58 25.46 -22.06
C ALA A 64 11.20 25.72 -23.53
N VAL A 65 10.02 25.29 -23.97
CA VAL A 65 9.47 25.67 -25.29
C VAL A 65 8.89 27.11 -25.29
N GLU A 66 8.52 27.67 -24.13
CA GLU A 66 8.20 29.10 -23.97
C GLU A 66 9.41 29.99 -24.24
N VAL A 67 10.56 29.51 -23.80
CA VAL A 67 11.78 30.31 -23.71
C VAL A 67 12.90 30.00 -24.69
N ASP A 68 12.95 28.78 -25.20
CA ASP A 68 13.82 28.40 -26.31
C ASP A 68 13.23 27.24 -27.15
N PRO A 69 12.18 27.50 -27.95
CA PRO A 69 11.39 26.53 -28.74
C PRO A 69 12.10 25.67 -29.80
N ASP A 70 13.21 25.01 -29.46
CA ASP A 70 13.79 23.97 -30.32
C ASP A 70 12.92 22.73 -30.23
N ASP A 71 12.86 21.93 -31.30
CA ASP A 71 11.97 20.75 -31.39
C ASP A 71 12.20 19.75 -30.27
N VAL A 72 13.40 19.78 -29.69
CA VAL A 72 13.76 19.08 -28.48
C VAL A 72 13.05 19.56 -27.24
N ASN A 73 12.85 20.86 -27.00
CA ASN A 73 12.23 21.32 -25.75
C ASN A 73 10.74 20.93 -25.73
N LYS A 74 10.16 20.76 -26.93
CA LYS A 74 8.82 20.19 -27.16
C LYS A 74 8.83 18.66 -27.00
N SER A 75 9.86 17.98 -27.50
CA SER A 75 10.08 16.51 -27.28
C SER A 75 10.44 16.14 -25.84
N THR A 76 11.14 17.04 -25.18
CA THR A 76 11.47 17.12 -23.76
C THR A 76 10.21 17.35 -22.96
N LEU A 77 9.22 18.01 -23.57
CA LEU A 77 7.90 18.00 -22.94
C LEU A 77 7.35 16.58 -22.97
N GLN A 78 7.34 15.94 -24.12
CA GLN A 78 6.84 14.56 -24.30
C GLN A 78 7.55 13.54 -23.42
N ASN A 79 8.79 13.82 -23.05
CA ASN A 79 9.63 13.12 -22.09
C ASN A 79 9.23 13.39 -20.62
N ARG A 80 8.98 14.64 -20.23
CA ARG A 80 8.48 14.93 -18.88
C ARG A 80 7.05 14.41 -18.69
N ARG A 81 6.24 14.55 -19.74
CA ARG A 81 4.91 13.98 -19.96
C ARG A 81 4.95 12.45 -20.00
N ALA A 82 6.05 11.87 -20.46
CA ALA A 82 6.32 10.43 -20.37
C ALA A 82 6.63 10.01 -18.92
N ALA A 83 7.28 10.85 -18.10
CA ALA A 83 7.36 10.58 -16.66
C ALA A 83 5.98 10.68 -16.04
N VAL A 84 5.19 11.74 -16.26
CA VAL A 84 3.80 11.79 -15.80
C VAL A 84 3.04 10.55 -16.23
N SER A 85 3.27 10.00 -17.42
CA SER A 85 2.68 8.74 -17.86
C SER A 85 3.23 7.50 -17.11
N THR A 86 4.53 7.46 -16.79
CA THR A 86 5.16 6.45 -15.90
C THR A 86 4.47 6.44 -14.54
N LEU A 87 4.44 7.64 -13.96
CA LEU A 87 3.94 8.02 -12.66
C LEU A 87 2.46 7.75 -12.53
N GLU A 88 1.69 8.08 -13.57
CA GLU A 88 0.25 7.87 -13.66
C GLU A 88 -0.08 6.37 -13.83
N THR A 89 0.68 5.63 -14.67
CA THR A 89 0.58 4.16 -14.78
C THR A 89 0.82 3.52 -13.44
N LYS A 90 1.91 3.95 -12.78
CA LYS A 90 2.20 3.55 -11.42
C LYS A 90 1.02 3.87 -10.55
N LEU A 91 0.59 5.11 -10.42
CA LEU A 91 -0.43 5.39 -9.43
C LEU A 91 -1.76 4.70 -9.68
N GLY A 92 -2.13 4.37 -10.92
CA GLY A 92 -3.28 3.50 -11.14
C GLY A 92 -2.99 2.08 -10.61
N GLU A 93 -1.88 1.46 -11.00
CA GLU A 93 -1.44 0.15 -10.49
C GLU A 93 -1.19 0.13 -8.97
N LEU A 94 -0.69 1.23 -8.40
CA LEU A 94 -0.33 1.50 -7.00
C LEU A 94 -1.59 1.67 -6.16
N LYS A 95 -2.50 2.56 -6.57
CA LYS A 95 -3.82 2.75 -5.93
C LYS A 95 -4.66 1.46 -6.02
N ARG A 96 -4.44 0.64 -7.06
CA ARG A 96 -4.99 -0.74 -7.19
C ARG A 96 -4.25 -1.78 -6.34
N GLN A 97 -2.94 -1.67 -6.12
CA GLN A 97 -2.26 -2.51 -5.12
C GLN A 97 -2.89 -2.22 -3.80
N LEU A 98 -3.13 -0.94 -3.49
CA LEU A 98 -3.90 -0.57 -2.32
C LEU A 98 -5.28 -1.18 -2.33
N ALA A 99 -6.08 -1.04 -3.36
CA ALA A 99 -7.42 -1.65 -3.34
C ALA A 99 -7.41 -3.18 -3.11
N ASP A 100 -6.32 -3.89 -3.42
CA ASP A 100 -6.11 -5.30 -3.05
C ASP A 100 -5.58 -5.47 -1.59
N LEU A 101 -4.59 -4.67 -1.20
CA LEU A 101 -4.00 -4.55 0.14
C LEU A 101 -5.04 -4.26 1.22
N VAL A 102 -5.81 -3.23 0.94
CA VAL A 102 -6.74 -2.58 1.83
C VAL A 102 -7.87 -3.55 2.10
N ALA A 103 -8.33 -4.21 1.05
CA ALA A 103 -9.27 -5.32 1.05
C ALA A 103 -8.73 -6.62 1.70
N ALA A 104 -7.56 -6.55 2.32
CA ALA A 104 -6.94 -7.57 3.16
C ALA A 104 -6.50 -7.02 4.54
N GLN A 105 -6.36 -5.69 4.72
CA GLN A 105 -6.18 -5.05 6.04
C GLN A 105 -7.37 -5.34 6.97
N LYS A 106 -8.54 -5.59 6.36
CA LYS A 106 -9.85 -5.90 6.95
C LYS A 106 -9.96 -7.31 7.57
N LEU A 107 -9.08 -8.24 7.16
CA LEU A 107 -9.14 -9.68 7.47
C LEU A 107 -8.45 -10.03 8.80
N MET A 1 -0.51 19.66 3.00
CA MET A 1 -0.48 20.91 3.81
C MET A 1 0.68 20.86 4.80
N HIS A 2 1.71 21.69 4.60
CA HIS A 2 2.93 21.72 5.45
C HIS A 2 2.65 22.03 6.94
N HIS A 3 1.58 22.77 7.23
CA HIS A 3 1.12 23.10 8.59
C HIS A 3 0.66 21.87 9.40
N HIS A 4 0.25 20.78 8.74
CA HIS A 4 -0.27 19.57 9.40
C HIS A 4 0.81 18.85 10.24
N HIS A 5 0.54 18.69 11.53
CA HIS A 5 1.38 17.98 12.51
C HIS A 5 0.50 17.22 13.52
N HIS A 6 0.96 16.04 13.98
CA HIS A 6 0.27 15.22 14.98
C HIS A 6 1.26 14.32 15.75
N HIS A 7 1.21 14.39 17.09
CA HIS A 7 2.05 13.63 18.03
C HIS A 7 3.59 13.73 17.76
N GLY A 8 4.39 12.90 18.44
CA GLY A 8 5.83 12.75 18.20
C GLY A 8 6.74 13.90 18.68
N LYS A 9 6.20 14.87 19.44
CA LYS A 9 6.93 16.04 19.96
C LYS A 9 8.10 15.62 20.87
N PRO A 10 9.35 16.07 20.61
CA PRO A 10 10.51 15.79 21.46
C PRO A 10 10.32 16.22 22.94
N ILE A 11 11.03 15.54 23.84
CA ILE A 11 11.09 15.84 25.28
C ILE A 11 12.43 15.34 25.87
N PRO A 12 13.10 16.15 26.72
CA PRO A 12 14.38 15.78 27.34
C PRO A 12 14.20 14.72 28.44
N ASN A 13 15.23 13.88 28.64
CA ASN A 13 15.31 12.94 29.75
C ASN A 13 15.53 13.68 31.08
N PRO A 14 14.88 13.28 32.19
CA PRO A 14 15.11 13.90 33.50
C PRO A 14 16.53 13.60 34.03
N LEU A 15 17.09 14.54 34.79
CA LEU A 15 18.44 14.49 35.39
C LEU A 15 19.58 14.04 34.42
N LEU A 16 19.45 14.36 33.12
CA LEU A 16 20.39 13.96 32.06
C LEU A 16 21.83 14.46 32.33
N GLY A 17 22.80 13.56 32.17
CA GLY A 17 24.23 13.82 32.35
C GLY A 17 25.13 12.71 31.79
N LEU A 18 24.71 12.07 30.69
CA LEU A 18 25.36 10.90 30.08
C LEU A 18 25.16 10.86 28.55
N ASP A 19 25.80 9.89 27.89
CA ASP A 19 25.71 9.63 26.44
C ASP A 19 25.63 8.11 26.13
N SER A 20 25.33 7.29 27.15
CA SER A 20 25.24 5.82 27.10
C SER A 20 24.19 5.30 26.11
N THR A 21 24.37 4.06 25.63
CA THR A 21 23.44 3.33 24.77
C THR A 21 23.52 1.81 24.99
N GLU A 22 22.49 1.07 24.59
CA GLU A 22 22.36 -0.39 24.74
C GLU A 22 21.41 -0.96 23.66
N ASN A 23 21.55 -2.25 23.34
CA ASN A 23 20.70 -2.98 22.40
C ASN A 23 19.21 -3.00 22.82
N LEU A 24 18.32 -3.28 21.86
CA LEU A 24 16.87 -3.42 22.06
C LEU A 24 16.35 -4.64 21.27
N TYR A 25 15.48 -5.43 21.90
CA TYR A 25 14.79 -6.55 21.26
C TYR A 25 13.72 -6.06 20.26
N PHE A 26 13.37 -6.90 19.28
CA PHE A 26 12.47 -6.57 18.17
C PHE A 26 11.63 -7.81 17.76
N GLN A 27 10.52 -7.59 17.06
CA GLN A 27 9.54 -8.62 16.68
C GLN A 27 9.05 -8.44 15.23
N GLY A 28 8.68 -9.55 14.58
CA GLY A 28 8.20 -9.57 13.19
C GLY A 28 7.38 -10.81 12.82
N ILE A 29 6.78 -11.49 13.80
CA ILE A 29 5.98 -12.71 13.61
C ILE A 29 4.53 -12.45 13.13
N ASP A 30 4.11 -11.18 13.05
CA ASP A 30 2.82 -10.76 12.51
C ASP A 30 2.68 -11.03 10.99
N PRO A 31 1.46 -11.06 10.43
CA PRO A 31 1.21 -11.15 8.97
C PRO A 31 1.86 -10.05 8.10
N PHE A 32 2.30 -8.93 8.70
CA PHE A 32 2.95 -7.76 8.06
C PHE A 32 2.10 -7.00 7.02
N THR A 33 0.91 -7.50 6.65
CA THR A 33 0.08 -6.94 5.56
C THR A 33 -0.22 -5.45 5.71
N MET A 34 -0.51 -4.95 6.93
CA MET A 34 -0.73 -3.51 7.14
C MET A 34 0.55 -2.70 7.41
N SER A 35 1.69 -3.34 7.70
CA SER A 35 2.98 -2.62 7.68
C SER A 35 3.29 -2.28 6.21
N THR A 36 2.98 -3.23 5.31
CA THR A 36 2.96 -3.02 3.87
C THR A 36 1.91 -2.01 3.43
N LEU A 37 0.74 -1.90 4.08
CA LEU A 37 -0.19 -0.77 3.82
C LEU A 37 0.51 0.53 4.08
N GLN A 38 1.12 0.65 5.26
CA GLN A 38 1.63 1.94 5.69
C GLN A 38 2.80 2.41 4.78
N GLU A 39 3.55 1.47 4.23
CA GLU A 39 4.58 1.60 3.19
C GLU A 39 4.02 1.90 1.79
N LEU A 40 2.99 1.19 1.34
CA LEU A 40 2.41 1.30 0.00
C LEU A 40 1.44 2.47 -0.16
N GLN A 41 0.64 2.79 0.85
CA GLN A 41 -0.20 4.00 0.94
C GLN A 41 0.69 5.26 1.02
N GLU A 42 1.91 5.12 1.54
CA GLU A 42 2.96 6.14 1.48
C GLU A 42 3.65 6.15 0.09
N ASN A 43 3.88 4.99 -0.52
CA ASN A 43 4.37 4.88 -1.90
C ASN A 43 3.41 5.53 -2.91
N ILE A 44 2.10 5.37 -2.71
CA ILE A 44 1.03 6.07 -3.43
C ILE A 44 1.32 7.55 -3.34
N THR A 45 1.42 8.07 -2.12
CA THR A 45 1.54 9.49 -1.82
C THR A 45 2.87 10.07 -2.29
N ALA A 46 3.98 9.34 -2.24
CA ALA A 46 5.28 9.81 -2.73
C ALA A 46 5.42 9.69 -4.25
N HIS A 47 4.86 8.64 -4.86
CA HIS A 47 4.74 8.51 -6.31
C HIS A 47 3.62 9.44 -6.84
N GLU A 48 2.68 9.90 -5.99
CA GLU A 48 1.75 10.97 -6.35
C GLU A 48 2.47 12.32 -6.29
N GLN A 49 3.29 12.59 -5.27
CA GLN A 49 4.08 13.82 -5.19
C GLN A 49 5.14 13.87 -6.30
N GLN A 50 5.78 12.76 -6.62
CA GLN A 50 6.61 12.66 -7.82
C GLN A 50 5.75 12.83 -9.07
N LEU A 51 4.45 12.56 -9.01
CA LEU A 51 3.51 12.81 -10.11
C LEU A 51 3.08 14.27 -10.23
N VAL A 52 2.78 14.99 -9.14
CA VAL A 52 2.57 16.45 -9.15
C VAL A 52 3.81 17.15 -9.61
N THR A 53 4.97 16.69 -9.11
CA THR A 53 6.26 17.20 -9.50
C THR A 53 6.53 16.84 -10.94
N ALA A 54 6.12 15.68 -11.47
CA ALA A 54 6.20 15.37 -12.90
C ALA A 54 5.29 16.31 -13.71
N ARG A 55 4.12 16.71 -13.19
CA ARG A 55 3.32 17.77 -13.83
C ARG A 55 4.09 19.11 -13.82
N GLN A 56 4.69 19.44 -12.67
CA GLN A 56 5.53 20.62 -12.41
C GLN A 56 6.84 20.62 -13.23
N LYS A 57 7.36 19.42 -13.54
CA LYS A 57 8.55 19.17 -14.36
C LYS A 57 8.20 19.33 -15.82
N LEU A 58 7.01 18.85 -16.22
CA LEU A 58 6.49 19.12 -17.55
C LEU A 58 6.18 20.61 -17.72
N LYS A 59 5.69 21.31 -16.69
CA LYS A 59 5.55 22.78 -16.78
C LYS A 59 6.91 23.50 -16.86
N ASP A 60 7.96 22.96 -16.25
CA ASP A 60 9.36 23.41 -16.42
C ASP A 60 9.92 23.04 -17.82
N ALA A 61 9.37 22.04 -18.51
CA ALA A 61 9.64 21.74 -19.93
C ALA A 61 8.85 22.67 -20.88
N GLU A 62 7.63 23.08 -20.52
CA GLU A 62 6.90 24.14 -21.25
C GLU A 62 7.63 25.46 -21.10
N LYS A 63 8.14 25.69 -19.88
CA LYS A 63 9.05 26.79 -19.55
C LYS A 63 10.36 26.70 -20.32
N ALA A 64 10.73 25.54 -20.88
CA ALA A 64 11.88 25.40 -21.79
C ALA A 64 11.59 25.74 -23.26
N VAL A 65 10.48 25.27 -23.82
CA VAL A 65 10.00 25.72 -25.15
C VAL A 65 9.58 27.21 -25.12
N GLU A 66 9.31 27.78 -23.94
CA GLU A 66 9.15 29.23 -23.71
C GLU A 66 10.47 29.99 -24.01
N VAL A 67 11.58 29.49 -23.46
CA VAL A 67 12.89 30.18 -23.44
C VAL A 67 13.74 29.92 -24.66
N ASP A 68 13.71 28.69 -25.17
CA ASP A 68 14.49 28.27 -26.32
C ASP A 68 13.80 27.13 -27.09
N PRO A 69 12.76 27.44 -27.89
CA PRO A 69 11.90 26.51 -28.64
C PRO A 69 12.57 25.63 -29.72
N ASP A 70 13.60 24.88 -29.36
CA ASP A 70 14.14 23.83 -30.22
C ASP A 70 13.20 22.62 -30.17
N ASP A 71 13.12 21.84 -31.25
CA ASP A 71 12.18 20.70 -31.36
C ASP A 71 12.32 19.70 -30.21
N VAL A 72 13.53 19.63 -29.66
CA VAL A 72 13.83 18.91 -28.44
C VAL A 72 13.15 19.44 -27.21
N ASN A 73 13.03 20.75 -26.95
CA ASN A 73 12.44 21.23 -25.71
C ASN A 73 10.92 20.93 -25.71
N LYS A 74 10.35 20.77 -26.91
CA LYS A 74 8.97 20.30 -27.13
C LYS A 74 8.86 18.77 -26.99
N SER A 75 9.84 18.00 -27.48
CA SER A 75 9.97 16.54 -27.25
C SER A 75 10.33 16.16 -25.81
N THR A 76 11.08 17.03 -25.16
CA THR A 76 11.41 17.08 -23.74
C THR A 76 10.14 17.36 -22.97
N LEU A 77 9.20 18.07 -23.57
CA LEU A 77 7.87 18.12 -22.97
C LEU A 77 7.22 16.75 -23.04
N GLN A 78 7.18 16.15 -24.23
CA GLN A 78 6.61 14.82 -24.48
C GLN A 78 7.23 13.70 -23.63
N ASN A 79 8.46 13.91 -23.20
CA ASN A 79 9.25 13.14 -22.25
C ASN A 79 8.89 13.40 -20.78
N ARG A 80 8.72 14.66 -20.34
CA ARG A 80 8.22 14.93 -18.99
C ARG A 80 6.78 14.46 -18.82
N ARG A 81 5.98 14.66 -19.87
CA ARG A 81 4.64 14.14 -20.10
C ARG A 81 4.62 12.62 -20.17
N ALA A 82 5.70 12.00 -20.66
CA ALA A 82 5.92 10.56 -20.58
C ALA A 82 6.22 10.10 -19.13
N ALA A 83 6.93 10.89 -18.31
CA ALA A 83 7.04 10.59 -16.87
C ALA A 83 5.67 10.70 -16.21
N VAL A 84 4.89 11.76 -16.42
CA VAL A 84 3.49 11.83 -15.93
C VAL A 84 2.73 10.59 -16.35
N SER A 85 2.95 10.05 -17.54
CA SER A 85 2.36 8.77 -17.95
C SER A 85 2.91 7.54 -17.19
N THR A 86 4.22 7.47 -16.91
CA THR A 86 4.86 6.47 -16.00
C THR A 86 4.18 6.48 -14.64
N LEU A 87 4.16 7.68 -14.07
CA LEU A 87 3.68 8.05 -12.76
C LEU A 87 2.17 7.77 -12.62
N GLU A 88 1.40 8.12 -13.65
CA GLU A 88 -0.04 7.91 -13.73
C GLU A 88 -0.35 6.40 -13.88
N THR A 89 0.40 5.66 -14.71
CA THR A 89 0.31 4.18 -14.82
C THR A 89 0.57 3.55 -13.47
N LYS A 90 1.67 3.98 -12.84
CA LYS A 90 1.99 3.58 -11.48
C LYS A 90 0.81 3.87 -10.61
N LEU A 91 0.34 5.09 -10.47
CA LEU A 91 -0.67 5.35 -9.47
C LEU A 91 -1.98 4.62 -9.70
N GLY A 92 -2.39 4.31 -10.94
CA GLY A 92 -3.52 3.41 -11.13
C GLY A 92 -3.21 2.01 -10.60
N GLU A 93 -2.06 1.43 -11.00
CA GLU A 93 -1.59 0.12 -10.52
C GLU A 93 -1.30 0.10 -8.99
N LEU A 94 -0.81 1.21 -8.43
CA LEU A 94 -0.44 1.47 -7.03
C LEU A 94 -1.68 1.60 -6.17
N LYS A 95 -2.63 2.44 -6.58
CA LYS A 95 -3.94 2.59 -5.94
C LYS A 95 -4.73 1.26 -6.01
N ARG A 96 -4.50 0.44 -7.05
CA ARG A 96 -4.99 -0.96 -7.15
C ARG A 96 -4.21 -1.95 -6.28
N GLN A 97 -2.89 -1.78 -6.08
CA GLN A 97 -2.16 -2.56 -5.07
C GLN A 97 -2.79 -2.30 -3.74
N LEU A 98 -3.10 -1.03 -3.45
CA LEU A 98 -3.87 -0.70 -2.27
C LEU A 98 -5.23 -1.38 -2.25
N ALA A 99 -6.06 -1.29 -3.28
CA ALA A 99 -7.35 -1.97 -3.23
C ALA A 99 -7.25 -3.50 -2.98
N ASP A 100 -6.14 -4.15 -3.31
CA ASP A 100 -5.84 -5.54 -2.92
C ASP A 100 -5.28 -5.67 -1.48
N LEU A 101 -4.34 -4.80 -1.10
CA LEU A 101 -3.74 -4.63 0.23
C LEU A 101 -4.77 -4.41 1.31
N VAL A 102 -5.60 -3.42 1.03
CA VAL A 102 -6.56 -2.83 1.95
C VAL A 102 -7.61 -3.87 2.26
N ALA A 103 -8.06 -4.56 1.21
CA ALA A 103 -8.92 -5.73 1.25
C ALA A 103 -8.32 -6.98 1.92
N ALA A 104 -7.12 -6.84 2.49
CA ALA A 104 -6.42 -7.82 3.32
C ALA A 104 -6.00 -7.24 4.70
N GLN A 105 -5.90 -5.91 4.85
CA GLN A 105 -5.74 -5.22 6.15
C GLN A 105 -6.90 -5.56 7.12
N LYS A 106 -8.07 -5.86 6.53
CA LYS A 106 -9.36 -6.24 7.15
C LYS A 106 -9.38 -7.64 7.79
N LEU A 107 -8.41 -8.50 7.46
CA LEU A 107 -8.39 -9.94 7.78
C LEU A 107 -7.68 -10.23 9.12
N MET A 1 -14.63 -53.00 40.87
CA MET A 1 -14.55 -53.58 39.51
C MET A 1 -13.37 -54.55 39.38
N HIS A 2 -13.40 -55.43 38.37
CA HIS A 2 -12.47 -56.56 38.19
C HIS A 2 -11.03 -56.18 37.72
N HIS A 3 -10.77 -54.90 37.46
CA HIS A 3 -9.51 -54.40 36.85
C HIS A 3 -9.10 -53.02 37.40
N HIS A 4 -7.82 -52.68 37.30
CA HIS A 4 -7.30 -51.35 37.66
C HIS A 4 -7.77 -50.23 36.70
N HIS A 5 -8.21 -50.57 35.49
CA HIS A 5 -8.66 -49.62 34.47
C HIS A 5 -9.85 -48.76 34.95
N HIS A 6 -9.75 -47.45 34.70
CA HIS A 6 -10.75 -46.41 35.03
C HIS A 6 -10.52 -45.17 34.14
N HIS A 7 -11.44 -44.19 34.20
CA HIS A 7 -11.31 -42.92 33.45
C HIS A 7 -11.88 -41.70 34.19
N GLY A 8 -12.98 -41.85 34.96
CA GLY A 8 -13.56 -40.75 35.78
C GLY A 8 -13.96 -39.51 34.98
N LYS A 9 -14.54 -39.70 33.79
CA LYS A 9 -14.85 -38.65 32.79
C LYS A 9 -15.67 -37.47 33.36
N PRO A 10 -15.41 -36.23 32.91
CA PRO A 10 -16.15 -35.04 33.33
C PRO A 10 -17.57 -35.00 32.78
N ILE A 11 -18.37 -34.04 33.27
CA ILE A 11 -19.80 -33.85 32.93
C ILE A 11 -19.98 -32.42 32.36
N PRO A 12 -20.78 -32.26 31.28
CA PRO A 12 -21.00 -31.00 30.59
C PRO A 12 -21.84 -30.00 31.40
N ASN A 13 -21.81 -28.73 30.97
CA ASN A 13 -22.60 -27.62 31.53
C ASN A 13 -22.96 -26.60 30.41
N PRO A 14 -23.94 -25.69 30.61
CA PRO A 14 -24.47 -24.84 29.53
C PRO A 14 -23.58 -23.65 29.13
N LEU A 15 -22.48 -23.37 29.85
CA LEU A 15 -21.54 -22.26 29.63
C LEU A 15 -22.21 -20.85 29.55
N LEU A 16 -21.45 -19.85 29.12
CA LEU A 16 -21.90 -18.45 28.97
C LEU A 16 -21.24 -17.78 27.74
N GLY A 17 -19.91 -17.82 27.65
CA GLY A 17 -19.14 -17.35 26.48
C GLY A 17 -17.61 -17.40 26.70
N LEU A 18 -16.85 -17.27 25.60
CA LEU A 18 -15.37 -17.29 25.59
C LEU A 18 -14.81 -16.56 24.36
N ASP A 19 -13.68 -15.87 24.50
CA ASP A 19 -13.07 -15.05 23.45
C ASP A 19 -12.53 -15.83 22.22
N SER A 20 -12.28 -17.14 22.37
CA SER A 20 -11.86 -18.03 21.29
C SER A 20 -12.93 -18.12 20.19
N THR A 21 -14.11 -18.65 20.50
CA THR A 21 -15.24 -18.77 19.58
C THR A 21 -15.80 -17.41 19.11
N GLU A 22 -15.59 -16.34 19.90
CA GLU A 22 -15.98 -14.98 19.53
C GLU A 22 -15.18 -14.43 18.32
N ASN A 23 -13.86 -14.67 18.27
CA ASN A 23 -12.99 -14.12 17.21
C ASN A 23 -11.67 -14.89 16.99
N LEU A 24 -10.99 -15.33 18.06
CA LEU A 24 -9.63 -15.88 18.00
C LEU A 24 -9.53 -17.32 17.44
N TYR A 25 -10.65 -17.97 17.13
CA TYR A 25 -10.74 -19.35 16.61
C TYR A 25 -9.98 -19.62 15.30
N PHE A 26 -9.65 -18.59 14.51
CA PHE A 26 -8.92 -18.71 13.24
C PHE A 26 -8.02 -17.50 12.96
N GLN A 27 -6.87 -17.76 12.34
CA GLN A 27 -5.92 -16.77 11.78
C GLN A 27 -5.27 -17.36 10.51
N GLY A 28 -4.80 -16.49 9.60
CA GLY A 28 -4.14 -16.95 8.36
C GLY A 28 -3.51 -15.87 7.45
N ILE A 29 -3.53 -14.58 7.84
CA ILE A 29 -2.85 -13.50 7.10
C ILE A 29 -1.34 -13.67 7.05
N ASP A 30 -0.70 -13.14 5.99
CA ASP A 30 0.76 -13.12 5.86
C ASP A 30 1.42 -12.16 6.89
N PRO A 31 2.66 -12.43 7.32
CA PRO A 31 3.45 -11.50 8.12
C PRO A 31 3.53 -10.08 7.51
N PHE A 32 3.51 -9.07 8.37
CA PHE A 32 3.72 -7.64 8.03
C PHE A 32 2.75 -7.06 6.97
N THR A 33 1.60 -7.69 6.71
CA THR A 33 0.65 -7.30 5.64
C THR A 33 0.18 -5.85 5.70
N MET A 34 -0.06 -5.28 6.90
CA MET A 34 -0.37 -3.84 7.04
C MET A 34 0.86 -2.95 7.28
N SER A 35 2.04 -3.50 7.56
CA SER A 35 3.29 -2.70 7.49
C SER A 35 3.51 -2.36 6.02
N THR A 36 3.20 -3.31 5.13
CA THR A 36 3.11 -3.14 3.68
C THR A 36 2.03 -2.13 3.30
N LEU A 37 0.88 -2.07 3.99
CA LEU A 37 -0.09 -0.97 3.79
C LEU A 37 0.59 0.36 4.03
N GLN A 38 1.25 0.48 5.17
CA GLN A 38 1.75 1.78 5.60
C GLN A 38 2.86 2.28 4.65
N GLU A 39 3.67 1.36 4.12
CA GLU A 39 4.65 1.56 3.03
C GLU A 39 4.00 1.86 1.69
N LEU A 40 2.98 1.13 1.27
CA LEU A 40 2.40 1.24 -0.06
C LEU A 40 1.43 2.42 -0.19
N GLN A 41 0.65 2.72 0.86
CA GLN A 41 -0.16 3.94 0.99
C GLN A 41 0.73 5.20 1.07
N GLU A 42 1.95 5.05 1.56
CA GLU A 42 3.01 6.07 1.50
C GLU A 42 3.66 6.11 0.10
N ASN A 43 3.87 4.96 -0.54
CA ASN A 43 4.37 4.85 -1.91
C ASN A 43 3.43 5.55 -2.90
N ILE A 44 2.13 5.36 -2.72
CA ILE A 44 1.04 6.09 -3.40
C ILE A 44 1.32 7.58 -3.29
N THR A 45 1.43 8.09 -2.07
CA THR A 45 1.55 9.53 -1.82
C THR A 45 2.87 10.10 -2.32
N ALA A 46 3.99 9.38 -2.15
CA ALA A 46 5.29 9.84 -2.63
C ALA A 46 5.40 9.78 -4.17
N HIS A 47 4.86 8.74 -4.79
CA HIS A 47 4.69 8.60 -6.22
C HIS A 47 3.57 9.51 -6.76
N GLU A 48 2.64 9.99 -5.92
CA GLU A 48 1.71 11.06 -6.32
C GLU A 48 2.43 12.41 -6.25
N GLN A 49 3.26 12.68 -5.25
CA GLN A 49 4.08 13.91 -5.17
C GLN A 49 5.13 13.93 -6.29
N GLN A 50 5.73 12.79 -6.62
CA GLN A 50 6.57 12.67 -7.82
C GLN A 50 5.71 12.83 -9.07
N LEU A 51 4.40 12.57 -9.01
CA LEU A 51 3.47 12.85 -10.10
C LEU A 51 3.08 14.32 -10.22
N VAL A 52 2.79 15.04 -9.12
CA VAL A 52 2.63 16.50 -9.13
C VAL A 52 3.89 17.17 -9.60
N THR A 53 5.04 16.67 -9.14
CA THR A 53 6.33 17.15 -9.55
C THR A 53 6.54 16.80 -11.00
N ALA A 54 6.17 15.62 -11.50
CA ALA A 54 6.23 15.33 -12.93
C ALA A 54 5.34 16.29 -13.73
N ARG A 55 4.18 16.72 -13.19
CA ARG A 55 3.39 17.81 -13.80
C ARG A 55 4.20 19.10 -13.83
N GLN A 56 4.83 19.44 -12.70
CA GLN A 56 5.68 20.61 -12.48
C GLN A 56 6.98 20.59 -13.32
N LYS A 57 7.54 19.41 -13.57
CA LYS A 57 8.70 19.19 -14.44
C LYS A 57 8.27 19.34 -15.90
N LEU A 58 7.08 18.83 -16.28
CA LEU A 58 6.54 19.09 -17.62
C LEU A 58 6.15 20.56 -17.81
N LYS A 59 5.70 21.29 -16.77
CA LYS A 59 5.54 22.76 -16.86
C LYS A 59 6.88 23.51 -16.98
N ASP A 60 7.95 23.02 -16.37
CA ASP A 60 9.32 23.51 -16.55
C ASP A 60 9.91 23.14 -17.93
N ALA A 61 9.41 22.07 -18.57
CA ALA A 61 9.72 21.77 -19.97
C ALA A 61 8.84 22.60 -20.94
N GLU A 62 7.61 22.97 -20.57
CA GLU A 62 6.81 23.95 -21.33
C GLU A 62 7.47 25.31 -21.23
N LYS A 63 8.00 25.64 -20.04
CA LYS A 63 8.85 26.80 -19.83
C LYS A 63 10.06 26.75 -20.77
N ALA A 64 10.60 25.58 -21.04
CA ALA A 64 11.77 25.42 -21.91
C ALA A 64 11.45 25.69 -23.39
N VAL A 65 10.29 25.26 -23.90
CA VAL A 65 9.81 25.67 -25.23
C VAL A 65 9.26 27.11 -25.26
N GLU A 66 8.84 27.67 -24.11
CA GLU A 66 8.53 29.11 -23.95
C GLU A 66 9.77 29.98 -24.15
N VAL A 67 10.90 29.49 -23.67
CA VAL A 67 12.11 30.27 -23.51
C VAL A 67 13.28 29.95 -24.42
N ASP A 68 13.34 28.73 -24.93
CA ASP A 68 14.27 28.35 -25.98
C ASP A 68 13.72 27.20 -26.87
N PRO A 69 12.71 27.48 -27.72
CA PRO A 69 11.93 26.53 -28.55
C PRO A 69 12.68 25.67 -29.59
N ASP A 70 13.75 24.96 -29.21
CA ASP A 70 14.35 23.93 -30.05
C ASP A 70 13.44 22.71 -30.05
N ASP A 71 13.41 21.95 -31.15
CA ASP A 71 12.49 20.81 -31.34
C ASP A 71 12.62 19.75 -30.24
N VAL A 72 13.78 19.72 -29.59
CA VAL A 72 14.05 18.97 -28.39
C VAL A 72 13.27 19.47 -27.19
N ASN A 73 13.18 20.77 -26.88
CA ASN A 73 12.50 21.22 -25.67
C ASN A 73 10.99 20.88 -25.73
N LYS A 74 10.47 20.73 -26.95
CA LYS A 74 9.11 20.23 -27.26
C LYS A 74 9.01 18.70 -27.18
N SER A 75 10.09 17.96 -27.45
CA SER A 75 10.22 16.49 -27.28
C SER A 75 10.51 16.07 -25.82
N THR A 76 11.35 16.84 -25.16
CA THR A 76 11.68 16.90 -23.74
C THR A 76 10.41 17.17 -22.98
N LEU A 77 9.46 17.88 -23.61
CA LEU A 77 8.14 17.94 -23.03
C LEU A 77 7.48 16.57 -23.00
N GLN A 78 7.41 15.89 -24.13
CA GLN A 78 6.82 14.56 -24.31
C GLN A 78 7.48 13.50 -23.44
N ASN A 79 8.74 13.71 -23.08
CA ASN A 79 9.53 12.97 -22.11
C ASN A 79 9.12 13.25 -20.65
N ARG A 80 8.92 14.53 -20.28
CA ARG A 80 8.43 14.90 -18.94
C ARG A 80 6.97 14.46 -18.73
N ARG A 81 6.18 14.65 -19.78
CA ARG A 81 4.81 14.18 -19.98
C ARG A 81 4.75 12.64 -20.06
N ALA A 82 5.83 11.99 -20.50
CA ALA A 82 6.01 10.54 -20.42
C ALA A 82 6.31 10.10 -18.97
N ALA A 83 7.00 10.90 -18.15
CA ALA A 83 7.08 10.62 -16.71
C ALA A 83 5.69 10.75 -16.10
N VAL A 84 4.92 11.80 -16.36
CA VAL A 84 3.50 11.87 -15.91
C VAL A 84 2.75 10.63 -16.34
N SER A 85 2.96 10.09 -17.53
CA SER A 85 2.34 8.82 -17.96
C SER A 85 2.87 7.59 -17.19
N THR A 86 4.17 7.52 -16.88
CA THR A 86 4.78 6.52 -15.97
C THR A 86 4.09 6.53 -14.61
N LEU A 87 4.06 7.74 -14.04
CA LEU A 87 3.58 8.12 -12.73
C LEU A 87 2.07 7.87 -12.61
N GLU A 88 1.31 8.21 -13.64
CA GLU A 88 -0.13 8.02 -13.73
C GLU A 88 -0.48 6.52 -13.88
N THR A 89 0.26 5.77 -14.71
CA THR A 89 0.16 4.30 -14.82
C THR A 89 0.41 3.65 -13.49
N LYS A 90 1.53 4.05 -12.85
CA LYS A 90 1.85 3.64 -11.50
C LYS A 90 0.69 3.94 -10.61
N LEU A 91 0.25 5.17 -10.46
CA LEU A 91 -0.76 5.45 -9.46
C LEU A 91 -2.09 4.76 -9.68
N GLY A 92 -2.50 4.45 -10.91
CA GLY A 92 -3.65 3.57 -11.09
C GLY A 92 -3.35 2.16 -10.57
N GLU A 93 -2.23 1.56 -10.98
CA GLU A 93 -1.77 0.24 -10.50
C GLU A 93 -1.45 0.21 -8.99
N LEU A 94 -0.97 1.33 -8.42
CA LEU A 94 -0.57 1.58 -7.03
C LEU A 94 -1.81 1.70 -6.15
N LYS A 95 -2.75 2.57 -6.55
CA LYS A 95 -4.05 2.74 -5.87
C LYS A 95 -4.86 1.43 -5.94
N ARG A 96 -4.68 0.61 -6.99
CA ARG A 96 -5.20 -0.77 -7.09
C ARG A 96 -4.41 -1.79 -6.26
N GLN A 97 -3.09 -1.66 -6.11
CA GLN A 97 -2.33 -2.48 -5.12
C GLN A 97 -2.94 -2.23 -3.78
N LEU A 98 -3.23 -0.96 -3.46
CA LEU A 98 -3.95 -0.65 -2.24
C LEU A 98 -5.31 -1.32 -2.19
N ALA A 99 -6.17 -1.19 -3.18
CA ALA A 99 -7.46 -1.88 -3.10
C ALA A 99 -7.37 -3.41 -2.90
N ASP A 100 -6.27 -4.07 -3.28
CA ASP A 100 -5.97 -5.46 -2.93
C ASP A 100 -5.38 -5.64 -1.52
N LEU A 101 -4.42 -4.80 -1.15
CA LEU A 101 -3.78 -4.67 0.18
C LEU A 101 -4.79 -4.46 1.29
N VAL A 102 -5.60 -3.43 1.07
CA VAL A 102 -6.51 -2.84 2.02
C VAL A 102 -7.58 -3.87 2.35
N ALA A 103 -8.04 -4.55 1.29
CA ALA A 103 -8.93 -5.70 1.33
C ALA A 103 -8.33 -6.98 1.94
N ALA A 104 -7.13 -6.87 2.53
CA ALA A 104 -6.45 -7.86 3.35
C ALA A 104 -6.00 -7.31 4.72
N GLN A 105 -5.88 -5.98 4.89
CA GLN A 105 -5.67 -5.33 6.18
C GLN A 105 -6.85 -5.61 7.16
N LYS A 106 -8.03 -5.86 6.59
CA LYS A 106 -9.32 -6.16 7.22
C LYS A 106 -9.38 -7.55 7.90
N LEU A 107 -8.62 -8.51 7.38
CA LEU A 107 -8.66 -9.94 7.73
C LEU A 107 -8.08 -10.24 9.12
N MET A 1 -3.96 -60.71 -14.22
CA MET A 1 -5.12 -59.95 -13.67
C MET A 1 -5.55 -60.52 -12.33
N HIS A 2 -6.16 -59.69 -11.47
CA HIS A 2 -6.61 -60.03 -10.11
C HIS A 2 -8.00 -59.44 -9.81
N HIS A 3 -8.64 -59.93 -8.73
CA HIS A 3 -10.01 -59.59 -8.34
C HIS A 3 -10.15 -59.44 -6.81
N HIS A 4 -11.27 -58.86 -6.36
CA HIS A 4 -11.59 -58.62 -4.95
C HIS A 4 -13.12 -58.63 -4.72
N HIS A 5 -13.57 -58.48 -3.46
CA HIS A 5 -14.99 -58.45 -3.08
C HIS A 5 -15.28 -57.35 -2.05
N HIS A 6 -16.52 -56.85 -2.04
CA HIS A 6 -16.95 -55.68 -1.25
C HIS A 6 -18.37 -55.85 -0.71
N HIS A 7 -18.69 -55.13 0.36
CA HIS A 7 -19.92 -55.29 1.15
C HIS A 7 -20.49 -53.94 1.64
N GLY A 8 -21.71 -53.96 2.21
CA GLY A 8 -22.43 -52.76 2.67
C GLY A 8 -21.89 -52.12 3.95
N LYS A 9 -22.45 -50.95 4.29
CA LYS A 9 -22.14 -50.15 5.49
C LYS A 9 -22.48 -50.87 6.81
N PRO A 10 -21.80 -50.50 7.92
CA PRO A 10 -22.07 -51.06 9.24
C PRO A 10 -23.45 -50.67 9.81
N ILE A 11 -23.85 -51.32 10.91
CA ILE A 11 -25.16 -51.13 11.57
C ILE A 11 -25.39 -49.68 12.09
N PRO A 12 -26.67 -49.29 12.31
CA PRO A 12 -27.07 -48.01 12.92
C PRO A 12 -26.39 -47.66 14.25
N ASN A 13 -26.46 -46.38 14.63
CA ASN A 13 -25.88 -45.81 15.85
C ASN A 13 -26.77 -44.69 16.44
N PRO A 14 -26.63 -44.38 17.73
CA PRO A 14 -27.30 -43.24 18.37
C PRO A 14 -26.68 -41.89 17.93
N LEU A 15 -27.25 -40.78 18.40
CA LEU A 15 -26.87 -39.41 18.01
C LEU A 15 -25.40 -39.04 18.31
N LEU A 16 -24.81 -39.63 19.36
CA LEU A 16 -23.45 -39.33 19.87
C LEU A 16 -23.20 -37.81 20.07
N GLY A 17 -24.20 -37.10 20.60
CA GLY A 17 -24.19 -35.66 20.85
C GLY A 17 -25.17 -35.22 21.95
N LEU A 18 -25.13 -33.94 22.31
CA LEU A 18 -25.86 -33.33 23.43
C LEU A 18 -26.24 -31.87 23.13
N ASP A 19 -27.33 -31.38 23.73
CA ASP A 19 -27.80 -30.00 23.61
C ASP A 19 -26.71 -28.95 23.90
N SER A 20 -26.40 -28.12 22.90
CA SER A 20 -25.30 -27.15 22.89
C SER A 20 -25.65 -25.88 22.09
N THR A 21 -24.94 -24.78 22.33
CA THR A 21 -25.03 -23.53 21.54
C THR A 21 -23.69 -22.78 21.55
N GLU A 22 -23.51 -21.87 20.58
CA GLU A 22 -22.27 -21.08 20.36
C GLU A 22 -22.60 -19.67 19.87
N ASN A 23 -21.68 -18.72 20.09
CA ASN A 23 -21.77 -17.32 19.66
C ASN A 23 -20.37 -16.72 19.44
N LEU A 24 -20.29 -15.55 18.78
CA LEU A 24 -19.07 -14.80 18.49
C LEU A 24 -19.24 -13.32 18.86
N TYR A 25 -18.22 -12.76 19.51
CA TYR A 25 -18.20 -11.39 20.05
C TYR A 25 -16.79 -10.76 20.01
N PHE A 26 -15.90 -11.33 19.19
CA PHE A 26 -14.47 -11.04 19.12
C PHE A 26 -13.92 -11.23 17.70
N GLN A 27 -12.69 -10.74 17.44
CA GLN A 27 -11.99 -10.81 16.16
C GLN A 27 -10.46 -10.77 16.35
N GLY A 28 -9.71 -10.82 15.24
CA GLY A 28 -8.23 -10.73 15.22
C GLY A 28 -7.68 -10.11 13.94
N ILE A 29 -6.35 -9.95 13.88
CA ILE A 29 -5.60 -9.29 12.80
C ILE A 29 -4.15 -9.79 12.77
N ASP A 30 -3.43 -9.56 11.67
CA ASP A 30 -1.98 -9.77 11.55
C ASP A 30 -1.29 -8.48 11.05
N PRO A 31 -0.08 -8.15 11.55
CA PRO A 31 0.53 -6.85 11.30
C PRO A 31 1.14 -6.70 9.90
N PHE A 32 1.76 -7.76 9.34
CA PHE A 32 2.57 -7.69 8.12
C PHE A 32 1.84 -7.08 6.92
N THR A 33 0.58 -7.47 6.67
CA THR A 33 -0.22 -6.92 5.56
C THR A 33 -0.44 -5.42 5.69
N MET A 34 -0.66 -4.90 6.91
CA MET A 34 -0.77 -3.45 7.14
C MET A 34 0.57 -2.74 7.34
N SER A 35 1.68 -3.43 7.63
CA SER A 35 3.01 -2.81 7.55
C SER A 35 3.28 -2.47 6.08
N THR A 36 2.89 -3.39 5.19
CA THR A 36 2.84 -3.17 3.74
C THR A 36 1.83 -2.10 3.34
N LEU A 37 0.67 -1.97 4.00
CA LEU A 37 -0.22 -0.81 3.78
C LEU A 37 0.52 0.48 4.06
N GLN A 38 1.17 0.55 5.21
CA GLN A 38 1.73 1.81 5.65
C GLN A 38 2.89 2.27 4.75
N GLU A 39 3.60 1.32 4.15
CA GLU A 39 4.61 1.45 3.09
C GLU A 39 4.01 1.80 1.72
N LEU A 40 2.96 1.12 1.29
CA LEU A 40 2.37 1.26 -0.05
C LEU A 40 1.40 2.44 -0.18
N GLN A 41 0.61 2.74 0.85
CA GLN A 41 -0.22 3.96 0.96
C GLN A 41 0.67 5.21 1.07
N GLU A 42 1.90 5.05 1.57
CA GLU A 42 2.96 6.06 1.53
C GLU A 42 3.63 6.10 0.15
N ASN A 43 3.85 4.95 -0.49
CA ASN A 43 4.34 4.86 -1.88
C ASN A 43 3.39 5.56 -2.86
N ILE A 44 2.09 5.36 -2.70
CA ILE A 44 1.02 6.09 -3.38
C ILE A 44 1.30 7.58 -3.26
N THR A 45 1.42 8.07 -2.03
CA THR A 45 1.56 9.49 -1.75
C THR A 45 2.88 10.07 -2.24
N ALA A 46 3.99 9.36 -2.13
CA ALA A 46 5.30 9.82 -2.60
C ALA A 46 5.43 9.75 -4.13
N HIS A 47 4.92 8.70 -4.74
CA HIS A 47 4.75 8.55 -6.19
C HIS A 47 3.62 9.47 -6.71
N GLU A 48 2.70 9.95 -5.86
CA GLU A 48 1.76 11.02 -6.24
C GLU A 48 2.47 12.37 -6.16
N GLN A 49 3.30 12.64 -5.16
CA GLN A 49 4.10 13.87 -5.06
C GLN A 49 5.15 13.95 -6.16
N GLN A 50 5.80 12.84 -6.52
CA GLN A 50 6.61 12.84 -7.75
C GLN A 50 5.71 12.89 -8.98
N LEU A 51 4.42 12.56 -8.90
CA LEU A 51 3.50 12.80 -10.00
C LEU A 51 3.12 14.28 -10.13
N VAL A 52 2.84 15.00 -9.04
CA VAL A 52 2.67 16.46 -9.06
C VAL A 52 3.94 17.13 -9.52
N THR A 53 5.09 16.66 -9.04
CA THR A 53 6.37 17.15 -9.46
C THR A 53 6.60 16.80 -10.91
N ALA A 54 6.21 15.63 -11.42
CA ALA A 54 6.28 15.34 -12.85
C ALA A 54 5.39 16.28 -13.66
N ARG A 55 4.22 16.69 -13.12
CA ARG A 55 3.43 17.76 -13.76
C ARG A 55 4.22 19.09 -13.76
N GLN A 56 4.89 19.39 -12.65
CA GLN A 56 5.71 20.58 -12.40
C GLN A 56 7.03 20.59 -13.20
N LYS A 57 7.64 19.43 -13.44
CA LYS A 57 8.80 19.24 -14.30
C LYS A 57 8.36 19.37 -15.75
N LEU A 58 7.17 18.86 -16.11
CA LEU A 58 6.62 19.12 -17.44
C LEU A 58 6.26 20.59 -17.64
N LYS A 59 5.77 21.31 -16.62
CA LYS A 59 5.60 22.76 -16.74
C LYS A 59 6.95 23.51 -16.88
N ASP A 60 8.02 22.99 -16.28
CA ASP A 60 9.41 23.46 -16.50
C ASP A 60 9.94 23.10 -17.92
N ALA A 61 9.40 22.06 -18.57
CA ALA A 61 9.65 21.75 -19.98
C ALA A 61 8.80 22.63 -20.93
N GLU A 62 7.59 23.01 -20.55
CA GLU A 62 6.81 24.03 -21.29
C GLU A 62 7.50 25.39 -21.17
N LYS A 63 8.01 25.66 -19.97
CA LYS A 63 8.89 26.79 -19.67
C LYS A 63 10.19 26.73 -20.46
N ALA A 64 10.60 25.58 -20.99
CA ALA A 64 11.73 25.45 -21.90
C ALA A 64 11.42 25.76 -23.38
N VAL A 65 10.31 25.23 -23.92
CA VAL A 65 9.81 25.64 -25.25
C VAL A 65 9.35 27.12 -25.25
N GLU A 66 9.07 27.70 -24.08
CA GLU A 66 8.86 29.14 -23.87
C GLU A 66 10.14 29.94 -24.20
N VAL A 67 11.29 29.50 -23.67
CA VAL A 67 12.57 30.23 -23.68
C VAL A 67 13.43 29.95 -24.90
N ASP A 68 13.42 28.71 -25.38
CA ASP A 68 14.20 28.28 -26.53
C ASP A 68 13.53 27.11 -27.26
N PRO A 69 12.48 27.38 -28.06
CA PRO A 69 11.64 26.41 -28.78
C PRO A 69 12.33 25.52 -29.85
N ASP A 70 13.42 24.85 -29.51
CA ASP A 70 13.98 23.80 -30.36
C ASP A 70 13.08 22.57 -30.25
N ASP A 71 12.99 21.75 -31.31
CA ASP A 71 12.08 20.60 -31.37
C ASP A 71 12.30 19.60 -30.24
N VAL A 72 13.50 19.61 -29.66
CA VAL A 72 13.85 18.93 -28.44
C VAL A 72 13.16 19.45 -27.21
N ASN A 73 12.99 20.74 -26.97
CA ASN A 73 12.39 21.23 -25.72
C ASN A 73 10.90 20.88 -25.70
N LYS A 74 10.30 20.73 -26.90
CA LYS A 74 8.95 20.19 -27.12
C LYS A 74 8.92 18.66 -26.96
N SER A 75 9.91 17.94 -27.48
CA SER A 75 10.10 16.49 -27.26
C SER A 75 10.43 16.09 -25.82
N THR A 76 11.15 16.98 -25.15
CA THR A 76 11.48 17.07 -23.73
C THR A 76 10.22 17.32 -22.95
N LEU A 77 9.24 18.02 -23.55
CA LEU A 77 7.93 18.04 -22.94
C LEU A 77 7.32 16.64 -22.98
N GLN A 78 7.30 16.00 -24.14
CA GLN A 78 6.77 14.64 -24.32
C GLN A 78 7.44 13.58 -23.44
N ASN A 79 8.70 13.84 -23.07
CA ASN A 79 9.50 13.10 -22.10
C ASN A 79 9.09 13.38 -20.64
N ARG A 80 8.86 14.63 -20.25
CA ARG A 80 8.36 14.93 -18.90
C ARG A 80 6.91 14.44 -18.73
N ARG A 81 6.12 14.60 -19.79
CA ARG A 81 4.78 14.05 -20.01
C ARG A 81 4.79 12.52 -20.05
N ALA A 82 5.89 11.92 -20.51
CA ALA A 82 6.13 10.48 -20.41
C ALA A 82 6.44 10.06 -18.95
N ALA A 83 7.10 10.90 -18.14
CA ALA A 83 7.18 10.63 -16.69
C ALA A 83 5.80 10.76 -16.07
N VAL A 84 5.03 11.80 -16.31
CA VAL A 84 3.62 11.86 -15.84
C VAL A 84 2.86 10.63 -16.26
N SER A 85 3.07 10.09 -17.47
CA SER A 85 2.48 8.82 -17.88
C SER A 85 3.02 7.59 -17.12
N THR A 86 4.31 7.54 -16.78
CA THR A 86 4.94 6.56 -15.86
C THR A 86 4.26 6.58 -14.50
N LEU A 87 4.26 7.78 -13.92
CA LEU A 87 3.76 8.17 -12.61
C LEU A 87 2.26 7.89 -12.51
N GLU A 88 1.51 8.20 -13.56
CA GLU A 88 0.07 7.98 -13.68
C GLU A 88 -0.27 6.48 -13.84
N THR A 89 0.48 5.74 -14.68
CA THR A 89 0.38 4.27 -14.81
C THR A 89 0.62 3.61 -13.46
N LYS A 90 1.71 4.04 -12.81
CA LYS A 90 2.01 3.65 -11.45
C LYS A 90 0.83 3.96 -10.59
N LEU A 91 0.39 5.19 -10.45
CA LEU A 91 -0.63 5.47 -9.45
C LEU A 91 -1.95 4.77 -9.70
N GLY A 92 -2.34 4.47 -10.94
CA GLY A 92 -3.47 3.60 -11.16
C GLY A 92 -3.19 2.19 -10.62
N GLU A 93 -2.06 1.58 -11.01
CA GLU A 93 -1.65 0.27 -10.48
C GLU A 93 -1.36 0.25 -8.97
N LEU A 94 -0.86 1.35 -8.40
CA LEU A 94 -0.49 1.60 -7.01
C LEU A 94 -1.75 1.71 -6.17
N LYS A 95 -2.70 2.57 -6.60
CA LYS A 95 -4.01 2.72 -5.97
C LYS A 95 -4.81 1.40 -6.06
N ARG A 96 -4.60 0.58 -7.13
CA ARG A 96 -5.12 -0.80 -7.24
C ARG A 96 -4.34 -1.82 -6.39
N GLN A 97 -3.04 -1.66 -6.15
CA GLN A 97 -2.31 -2.47 -5.15
C GLN A 97 -2.97 -2.22 -3.83
N LEU A 98 -3.23 -0.95 -3.50
CA LEU A 98 -3.98 -0.61 -2.32
C LEU A 98 -5.32 -1.28 -2.27
N ALA A 99 -6.16 -1.22 -3.29
CA ALA A 99 -7.45 -1.90 -3.22
C ALA A 99 -7.35 -3.43 -2.97
N ASP A 100 -6.25 -4.09 -3.34
CA ASP A 100 -5.96 -5.48 -2.96
C ASP A 100 -5.38 -5.62 -1.54
N LEU A 101 -4.44 -4.75 -1.16
CA LEU A 101 -3.82 -4.59 0.16
C LEU A 101 -4.84 -4.36 1.25
N VAL A 102 -5.67 -3.38 1.00
CA VAL A 102 -6.60 -2.78 1.92
C VAL A 102 -7.67 -3.81 2.25
N ALA A 103 -8.14 -4.48 1.21
CA ALA A 103 -9.03 -5.64 1.24
C ALA A 103 -8.42 -6.90 1.90
N ALA A 104 -7.17 -6.81 2.36
CA ALA A 104 -6.46 -7.80 3.15
C ALA A 104 -6.01 -7.28 4.54
N GLN A 105 -5.92 -5.96 4.74
CA GLN A 105 -5.72 -5.31 6.05
C GLN A 105 -6.86 -5.66 7.02
N LYS A 106 -8.03 -5.99 6.46
CA LYS A 106 -9.30 -6.37 7.10
C LYS A 106 -9.33 -7.80 7.66
N LEU A 107 -8.36 -8.64 7.30
CA LEU A 107 -8.33 -10.10 7.55
C LEU A 107 -7.53 -10.49 8.81
N MET A 1 -43.10 -38.32 69.39
CA MET A 1 -42.12 -39.45 69.26
C MET A 1 -40.70 -38.90 69.07
N HIS A 2 -40.35 -38.47 67.85
CA HIS A 2 -39.07 -37.79 67.57
C HIS A 2 -38.96 -36.43 68.31
N HIS A 3 -37.74 -35.96 68.57
CA HIS A 3 -37.46 -34.70 69.28
C HIS A 3 -36.11 -34.06 68.88
N HIS A 4 -35.04 -34.86 68.85
CA HIS A 4 -33.67 -34.42 68.51
C HIS A 4 -32.85 -35.59 67.92
N HIS A 5 -31.86 -35.27 67.08
CA HIS A 5 -31.01 -36.25 66.37
C HIS A 5 -29.56 -35.76 66.26
N HIS A 6 -28.61 -36.70 66.21
CA HIS A 6 -27.17 -36.41 66.06
C HIS A 6 -26.85 -35.78 64.69
N HIS A 7 -25.89 -34.85 64.66
CA HIS A 7 -25.44 -34.09 63.47
C HIS A 7 -23.92 -33.84 63.50
N GLY A 8 -23.35 -33.48 62.33
CA GLY A 8 -21.91 -33.22 62.15
C GLY A 8 -21.46 -31.79 62.52
N LYS A 9 -20.20 -31.49 62.22
CA LYS A 9 -19.51 -30.22 62.53
C LYS A 9 -18.68 -29.69 61.34
N PRO A 10 -18.46 -28.37 61.25
CA PRO A 10 -17.68 -27.75 60.17
C PRO A 10 -16.18 -28.08 60.23
N ILE A 11 -15.44 -27.72 59.17
CA ILE A 11 -14.01 -28.01 58.96
C ILE A 11 -13.31 -26.85 58.22
N PRO A 12 -12.04 -26.53 58.57
CA PRO A 12 -11.19 -25.56 57.85
C PRO A 12 -11.06 -25.78 56.33
N ASN A 13 -10.59 -24.75 55.63
CA ASN A 13 -10.35 -24.74 54.18
C ASN A 13 -9.10 -23.90 53.84
N PRO A 14 -8.26 -24.31 52.88
CA PRO A 14 -7.08 -23.55 52.46
C PRO A 14 -7.42 -22.27 51.70
N LEU A 15 -6.40 -21.44 51.43
CA LEU A 15 -6.50 -20.12 50.78
C LEU A 15 -5.60 -19.97 49.54
N LEU A 16 -4.91 -21.06 49.15
CA LEU A 16 -4.01 -21.14 47.98
C LEU A 16 -3.95 -22.59 47.44
N GLY A 17 -3.20 -22.82 46.34
CA GLY A 17 -3.01 -24.16 45.78
C GLY A 17 -2.24 -24.27 44.46
N LEU A 18 -2.09 -23.16 43.70
CA LEU A 18 -1.39 -23.14 42.41
C LEU A 18 -0.67 -21.80 42.13
N ASP A 19 0.09 -21.76 41.03
CA ASP A 19 0.86 -20.60 40.54
C ASP A 19 1.02 -20.68 39.00
N SER A 20 1.33 -19.56 38.34
CA SER A 20 1.42 -19.46 36.87
C SER A 20 2.47 -18.45 36.37
N THR A 21 2.89 -18.60 35.10
CA THR A 21 4.00 -17.85 34.46
C THR A 21 3.73 -17.48 32.99
N GLU A 22 2.47 -17.55 32.55
CA GLU A 22 2.04 -17.33 31.15
C GLU A 22 2.45 -15.94 30.59
N ASN A 23 2.86 -15.92 29.31
CA ASN A 23 3.28 -14.72 28.57
C ASN A 23 3.00 -14.89 27.06
N LEU A 24 2.71 -13.80 26.34
CA LEU A 24 2.32 -13.77 24.92
C LEU A 24 2.86 -12.51 24.20
N TYR A 25 2.99 -12.59 22.87
CA TYR A 25 3.43 -11.51 21.99
C TYR A 25 2.68 -11.52 20.65
N PHE A 26 2.56 -10.35 20.01
CA PHE A 26 1.72 -10.11 18.83
C PHE A 26 2.31 -9.08 17.83
N GLN A 27 3.38 -8.40 18.21
CA GLN A 27 3.99 -7.24 17.55
C GLN A 27 4.57 -7.48 16.14
N GLY A 28 4.82 -8.73 15.73
CA GLY A 28 5.56 -9.05 14.51
C GLY A 28 5.26 -10.43 13.88
N ILE A 29 4.02 -10.93 14.06
CA ILE A 29 3.61 -12.29 13.62
C ILE A 29 2.39 -12.29 12.68
N ASP A 30 1.75 -11.14 12.45
CA ASP A 30 0.52 -10.99 11.65
C ASP A 30 0.25 -9.57 11.08
N PRO A 31 0.47 -8.48 11.84
CA PRO A 31 0.48 -7.08 11.37
C PRO A 31 1.24 -6.75 10.07
N PHE A 32 2.19 -7.58 9.63
CA PHE A 32 3.05 -7.31 8.47
C PHE A 32 2.30 -6.97 7.17
N THR A 33 1.12 -7.55 6.94
CA THR A 33 0.24 -7.20 5.80
C THR A 33 -0.20 -5.73 5.81
N MET A 34 -0.38 -5.12 6.99
CA MET A 34 -0.61 -3.68 7.11
C MET A 34 0.68 -2.86 7.32
N SER A 35 1.82 -3.47 7.70
CA SER A 35 3.10 -2.75 7.62
C SER A 35 3.36 -2.42 6.14
N THR A 36 2.99 -3.36 5.25
CA THR A 36 2.93 -3.19 3.81
C THR A 36 1.89 -2.13 3.39
N LEU A 37 0.72 -2.04 4.04
CA LEU A 37 -0.21 -0.91 3.82
C LEU A 37 0.50 0.40 4.09
N GLN A 38 1.17 0.51 5.23
CA GLN A 38 1.69 1.78 5.66
C GLN A 38 2.81 2.26 4.72
N GLU A 39 3.64 1.34 4.24
CA GLU A 39 4.63 1.51 3.16
C GLU A 39 3.99 1.84 1.81
N LEU A 40 2.97 1.11 1.37
CA LEU A 40 2.41 1.23 0.03
C LEU A 40 1.46 2.42 -0.12
N GLN A 41 0.67 2.75 0.90
CA GLN A 41 -0.15 3.96 1.00
C GLN A 41 0.73 5.22 1.10
N GLU A 42 1.96 5.08 1.61
CA GLU A 42 3.01 6.11 1.56
C GLU A 42 3.70 6.13 0.18
N ASN A 43 3.91 4.97 -0.44
CA ASN A 43 4.42 4.84 -1.81
C ASN A 43 3.50 5.53 -2.82
N ILE A 44 2.19 5.34 -2.67
CA ILE A 44 1.13 6.05 -3.37
C ILE A 44 1.40 7.55 -3.26
N THR A 45 1.51 8.06 -2.03
CA THR A 45 1.62 9.48 -1.76
C THR A 45 2.95 10.07 -2.24
N ALA A 46 4.06 9.35 -2.11
CA ALA A 46 5.36 9.82 -2.56
C ALA A 46 5.49 9.77 -4.10
N HIS A 47 4.96 8.70 -4.72
CA HIS A 47 4.80 8.57 -6.16
C HIS A 47 3.67 9.48 -6.70
N GLU A 48 2.74 9.96 -5.86
CA GLU A 48 1.80 11.02 -6.25
C GLU A 48 2.50 12.38 -6.19
N GLN A 49 3.33 12.67 -5.16
CA GLN A 49 4.13 13.90 -5.10
C GLN A 49 5.19 13.95 -6.20
N GLN A 50 5.81 12.81 -6.52
CA GLN A 50 6.64 12.69 -7.71
C GLN A 50 5.80 12.84 -8.97
N LEU A 51 4.48 12.60 -8.90
CA LEU A 51 3.56 12.83 -10.01
C LEU A 51 3.15 14.30 -10.15
N VAL A 52 2.83 15.02 -9.06
CA VAL A 52 2.64 16.47 -9.09
C VAL A 52 3.91 17.15 -9.56
N THR A 53 5.05 16.67 -9.07
CA THR A 53 6.34 17.16 -9.47
C THR A 53 6.58 16.79 -10.90
N ALA A 54 6.21 15.61 -11.41
CA ALA A 54 6.29 15.31 -12.84
C ALA A 54 5.40 16.26 -13.67
N ARG A 55 4.23 16.67 -13.15
CA ARG A 55 3.44 17.75 -13.79
C ARG A 55 4.23 19.07 -13.79
N GLN A 56 4.88 19.39 -12.67
CA GLN A 56 5.71 20.58 -12.42
C GLN A 56 7.03 20.57 -13.22
N LYS A 57 7.63 19.41 -13.46
CA LYS A 57 8.80 19.20 -14.31
C LYS A 57 8.38 19.34 -15.76
N LEU A 58 7.18 18.85 -16.13
CA LEU A 58 6.63 19.10 -17.47
C LEU A 58 6.28 20.58 -17.65
N LYS A 59 5.79 21.29 -16.65
CA LYS A 59 5.61 22.74 -16.75
C LYS A 59 6.95 23.50 -16.87
N ASP A 60 8.03 22.98 -16.29
CA ASP A 60 9.41 23.45 -16.51
C ASP A 60 9.95 23.10 -17.91
N ALA A 61 9.42 22.05 -18.56
CA ALA A 61 9.67 21.73 -19.98
C ALA A 61 8.83 22.62 -20.92
N GLU A 62 7.61 23.01 -20.55
CA GLU A 62 6.84 24.03 -21.28
C GLU A 62 7.51 25.39 -21.14
N LYS A 63 8.05 25.65 -19.94
CA LYS A 63 8.91 26.79 -19.66
C LYS A 63 10.18 26.77 -20.49
N ALA A 64 10.62 25.63 -21.02
CA ALA A 64 11.74 25.52 -21.95
C ALA A 64 11.41 25.83 -23.42
N VAL A 65 10.31 25.29 -23.95
CA VAL A 65 9.78 25.69 -25.28
C VAL A 65 9.29 27.16 -25.27
N GLU A 66 9.01 27.72 -24.09
CA GLU A 66 8.77 29.16 -23.87
C GLU A 66 10.02 30.00 -24.20
N VAL A 67 11.19 29.58 -23.69
CA VAL A 67 12.46 30.33 -23.69
C VAL A 67 13.31 30.09 -24.92
N ASP A 68 13.33 28.85 -25.40
CA ASP A 68 14.11 28.45 -26.55
C ASP A 68 13.46 27.25 -27.28
N PRO A 69 12.40 27.51 -28.07
CA PRO A 69 11.59 26.51 -28.79
C PRO A 69 12.29 25.63 -29.85
N ASP A 70 13.39 24.95 -29.48
CA ASP A 70 13.97 23.91 -30.30
C ASP A 70 13.07 22.67 -30.21
N ASP A 71 13.01 21.87 -31.29
CA ASP A 71 12.08 20.73 -31.37
C ASP A 71 12.28 19.73 -30.24
N VAL A 72 13.49 19.69 -29.69
CA VAL A 72 13.82 18.98 -28.46
C VAL A 72 13.14 19.50 -27.22
N ASN A 73 12.98 20.79 -26.97
CA ASN A 73 12.37 21.28 -25.72
C ASN A 73 10.87 20.93 -25.71
N LYS A 74 10.30 20.75 -26.91
CA LYS A 74 8.94 20.22 -27.13
C LYS A 74 8.91 18.69 -26.98
N SER A 75 9.89 17.95 -27.51
CA SER A 75 10.07 16.49 -27.28
C SER A 75 10.42 16.13 -25.83
N THR A 76 11.15 17.00 -25.18
CA THR A 76 11.47 17.07 -23.76
C THR A 76 10.22 17.32 -22.97
N LEU A 77 9.25 18.01 -23.56
CA LEU A 77 7.93 18.03 -22.95
C LEU A 77 7.32 16.64 -22.99
N GLN A 78 7.31 15.99 -24.15
CA GLN A 78 6.77 14.64 -24.35
C GLN A 78 7.43 13.58 -23.48
N ASN A 79 8.69 13.82 -23.11
CA ASN A 79 9.50 13.08 -22.16
C ASN A 79 9.09 13.34 -20.69
N ARG A 80 8.87 14.60 -20.29
CA ARG A 80 8.37 14.89 -18.94
C ARG A 80 6.92 14.40 -18.76
N ARG A 81 6.12 14.58 -19.80
CA ARG A 81 4.78 14.04 -20.02
C ARG A 81 4.77 12.51 -20.08
N ALA A 82 5.86 11.91 -20.55
CA ALA A 82 6.10 10.47 -20.47
C ALA A 82 6.39 10.03 -19.02
N ALA A 83 7.10 10.83 -18.20
CA ALA A 83 7.19 10.55 -16.76
C ALA A 83 5.80 10.68 -16.11
N VAL A 84 5.04 11.74 -16.35
CA VAL A 84 3.64 11.82 -15.85
C VAL A 84 2.87 10.57 -16.28
N SER A 85 3.10 10.02 -17.47
CA SER A 85 2.50 8.74 -17.88
C SER A 85 3.04 7.52 -17.10
N THR A 86 4.35 7.45 -16.80
CA THR A 86 4.96 6.46 -15.88
C THR A 86 4.27 6.49 -14.53
N LEU A 87 4.25 7.69 -13.97
CA LEU A 87 3.76 8.07 -12.67
C LEU A 87 2.26 7.82 -12.54
N GLU A 88 1.50 8.15 -13.58
CA GLU A 88 0.06 7.93 -13.68
C GLU A 88 -0.27 6.42 -13.83
N THR A 89 0.50 5.68 -14.66
CA THR A 89 0.40 4.20 -14.78
C THR A 89 0.65 3.55 -13.44
N LYS A 90 1.74 3.98 -12.79
CA LYS A 90 2.04 3.59 -11.42
C LYS A 90 0.86 3.90 -10.56
N LEU A 91 0.41 5.13 -10.43
CA LEU A 91 -0.62 5.39 -9.44
C LEU A 91 -1.94 4.68 -9.68
N GLY A 92 -2.31 4.34 -10.91
CA GLY A 92 -3.46 3.45 -11.11
C GLY A 92 -3.15 2.05 -10.59
N GLU A 93 -2.01 1.46 -10.98
CA GLU A 93 -1.54 0.14 -10.50
C GLU A 93 -1.26 0.11 -8.99
N LEU A 94 -0.78 1.22 -8.41
CA LEU A 94 -0.41 1.49 -7.01
C LEU A 94 -1.66 1.64 -6.17
N LYS A 95 -2.59 2.52 -6.57
CA LYS A 95 -3.90 2.68 -5.92
C LYS A 95 -4.72 1.37 -6.00
N ARG A 96 -4.50 0.54 -7.03
CA ARG A 96 -5.01 -0.85 -7.13
C ARG A 96 -4.25 -1.83 -6.25
N GLN A 97 -2.92 -1.74 -6.10
CA GLN A 97 -2.21 -2.53 -5.07
C GLN A 97 -2.85 -2.24 -3.75
N LEU A 98 -3.14 -0.97 -3.46
CA LEU A 98 -3.90 -0.63 -2.28
C LEU A 98 -5.27 -1.25 -2.25
N ALA A 99 -6.10 -1.13 -3.28
CA ALA A 99 -7.42 -1.76 -3.24
C ALA A 99 -7.37 -3.29 -3.00
N ASP A 100 -6.28 -3.98 -3.35
CA ASP A 100 -6.03 -5.38 -2.98
C ASP A 100 -5.48 -5.55 -1.55
N LEU A 101 -4.50 -4.73 -1.16
CA LEU A 101 -3.89 -4.61 0.17
C LEU A 101 -4.91 -4.36 1.26
N VAL A 102 -5.71 -3.34 1.01
CA VAL A 102 -6.64 -2.71 1.92
C VAL A 102 -7.73 -3.73 2.23
N ALA A 103 -8.21 -4.38 1.17
CA ALA A 103 -9.14 -5.50 1.18
C ALA A 103 -8.58 -6.80 1.81
N ALA A 104 -7.35 -6.74 2.35
CA ALA A 104 -6.68 -7.77 3.12
C ALA A 104 -6.23 -7.28 4.52
N GLN A 105 -6.05 -5.97 4.72
CA GLN A 105 -5.84 -5.33 6.04
C GLN A 105 -7.00 -5.64 7.01
N LYS A 106 -8.19 -5.86 6.44
CA LYS A 106 -9.48 -6.19 7.08
C LYS A 106 -9.58 -7.60 7.67
N LEU A 107 -8.77 -8.54 7.17
CA LEU A 107 -8.84 -9.98 7.43
C LEU A 107 -8.25 -10.39 8.80
N MET A 1 10.25 -66.34 34.69
CA MET A 1 8.78 -66.12 34.76
C MET A 1 8.12 -67.19 35.62
N HIS A 2 7.08 -66.83 36.38
CA HIS A 2 6.31 -67.74 37.25
C HIS A 2 4.84 -67.28 37.37
N HIS A 3 3.97 -68.15 37.91
CA HIS A 3 2.53 -67.90 38.09
C HIS A 3 2.17 -66.75 39.05
N HIS A 4 3.13 -66.33 39.90
CA HIS A 4 3.00 -65.21 40.84
C HIS A 4 4.38 -64.55 41.08
N HIS A 5 4.40 -63.39 41.74
CA HIS A 5 5.61 -62.58 41.99
C HIS A 5 5.53 -61.80 43.31
N HIS A 6 6.68 -61.30 43.79
CA HIS A 6 6.79 -60.51 45.02
C HIS A 6 6.07 -59.15 44.94
N HIS A 7 5.82 -58.53 46.11
CA HIS A 7 5.22 -57.21 46.24
C HIS A 7 6.12 -56.08 45.67
N GLY A 8 5.52 -54.92 45.42
CA GLY A 8 6.20 -53.71 44.93
C GLY A 8 5.25 -52.51 44.77
N LYS A 9 5.79 -51.33 44.45
CA LYS A 9 5.05 -50.06 44.31
C LYS A 9 5.56 -49.23 43.11
N PRO A 10 4.68 -48.48 42.43
CA PRO A 10 5.05 -47.59 41.34
C PRO A 10 5.72 -46.29 41.83
N ILE A 11 6.27 -45.50 40.89
CA ILE A 11 6.84 -44.17 41.12
C ILE A 11 6.61 -43.26 39.90
N PRO A 12 6.26 -41.96 40.09
CA PRO A 12 6.08 -40.98 39.01
C PRO A 12 7.29 -40.88 38.06
N ASN A 13 7.01 -40.72 36.76
CA ASN A 13 8.01 -40.49 35.71
C ASN A 13 7.38 -39.74 34.51
N PRO A 14 8.03 -38.69 33.97
CA PRO A 14 7.47 -37.88 32.89
C PRO A 14 7.66 -38.52 31.51
N LEU A 15 6.62 -38.45 30.66
CA LEU A 15 6.66 -38.82 29.23
C LEU A 15 5.83 -37.85 28.36
N LEU A 16 4.61 -37.51 28.80
CA LEU A 16 3.63 -36.67 28.08
C LEU A 16 2.83 -35.80 29.07
N GLY A 17 2.09 -34.82 28.55
CA GLY A 17 1.20 -33.93 29.31
C GLY A 17 0.38 -32.99 28.43
N LEU A 18 -0.53 -32.23 29.04
CA LEU A 18 -1.42 -31.27 28.38
C LEU A 18 -1.78 -30.11 29.34
N ASP A 19 -1.94 -28.90 28.79
CA ASP A 19 -2.35 -27.69 29.50
C ASP A 19 -3.12 -26.71 28.56
N SER A 20 -3.76 -25.70 29.15
CA SER A 20 -4.67 -24.76 28.46
C SER A 20 -4.01 -23.96 27.32
N THR A 21 -4.82 -23.59 26.32
CA THR A 21 -4.42 -22.83 25.11
C THR A 21 -5.47 -21.78 24.74
N GLU A 22 -5.16 -20.92 23.76
CA GLU A 22 -5.96 -19.77 23.32
C GLU A 22 -6.27 -19.76 21.81
N ASN A 23 -5.78 -20.77 21.07
CA ASN A 23 -5.95 -20.97 19.63
C ASN A 23 -5.70 -19.70 18.76
N LEU A 24 -4.66 -18.93 19.09
CA LEU A 24 -4.26 -17.70 18.38
C LEU A 24 -3.77 -17.90 16.92
N TYR A 25 -3.72 -19.15 16.45
CA TYR A 25 -3.22 -19.59 15.13
C TYR A 25 -4.16 -19.24 13.95
N PHE A 26 -4.83 -18.09 13.99
CA PHE A 26 -5.80 -17.62 13.00
C PHE A 26 -5.20 -17.57 11.57
N GLN A 27 -5.99 -17.94 10.57
CA GLN A 27 -5.54 -18.05 9.17
C GLN A 27 -5.14 -16.69 8.56
N GLY A 28 -4.08 -16.70 7.74
CA GLY A 28 -3.58 -15.55 6.98
C GLY A 28 -2.21 -15.83 6.34
N ILE A 29 -1.90 -15.14 5.23
CA ILE A 29 -0.65 -15.35 4.47
C ILE A 29 0.60 -14.80 5.18
N ASP A 30 0.46 -13.66 5.90
CA ASP A 30 1.52 -13.00 6.68
C ASP A 30 0.91 -12.15 7.82
N PRO A 31 1.63 -11.93 8.94
CA PRO A 31 1.15 -11.12 10.06
C PRO A 31 1.31 -9.59 9.87
N PHE A 32 1.89 -9.14 8.75
CA PHE A 32 2.31 -7.75 8.49
C PHE A 32 1.60 -7.09 7.29
N THR A 33 0.46 -7.62 6.84
CA THR A 33 -0.32 -7.10 5.71
C THR A 33 -0.63 -5.61 5.79
N MET A 34 -0.96 -5.06 6.98
CA MET A 34 -1.16 -3.62 7.15
C MET A 34 0.13 -2.82 7.44
N SER A 35 1.24 -3.45 7.79
CA SER A 35 2.54 -2.74 7.80
C SER A 35 2.89 -2.42 6.35
N THR A 36 2.58 -3.36 5.44
CA THR A 36 2.61 -3.18 3.99
C THR A 36 1.61 -2.11 3.52
N LEU A 37 0.42 -1.98 4.13
CA LEU A 37 -0.47 -0.83 3.86
C LEU A 37 0.25 0.46 4.15
N GLN A 38 0.84 0.55 5.34
CA GLN A 38 1.37 1.83 5.79
C GLN A 38 2.56 2.27 4.91
N GLU A 39 3.35 1.31 4.42
CA GLU A 39 4.40 1.46 3.39
C GLU A 39 3.83 1.80 2.01
N LEU A 40 2.82 1.09 1.52
CA LEU A 40 2.32 1.22 0.15
C LEU A 40 1.40 2.43 -0.02
N GLN A 41 0.59 2.78 0.97
CA GLN A 41 -0.22 4.00 1.03
C GLN A 41 0.69 5.25 1.14
N GLU A 42 1.89 5.10 1.70
CA GLU A 42 2.96 6.10 1.67
C GLU A 42 3.71 6.09 0.32
N ASN A 43 3.93 4.91 -0.28
CA ASN A 43 4.50 4.76 -1.64
C ASN A 43 3.62 5.44 -2.69
N ILE A 44 2.30 5.27 -2.58
CA ILE A 44 1.27 6.00 -3.33
C ILE A 44 1.57 7.48 -3.23
N THR A 45 1.66 7.99 -2.00
CA THR A 45 1.81 9.41 -1.73
C THR A 45 3.15 9.97 -2.21
N ALA A 46 4.25 9.23 -2.08
CA ALA A 46 5.57 9.68 -2.53
C ALA A 46 5.72 9.58 -4.06
N HIS A 47 5.20 8.53 -4.68
CA HIS A 47 5.08 8.39 -6.13
C HIS A 47 3.98 9.32 -6.67
N GLU A 48 3.04 9.80 -5.85
CA GLU A 48 2.10 10.86 -6.23
C GLU A 48 2.83 12.21 -6.18
N GLN A 49 3.63 12.53 -5.15
CA GLN A 49 4.41 13.77 -5.09
C GLN A 49 5.49 13.79 -6.18
N GLN A 50 6.14 12.66 -6.45
CA GLN A 50 7.01 12.53 -7.62
C GLN A 50 6.19 12.66 -8.91
N LEU A 51 4.89 12.33 -8.89
CA LEU A 51 3.98 12.57 -10.01
C LEU A 51 3.63 14.04 -10.18
N VAL A 52 3.19 14.76 -9.15
CA VAL A 52 2.95 16.21 -9.20
C VAL A 52 4.21 16.93 -9.59
N THR A 53 5.37 16.47 -9.09
CA THR A 53 6.66 17.00 -9.46
C THR A 53 6.95 16.65 -10.90
N ALA A 54 6.70 15.45 -11.40
CA ALA A 54 6.80 15.15 -12.83
C ALA A 54 5.92 16.10 -13.67
N ARG A 55 4.77 16.51 -13.14
CA ARG A 55 3.91 17.54 -13.76
C ARG A 55 4.53 18.94 -13.70
N GLN A 56 5.17 19.26 -12.59
CA GLN A 56 5.97 20.47 -12.34
C GLN A 56 7.28 20.50 -13.16
N LYS A 57 7.90 19.34 -13.42
CA LYS A 57 9.05 19.18 -14.30
C LYS A 57 8.61 19.34 -15.75
N LEU A 58 7.42 18.83 -16.12
CA LEU A 58 6.84 19.10 -17.43
C LEU A 58 6.45 20.58 -17.58
N LYS A 59 5.96 21.26 -16.54
CA LYS A 59 5.75 22.72 -16.62
C LYS A 59 7.08 23.49 -16.79
N ASP A 60 8.17 22.99 -16.24
CA ASP A 60 9.55 23.48 -16.49
C ASP A 60 10.04 23.14 -17.92
N ALA A 61 9.49 22.10 -18.58
CA ALA A 61 9.69 21.82 -20.00
C ALA A 61 8.79 22.70 -20.91
N GLU A 62 7.59 23.05 -20.48
CA GLU A 62 6.76 24.07 -21.17
C GLU A 62 7.42 25.43 -21.06
N LYS A 63 8.01 25.70 -19.88
CA LYS A 63 8.87 26.84 -19.63
C LYS A 63 10.10 26.84 -20.53
N ALA A 64 10.53 25.70 -21.08
CA ALA A 64 11.60 25.62 -22.07
C ALA A 64 11.18 25.94 -23.52
N VAL A 65 10.07 25.39 -23.99
CA VAL A 65 9.48 25.79 -25.28
C VAL A 65 8.96 27.26 -25.23
N GLU A 66 8.74 27.81 -24.04
CA GLU A 66 8.50 29.25 -23.80
C GLU A 66 9.73 30.10 -24.19
N VAL A 67 10.92 29.69 -23.71
CA VAL A 67 12.17 30.45 -23.78
C VAL A 67 12.94 30.25 -25.06
N ASP A 68 12.96 29.02 -25.57
CA ASP A 68 13.67 28.66 -26.78
C ASP A 68 13.00 27.44 -27.46
N PRO A 69 11.89 27.68 -28.20
CA PRO A 69 11.05 26.68 -28.88
C PRO A 69 11.71 25.82 -29.98
N ASP A 70 12.83 25.16 -29.67
CA ASP A 70 13.40 24.12 -30.52
C ASP A 70 12.54 22.87 -30.40
N ASP A 71 12.44 22.08 -31.47
CA ASP A 71 11.56 20.90 -31.52
C ASP A 71 11.85 19.88 -30.42
N VAL A 72 13.07 19.92 -29.90
CA VAL A 72 13.48 19.20 -28.71
C VAL A 72 12.83 19.68 -27.43
N ASN A 73 12.65 20.97 -27.17
CA ASN A 73 12.10 21.42 -25.89
C ASN A 73 10.61 21.04 -25.80
N LYS A 74 9.98 20.90 -26.97
CA LYS A 74 8.62 20.34 -27.14
C LYS A 74 8.63 18.81 -27.01
N SER A 75 9.63 18.12 -27.58
CA SER A 75 9.84 16.65 -27.41
C SER A 75 10.24 16.24 -25.99
N THR A 76 10.99 17.12 -25.34
CA THR A 76 11.38 17.16 -23.94
C THR A 76 10.16 17.38 -23.09
N LEU A 77 9.15 18.07 -23.64
CA LEU A 77 7.87 18.06 -22.96
C LEU A 77 7.27 16.65 -22.99
N GLN A 78 7.20 16.03 -24.16
CA GLN A 78 6.68 14.67 -24.35
C GLN A 78 7.41 13.61 -23.52
N ASN A 79 8.66 13.87 -23.20
CA ASN A 79 9.53 13.14 -22.28
C ASN A 79 9.19 13.37 -20.79
N ARG A 80 8.98 14.63 -20.37
CA ARG A 80 8.53 14.91 -18.99
C ARG A 80 7.11 14.40 -18.76
N ARG A 81 6.27 14.56 -19.77
CA ARG A 81 4.92 14.00 -19.94
C ARG A 81 4.94 12.48 -19.98
N ALA A 82 6.00 11.88 -20.51
CA ALA A 82 6.26 10.44 -20.43
C ALA A 82 6.62 10.01 -18.99
N ALA A 83 7.27 10.86 -18.17
CA ALA A 83 7.39 10.57 -16.74
C ALA A 83 6.02 10.67 -16.08
N VAL A 84 5.22 11.72 -16.29
CA VAL A 84 3.84 11.77 -15.76
C VAL A 84 3.06 10.53 -16.19
N SER A 85 3.28 10.00 -17.38
CA SER A 85 2.69 8.72 -17.82
C SER A 85 3.28 7.48 -17.10
N THR A 86 4.58 7.44 -16.81
CA THR A 86 5.25 6.43 -15.94
C THR A 86 4.60 6.40 -14.56
N LEU A 87 4.59 7.58 -13.96
CA LEU A 87 4.11 7.93 -12.65
C LEU A 87 2.62 7.64 -12.52
N GLU A 88 1.84 7.98 -13.55
CA GLU A 88 0.41 7.75 -13.64
C GLU A 88 0.10 6.25 -13.80
N THR A 89 0.87 5.51 -14.62
CA THR A 89 0.79 4.04 -14.71
C THR A 89 1.03 3.42 -13.37
N LYS A 90 2.12 3.86 -12.71
CA LYS A 90 2.42 3.47 -11.35
C LYS A 90 1.24 3.75 -10.49
N LEU A 91 0.77 4.97 -10.38
CA LEU A 91 -0.25 5.27 -9.40
C LEU A 91 -1.57 4.58 -9.67
N GLY A 92 -1.94 4.28 -10.91
CA GLY A 92 -3.09 3.41 -11.16
C GLY A 92 -2.81 2.01 -10.60
N GLU A 93 -1.66 1.41 -10.90
CA GLU A 93 -1.27 0.10 -10.36
C GLU A 93 -0.96 0.10 -8.84
N LEU A 94 -0.53 1.23 -8.29
CA LEU A 94 -0.18 1.47 -6.89
C LEU A 94 -1.47 1.63 -6.09
N LYS A 95 -2.40 2.45 -6.57
CA LYS A 95 -3.74 2.63 -6.00
C LYS A 95 -4.56 1.33 -6.12
N ARG A 96 -4.33 0.49 -7.16
CA ARG A 96 -4.89 -0.88 -7.26
C ARG A 96 -4.20 -1.88 -6.33
N GLN A 97 -2.87 -1.82 -6.13
CA GLN A 97 -2.20 -2.59 -5.07
C GLN A 97 -2.91 -2.26 -3.78
N LEU A 98 -3.13 -0.97 -3.50
CA LEU A 98 -3.90 -0.59 -2.33
C LEU A 98 -5.27 -1.23 -2.32
N ALA A 99 -6.07 -1.15 -3.37
CA ALA A 99 -7.38 -1.80 -3.36
C ALA A 99 -7.35 -3.33 -3.08
N ASP A 100 -6.26 -4.03 -3.40
CA ASP A 100 -6.04 -5.42 -3.00
C ASP A 100 -5.52 -5.58 -1.56
N LEU A 101 -4.57 -4.73 -1.16
CA LEU A 101 -4.01 -4.56 0.18
C LEU A 101 -5.08 -4.30 1.24
N VAL A 102 -5.86 -3.29 0.93
CA VAL A 102 -6.83 -2.65 1.80
C VAL A 102 -7.94 -3.65 2.09
N ALA A 103 -8.38 -4.33 1.02
CA ALA A 103 -9.30 -5.45 1.04
C ALA A 103 -8.77 -6.71 1.75
N ALA A 104 -7.55 -6.64 2.30
CA ALA A 104 -6.92 -7.63 3.16
C ALA A 104 -6.56 -7.07 4.56
N GLN A 105 -6.46 -5.74 4.73
CA GLN A 105 -6.33 -5.08 6.04
C GLN A 105 -7.55 -5.39 6.96
N LYS A 106 -8.69 -5.67 6.31
CA LYS A 106 -10.01 -5.99 6.88
C LYS A 106 -10.12 -7.38 7.50
N LEU A 107 -9.24 -8.31 7.11
CA LEU A 107 -9.30 -9.76 7.40
C LEU A 107 -8.81 -10.10 8.83
N MET A 1 37.52 10.02 40.31
CA MET A 1 37.27 9.25 39.05
C MET A 1 36.19 9.94 38.21
N HIS A 2 36.22 9.73 36.89
CA HIS A 2 35.30 10.37 35.93
C HIS A 2 33.80 10.06 36.14
N HIS A 3 33.48 8.83 36.59
CA HIS A 3 32.14 8.25 36.84
C HIS A 3 31.14 8.22 35.65
N HIS A 4 31.32 9.06 34.63
CA HIS A 4 30.46 9.21 33.43
C HIS A 4 31.33 9.53 32.19
N HIS A 5 30.74 10.04 31.11
CA HIS A 5 31.37 10.40 29.82
C HIS A 5 31.93 9.21 29.01
N HIS A 6 31.76 7.98 29.52
CA HIS A 6 32.24 6.72 28.92
C HIS A 6 31.15 5.62 28.93
N HIS A 7 30.14 5.76 29.79
CA HIS A 7 28.93 4.94 29.86
C HIS A 7 27.78 5.76 30.50
N GLY A 8 26.53 5.36 30.24
CA GLY A 8 25.33 5.99 30.81
C GLY A 8 24.02 5.32 30.35
N LYS A 9 22.89 5.75 30.93
CA LYS A 9 21.53 5.24 30.68
C LYS A 9 20.49 6.37 30.70
N PRO A 10 19.39 6.26 29.93
CA PRO A 10 18.33 7.24 29.91
C PRO A 10 17.51 7.26 31.22
N ILE A 11 16.94 8.42 31.55
CA ILE A 11 16.07 8.61 32.73
C ILE A 11 14.70 7.92 32.55
N PRO A 12 14.07 7.48 33.66
CA PRO A 12 12.77 6.80 33.67
C PRO A 12 11.60 7.71 33.25
N ASN A 13 10.46 7.10 32.90
CA ASN A 13 9.25 7.79 32.42
C ASN A 13 7.98 7.04 32.86
N PRO A 14 6.94 7.72 33.40
CA PRO A 14 5.72 7.10 33.91
C PRO A 14 4.74 6.69 32.80
N LEU A 15 3.60 6.10 33.18
CA LEU A 15 2.53 5.65 32.29
C LEU A 15 1.16 6.24 32.70
N LEU A 16 0.36 6.63 31.71
CA LEU A 16 -1.00 7.17 31.86
C LEU A 16 -2.07 6.09 32.15
N GLY A 17 -3.30 6.53 32.40
CA GLY A 17 -4.48 5.67 32.59
C GLY A 17 -5.81 6.45 32.54
N LEU A 18 -6.92 5.71 32.61
CA LEU A 18 -8.31 6.22 32.52
C LEU A 18 -9.25 5.49 33.51
N ASP A 19 -10.47 6.01 33.64
CA ASP A 19 -11.53 5.49 34.54
C ASP A 19 -12.82 5.10 33.78
N SER A 20 -12.75 5.03 32.45
CA SER A 20 -13.85 4.66 31.54
C SER A 20 -13.31 4.03 30.25
N THR A 21 -14.20 3.56 29.37
CA THR A 21 -13.89 3.03 28.03
C THR A 21 -13.31 4.10 27.08
N GLU A 22 -12.79 3.67 25.93
CA GLU A 22 -12.17 4.54 24.91
C GLU A 22 -12.39 4.02 23.47
N ASN A 23 -12.14 4.88 22.48
CA ASN A 23 -12.39 4.62 21.05
C ASN A 23 -11.30 3.78 20.33
N LEU A 24 -10.28 3.29 21.05
CA LEU A 24 -9.19 2.45 20.51
C LEU A 24 -9.73 1.17 19.84
N TYR A 25 -9.48 1.01 18.54
CA TYR A 25 -9.89 -0.16 17.76
C TYR A 25 -9.08 -1.43 18.10
N PHE A 26 -9.57 -2.60 17.66
CA PHE A 26 -8.96 -3.91 17.87
C PHE A 26 -7.54 -4.05 17.27
N GLN A 27 -6.77 -5.02 17.79
CA GLN A 27 -5.35 -5.26 17.45
C GLN A 27 -5.07 -6.75 17.15
N GLY A 28 -6.10 -7.57 16.92
CA GLY A 28 -6.04 -9.03 16.74
C GLY A 28 -5.61 -9.49 15.35
N ILE A 29 -4.53 -8.91 14.81
CA ILE A 29 -3.99 -9.17 13.46
C ILE A 29 -2.46 -9.12 13.46
N ASP A 30 -1.81 -9.90 12.60
CA ASP A 30 -0.36 -9.80 12.35
C ASP A 30 0.02 -8.44 11.73
N PRO A 31 1.18 -7.84 12.08
CA PRO A 31 1.49 -6.48 11.66
C PRO A 31 1.93 -6.36 10.20
N PHE A 32 2.72 -7.30 9.68
CA PHE A 32 3.41 -7.21 8.39
C PHE A 32 2.51 -6.86 7.17
N THR A 33 1.28 -7.40 7.09
CA THR A 33 0.34 -7.12 6.00
C THR A 33 -0.14 -5.67 5.98
N MET A 34 -0.25 -5.00 7.14
CA MET A 34 -0.50 -3.56 7.21
C MET A 34 0.78 -2.71 7.36
N SER A 35 1.92 -3.28 7.74
CA SER A 35 3.20 -2.57 7.61
C SER A 35 3.43 -2.29 6.11
N THR A 36 3.04 -3.27 5.27
CA THR A 36 2.93 -3.15 3.81
C THR A 36 1.87 -2.13 3.40
N LEU A 37 0.73 -2.00 4.09
CA LEU A 37 -0.20 -0.88 3.85
C LEU A 37 0.51 0.44 4.05
N GLN A 38 1.19 0.60 5.18
CA GLN A 38 1.73 1.89 5.54
C GLN A 38 2.82 2.31 4.55
N GLU A 39 3.68 1.37 4.15
CA GLU A 39 4.68 1.42 3.06
C GLU A 39 4.07 1.71 1.69
N LEU A 40 3.00 1.02 1.31
CA LEU A 40 2.41 1.12 -0.02
C LEU A 40 1.50 2.33 -0.19
N GLN A 41 0.76 2.73 0.84
CA GLN A 41 0.00 3.98 0.93
C GLN A 41 0.97 5.18 0.98
N GLU A 42 2.17 4.99 1.54
CA GLU A 42 3.28 5.95 1.46
C GLU A 42 3.90 5.97 0.06
N ASN A 43 4.05 4.81 -0.60
CA ASN A 43 4.48 4.73 -1.99
C ASN A 43 3.49 5.39 -2.95
N ILE A 44 2.18 5.23 -2.73
CA ILE A 44 1.11 5.96 -3.41
C ILE A 44 1.40 7.44 -3.28
N THR A 45 1.52 7.95 -2.06
CA THR A 45 1.63 9.38 -1.78
C THR A 45 2.95 9.95 -2.29
N ALA A 46 4.07 9.23 -2.18
CA ALA A 46 5.37 9.70 -2.66
C ALA A 46 5.50 9.59 -4.20
N HIS A 47 4.96 8.54 -4.81
CA HIS A 47 4.83 8.40 -6.25
C HIS A 47 3.71 9.33 -6.78
N GLU A 48 2.78 9.80 -5.94
CA GLU A 48 1.85 10.87 -6.31
C GLU A 48 2.57 12.22 -6.25
N GLN A 49 3.37 12.51 -5.22
CA GLN A 49 4.14 13.76 -5.14
C GLN A 49 5.21 13.81 -6.24
N GLN A 50 5.87 12.70 -6.52
CA GLN A 50 6.73 12.59 -7.70
C GLN A 50 5.90 12.73 -8.98
N LEU A 51 4.61 12.39 -8.95
CA LEU A 51 3.69 12.64 -10.05
C LEU A 51 3.33 14.13 -10.18
N VAL A 52 2.92 14.84 -9.13
CA VAL A 52 2.68 16.29 -9.19
C VAL A 52 3.94 17.02 -9.59
N THR A 53 5.09 16.57 -9.08
CA THR A 53 6.37 17.07 -9.46
C THR A 53 6.60 16.74 -10.92
N ALA A 54 6.28 15.56 -11.45
CA ALA A 54 6.38 15.26 -12.88
C ALA A 54 5.49 16.18 -13.72
N ARG A 55 4.28 16.55 -13.24
CA ARG A 55 3.47 17.60 -13.89
C ARG A 55 4.23 18.94 -13.86
N GLN A 56 4.85 19.27 -12.72
CA GLN A 56 5.64 20.49 -12.47
C GLN A 56 6.96 20.52 -13.27
N LYS A 57 7.60 19.37 -13.49
CA LYS A 57 8.78 19.21 -14.34
C LYS A 57 8.36 19.36 -15.80
N LEU A 58 7.19 18.83 -16.18
CA LEU A 58 6.64 19.08 -17.51
C LEU A 58 6.26 20.56 -17.69
N LYS A 59 5.74 21.25 -16.68
CA LYS A 59 5.53 22.70 -16.78
C LYS A 59 6.85 23.49 -16.90
N ASP A 60 7.93 22.98 -16.30
CA ASP A 60 9.30 23.50 -16.50
C ASP A 60 9.86 23.16 -17.92
N ALA A 61 9.37 22.10 -18.57
CA ALA A 61 9.63 21.80 -19.98
C ALA A 61 8.78 22.67 -20.92
N GLU A 62 7.55 23.02 -20.56
CA GLU A 62 6.77 24.03 -21.29
C GLU A 62 7.41 25.41 -21.14
N LYS A 63 7.92 25.68 -19.94
CA LYS A 63 8.75 26.84 -19.65
C LYS A 63 10.03 26.85 -20.47
N ALA A 64 10.49 25.71 -20.99
CA ALA A 64 11.63 25.64 -21.92
C ALA A 64 11.30 25.94 -23.38
N VAL A 65 10.22 25.36 -23.92
CA VAL A 65 9.69 25.75 -25.24
C VAL A 65 9.16 27.20 -25.24
N GLU A 66 8.86 27.77 -24.06
CA GLU A 66 8.60 29.21 -23.85
C GLU A 66 9.84 30.07 -24.16
N VAL A 67 11.00 29.68 -23.62
CA VAL A 67 12.24 30.47 -23.61
C VAL A 67 13.11 30.26 -24.83
N ASP A 68 13.17 29.03 -25.31
CA ASP A 68 13.97 28.65 -26.47
C ASP A 68 13.35 27.44 -27.19
N PRO A 69 12.29 27.66 -28.00
CA PRO A 69 11.51 26.64 -28.73
C PRO A 69 12.27 25.78 -29.77
N ASP A 70 13.33 25.09 -29.35
CA ASP A 70 13.97 24.05 -30.15
C ASP A 70 13.09 22.80 -30.12
N ASP A 71 13.09 22.01 -31.20
CA ASP A 71 12.22 20.84 -31.34
C ASP A 71 12.38 19.83 -30.19
N VAL A 72 13.58 19.80 -29.62
CA VAL A 72 13.90 19.10 -28.40
C VAL A 72 13.19 19.60 -27.17
N ASN A 73 13.01 20.89 -26.94
CA ASN A 73 12.37 21.36 -25.70
C ASN A 73 10.89 20.98 -25.70
N LYS A 74 10.34 20.79 -26.91
CA LYS A 74 8.99 20.25 -27.14
C LYS A 74 8.97 18.71 -26.99
N SER A 75 9.98 18.00 -27.51
CA SER A 75 10.17 16.53 -27.26
C SER A 75 10.51 16.17 -25.81
N THR A 76 11.22 17.06 -25.16
CA THR A 76 11.55 17.13 -23.73
C THR A 76 10.27 17.35 -22.96
N LEU A 77 9.29 18.02 -23.57
CA LEU A 77 7.97 18.02 -22.96
C LEU A 77 7.40 16.60 -22.99
N GLN A 78 7.39 15.96 -24.15
CA GLN A 78 6.87 14.60 -24.35
C GLN A 78 7.56 13.55 -23.47
N ASN A 79 8.80 13.81 -23.10
CA ASN A 79 9.62 13.09 -22.12
C ASN A 79 9.21 13.35 -20.66
N ARG A 80 8.96 14.61 -20.26
CA ARG A 80 8.45 14.89 -18.91
C ARG A 80 7.02 14.39 -18.74
N ARG A 81 6.22 14.56 -19.80
CA ARG A 81 4.88 14.01 -20.02
C ARG A 81 4.89 12.48 -20.08
N ALA A 82 5.99 11.89 -20.54
CA ALA A 82 6.23 10.45 -20.45
C ALA A 82 6.50 10.01 -18.99
N ALA A 83 7.18 10.82 -18.16
CA ALA A 83 7.25 10.53 -16.72
C ALA A 83 5.87 10.65 -16.09
N VAL A 84 5.09 11.70 -16.32
CA VAL A 84 3.68 11.76 -15.87
C VAL A 84 2.94 10.52 -16.29
N SER A 85 3.18 9.97 -17.48
CA SER A 85 2.58 8.70 -17.91
C SER A 85 3.12 7.46 -17.14
N THR A 86 4.42 7.39 -16.83
CA THR A 86 5.04 6.40 -15.92
C THR A 86 4.33 6.42 -14.57
N LEU A 87 4.30 7.62 -14.00
CA LEU A 87 3.82 7.99 -12.70
C LEU A 87 2.32 7.72 -12.57
N GLU A 88 1.55 8.07 -13.61
CA GLU A 88 0.11 7.85 -13.71
C GLU A 88 -0.23 6.36 -13.87
N THR A 89 0.53 5.61 -14.70
CA THR A 89 0.43 4.13 -14.82
C THR A 89 0.66 3.50 -13.47
N LYS A 90 1.76 3.91 -12.82
CA LYS A 90 2.05 3.51 -11.46
C LYS A 90 0.87 3.82 -10.60
N LEU A 91 0.43 5.04 -10.46
CA LEU A 91 -0.59 5.32 -9.47
C LEU A 91 -1.93 4.62 -9.71
N GLY A 92 -2.32 4.32 -10.95
CA GLY A 92 -3.47 3.44 -11.15
C GLY A 92 -3.18 2.03 -10.63
N GLU A 93 -2.05 1.43 -11.03
CA GLU A 93 -1.62 0.11 -10.54
C GLU A 93 -1.35 0.07 -9.02
N LEU A 94 -0.82 1.16 -8.45
CA LEU A 94 -0.46 1.42 -7.05
C LEU A 94 -1.71 1.56 -6.20
N LYS A 95 -2.64 2.43 -6.61
CA LYS A 95 -3.95 2.61 -5.96
C LYS A 95 -4.77 1.31 -6.03
N ARG A 96 -4.58 0.48 -7.07
CA ARG A 96 -5.12 -0.90 -7.16
C ARG A 96 -4.37 -1.89 -6.27
N GLN A 97 -3.04 -1.77 -6.08
CA GLN A 97 -2.34 -2.56 -5.06
C GLN A 97 -2.95 -2.25 -3.73
N LEU A 98 -3.21 -0.97 -3.44
CA LEU A 98 -3.94 -0.60 -2.25
C LEU A 98 -5.32 -1.21 -2.21
N ALA A 99 -6.16 -1.09 -3.23
CA ALA A 99 -7.48 -1.70 -3.17
C ALA A 99 -7.47 -3.22 -2.91
N ASP A 100 -6.39 -3.94 -3.26
CA ASP A 100 -6.17 -5.33 -2.87
C ASP A 100 -5.60 -5.48 -1.43
N LEU A 101 -4.61 -4.68 -1.07
CA LEU A 101 -3.98 -4.54 0.25
C LEU A 101 -4.99 -4.26 1.35
N VAL A 102 -5.76 -3.22 1.09
CA VAL A 102 -6.66 -2.56 1.99
C VAL A 102 -7.79 -3.53 2.32
N ALA A 103 -8.30 -4.17 1.28
CA ALA A 103 -9.26 -5.26 1.32
C ALA A 103 -8.75 -6.56 1.97
N ALA A 104 -7.51 -6.55 2.47
CA ALA A 104 -6.86 -7.60 3.25
C ALA A 104 -6.39 -7.12 4.64
N GLN A 105 -6.18 -5.80 4.84
CA GLN A 105 -5.94 -5.18 6.14
C GLN A 105 -7.12 -5.43 7.13
N LYS A 106 -8.29 -5.71 6.56
CA LYS A 106 -9.59 -6.00 7.20
C LYS A 106 -9.76 -7.45 7.70
N LEU A 107 -8.83 -8.35 7.37
CA LEU A 107 -8.97 -9.81 7.56
C LEU A 107 -8.14 -10.34 8.76
N MET A 1 41.76 -48.85 -2.11
CA MET A 1 40.36 -48.85 -2.59
C MET A 1 39.56 -47.68 -2.00
N HIS A 2 38.43 -47.33 -2.63
CA HIS A 2 37.55 -46.21 -2.24
C HIS A 2 36.06 -46.59 -2.38
N HIS A 3 35.17 -45.85 -1.71
CA HIS A 3 33.72 -46.05 -1.78
C HIS A 3 33.17 -45.81 -3.20
N HIS A 4 32.38 -46.75 -3.71
CA HIS A 4 31.90 -46.77 -5.12
C HIS A 4 30.48 -47.35 -5.29
N HIS A 5 29.76 -47.59 -4.19
CA HIS A 5 28.35 -48.05 -4.18
C HIS A 5 27.37 -46.99 -4.75
N HIS A 6 26.16 -47.44 -5.09
CA HIS A 6 25.02 -46.60 -5.50
C HIS A 6 23.68 -47.26 -5.11
N HIS A 7 22.58 -46.51 -5.13
CA HIS A 7 21.24 -46.96 -4.71
C HIS A 7 20.12 -46.27 -5.52
N GLY A 8 18.93 -46.89 -5.56
CA GLY A 8 17.76 -46.39 -6.28
C GLY A 8 16.54 -47.31 -6.13
N LYS A 9 15.40 -46.91 -6.74
CA LYS A 9 14.10 -47.60 -6.66
C LYS A 9 13.36 -47.56 -8.01
N PRO A 10 12.55 -48.58 -8.34
CA PRO A 10 11.77 -48.64 -9.58
C PRO A 10 10.51 -47.76 -9.57
N ILE A 11 10.09 -47.31 -8.37
CA ILE A 11 8.94 -46.41 -8.13
C ILE A 11 9.32 -45.32 -7.11
N PRO A 12 8.59 -44.19 -7.06
CA PRO A 12 8.77 -43.10 -6.09
C PRO A 12 8.94 -43.57 -4.64
N ASN A 13 9.80 -42.89 -3.88
CA ASN A 13 10.22 -43.28 -2.53
C ASN A 13 9.04 -43.44 -1.54
N PRO A 14 9.03 -44.50 -0.70
CA PRO A 14 8.02 -44.76 0.34
C PRO A 14 7.65 -43.59 1.27
N LEU A 15 8.50 -42.57 1.42
CA LEU A 15 8.25 -41.33 2.17
C LEU A 15 6.93 -40.62 1.83
N LEU A 16 6.36 -40.87 0.64
CA LEU A 16 5.03 -40.41 0.22
C LEU A 16 3.85 -40.97 1.06
N GLY A 17 4.06 -42.01 1.87
CA GLY A 17 3.00 -42.75 2.58
C GLY A 17 3.42 -43.40 3.91
N LEU A 18 4.51 -42.93 4.54
CA LEU A 18 4.89 -43.32 5.92
C LEU A 18 3.90 -42.81 6.98
N ASP A 19 4.03 -43.30 8.22
CA ASP A 19 3.29 -42.82 9.39
C ASP A 19 3.54 -41.33 9.72
N SER A 20 2.65 -40.74 10.52
CA SER A 20 2.63 -39.30 10.82
C SER A 20 2.09 -38.96 12.22
N THR A 21 2.26 -37.70 12.64
CA THR A 21 1.83 -37.11 13.92
C THR A 21 1.31 -35.67 13.70
N GLU A 22 0.76 -35.04 14.74
CA GLU A 22 0.27 -33.65 14.69
C GLU A 22 0.58 -32.86 15.99
N ASN A 23 0.65 -31.53 15.87
CA ASN A 23 1.04 -30.59 16.93
C ASN A 23 0.53 -29.15 16.66
N LEU A 24 0.75 -28.25 17.62
CA LEU A 24 0.53 -26.80 17.47
C LEU A 24 1.41 -26.21 16.34
N TYR A 25 0.95 -25.13 15.71
CA TYR A 25 1.58 -24.50 14.54
C TYR A 25 1.70 -22.97 14.66
N PHE A 26 2.62 -22.40 13.87
CA PHE A 26 3.02 -20.98 13.92
C PHE A 26 1.87 -20.01 13.60
N GLN A 27 1.88 -18.87 14.28
CA GLN A 27 0.85 -17.82 14.24
C GLN A 27 1.39 -16.50 14.83
N GLY A 28 0.59 -15.42 14.76
CA GLY A 28 0.93 -14.11 15.32
C GLY A 28 -0.30 -13.21 15.53
N ILE A 29 -0.11 -12.12 16.30
CA ILE A 29 -1.20 -11.22 16.72
C ILE A 29 -1.86 -10.45 15.55
N ASP A 30 -1.09 -10.14 14.50
CA ASP A 30 -1.54 -9.51 13.25
C ASP A 30 -0.68 -9.97 12.05
N PRO A 31 -1.24 -10.03 10.83
CA PRO A 31 -0.47 -10.28 9.61
C PRO A 31 0.39 -9.06 9.21
N PHE A 32 1.54 -9.31 8.59
CA PHE A 32 2.45 -8.28 8.08
C PHE A 32 1.90 -7.45 6.91
N THR A 33 0.76 -7.85 6.32
CA THR A 33 0.15 -7.18 5.16
C THR A 33 -0.11 -5.68 5.41
N MET A 34 -0.44 -5.26 6.65
CA MET A 34 -0.60 -3.82 6.95
C MET A 34 0.72 -3.07 7.20
N SER A 35 1.85 -3.75 7.44
CA SER A 35 3.16 -3.07 7.41
C SER A 35 3.43 -2.66 5.95
N THR A 36 3.04 -3.54 5.03
CA THR A 36 2.99 -3.26 3.58
C THR A 36 1.95 -2.20 3.23
N LEU A 37 0.80 -2.10 3.91
CA LEU A 37 -0.12 -0.95 3.73
C LEU A 37 0.61 0.33 4.03
N GLN A 38 1.28 0.39 5.17
CA GLN A 38 1.82 1.64 5.65
C GLN A 38 2.93 2.16 4.73
N GLU A 39 3.71 1.24 4.14
CA GLU A 39 4.68 1.42 3.06
C GLU A 39 4.05 1.78 1.72
N LEU A 40 3.00 1.09 1.29
CA LEU A 40 2.41 1.25 -0.04
C LEU A 40 1.45 2.44 -0.14
N GLN A 41 0.68 2.74 0.89
CA GLN A 41 -0.16 3.96 1.01
C GLN A 41 0.72 5.22 1.10
N GLU A 42 1.96 5.07 1.56
CA GLU A 42 3.01 6.10 1.51
C GLU A 42 3.67 6.16 0.12
N ASN A 43 3.95 5.01 -0.51
CA ASN A 43 4.42 4.95 -1.90
C ASN A 43 3.42 5.60 -2.87
N ILE A 44 2.12 5.41 -2.66
CA ILE A 44 1.03 6.12 -3.35
C ILE A 44 1.30 7.61 -3.25
N THR A 45 1.41 8.11 -2.03
CA THR A 45 1.52 9.54 -1.72
C THR A 45 2.84 10.14 -2.24
N ALA A 46 3.96 9.45 -2.12
CA ALA A 46 5.24 9.94 -2.62
C ALA A 46 5.37 9.84 -4.14
N HIS A 47 4.83 8.78 -4.76
CA HIS A 47 4.67 8.64 -6.21
C HIS A 47 3.56 9.57 -6.73
N GLU A 48 2.62 10.04 -5.88
CA GLU A 48 1.68 11.10 -6.25
C GLU A 48 2.38 12.46 -6.18
N GLN A 49 3.19 12.75 -5.16
CA GLN A 49 3.97 13.99 -5.08
C GLN A 49 5.03 14.05 -6.18
N GLN A 50 5.69 12.93 -6.49
CA GLN A 50 6.53 12.84 -7.69
C GLN A 50 5.69 12.98 -8.95
N LEU A 51 4.38 12.70 -8.90
CA LEU A 51 3.46 12.94 -10.00
C LEU A 51 3.04 14.41 -10.12
N VAL A 52 2.74 15.13 -9.04
CA VAL A 52 2.52 16.60 -9.08
C VAL A 52 3.78 17.30 -9.55
N THR A 53 4.92 16.84 -9.03
CA THR A 53 6.21 17.34 -9.42
C THR A 53 6.44 16.98 -10.86
N ALA A 54 6.08 15.79 -11.37
CA ALA A 54 6.18 15.48 -12.79
C ALA A 54 5.29 16.41 -13.64
N ARG A 55 4.11 16.81 -13.14
CA ARG A 55 3.31 17.87 -13.80
C ARG A 55 4.10 19.20 -13.82
N GLN A 56 4.73 19.53 -12.70
CA GLN A 56 5.55 20.73 -12.47
C GLN A 56 6.88 20.72 -13.28
N LYS A 57 7.50 19.56 -13.45
CA LYS A 57 8.67 19.34 -14.30
C LYS A 57 8.26 19.46 -15.76
N LEU A 58 7.07 18.96 -16.13
CA LEU A 58 6.54 19.19 -17.48
C LEU A 58 6.20 20.67 -17.71
N LYS A 59 5.69 21.39 -16.71
CA LYS A 59 5.53 22.86 -16.86
C LYS A 59 6.87 23.59 -16.98
N ASP A 60 7.94 23.09 -16.38
CA ASP A 60 9.32 23.55 -16.58
C ASP A 60 9.88 23.16 -17.97
N ALA A 61 9.37 22.10 -18.61
CA ALA A 61 9.65 21.77 -20.01
C ALA A 61 8.83 22.64 -20.98
N GLU A 62 7.61 23.05 -20.63
CA GLU A 62 6.86 24.07 -21.38
C GLU A 62 7.55 25.42 -21.25
N LYS A 63 8.07 25.70 -20.06
CA LYS A 63 8.95 26.83 -19.78
C LYS A 63 10.23 26.77 -20.61
N ALA A 64 10.66 25.60 -21.08
CA ALA A 64 11.81 25.45 -21.97
C ALA A 64 11.52 25.73 -23.45
N VAL A 65 10.40 25.23 -23.99
CA VAL A 65 9.92 25.63 -25.33
C VAL A 65 9.47 27.11 -25.36
N GLU A 66 9.18 27.71 -24.20
CA GLU A 66 8.98 29.17 -24.02
C GLU A 66 10.28 29.94 -24.34
N VAL A 67 11.41 29.50 -23.76
CA VAL A 67 12.70 30.22 -23.75
C VAL A 67 13.56 29.92 -24.97
N ASP A 68 13.54 28.66 -25.43
CA ASP A 68 14.36 28.21 -26.54
C ASP A 68 13.69 27.02 -27.28
N PRO A 69 12.65 27.30 -28.10
CA PRO A 69 11.82 26.33 -28.83
C PRO A 69 12.52 25.42 -29.87
N ASP A 70 13.61 24.75 -29.51
CA ASP A 70 14.18 23.69 -30.32
C ASP A 70 13.27 22.47 -30.21
N ASP A 71 13.19 21.64 -31.26
CA ASP A 71 12.27 20.49 -31.33
C ASP A 71 12.47 19.51 -30.16
N VAL A 72 13.65 19.53 -29.58
CA VAL A 72 13.97 18.85 -28.35
C VAL A 72 13.25 19.38 -27.14
N ASN A 73 13.09 20.68 -26.91
CA ASN A 73 12.46 21.18 -25.69
C ASN A 73 10.97 20.84 -25.68
N LYS A 74 10.42 20.65 -26.89
CA LYS A 74 9.05 20.13 -27.13
C LYS A 74 9.00 18.59 -26.94
N SER A 75 10.01 17.85 -27.41
CA SER A 75 10.17 16.39 -27.15
C SER A 75 10.50 16.06 -25.69
N THR A 76 11.23 16.95 -25.05
CA THR A 76 11.53 17.06 -23.63
C THR A 76 10.24 17.32 -22.88
N LEU A 77 9.29 18.02 -23.52
CA LEU A 77 7.95 18.04 -22.95
C LEU A 77 7.33 16.66 -23.01
N GLN A 78 7.32 16.03 -24.18
CA GLN A 78 6.78 14.68 -24.41
C GLN A 78 7.41 13.59 -23.52
N ASN A 79 8.63 13.84 -23.06
CA ASN A 79 9.41 13.11 -22.07
C ASN A 79 9.00 13.40 -20.62
N ARG A 80 8.81 14.67 -20.23
CA ARG A 80 8.29 14.98 -18.89
C ARG A 80 6.84 14.51 -18.73
N ARG A 81 6.06 14.66 -19.80
CA ARG A 81 4.72 14.13 -20.04
C ARG A 81 4.71 12.60 -20.07
N ALA A 82 5.80 11.99 -20.53
CA ALA A 82 6.03 10.55 -20.41
C ALA A 82 6.31 10.13 -18.95
N ALA A 83 6.99 10.95 -18.13
CA ALA A 83 7.07 10.69 -16.69
C ALA A 83 5.67 10.80 -16.05
N VAL A 84 4.91 11.86 -16.29
CA VAL A 84 3.50 11.93 -15.81
C VAL A 84 2.75 10.68 -16.23
N SER A 85 2.98 10.12 -17.42
CA SER A 85 2.39 8.85 -17.84
C SER A 85 2.93 7.62 -17.06
N THR A 86 4.24 7.55 -16.76
CA THR A 86 4.86 6.56 -15.85
C THR A 86 4.17 6.58 -14.50
N LEU A 87 4.13 7.78 -13.93
CA LEU A 87 3.64 8.17 -12.63
C LEU A 87 2.14 7.89 -12.50
N GLU A 88 1.38 8.24 -13.53
CA GLU A 88 -0.07 8.02 -13.63
C GLU A 88 -0.39 6.52 -13.77
N THR A 89 0.37 5.78 -14.61
CA THR A 89 0.27 4.30 -14.73
C THR A 89 0.53 3.65 -13.40
N LYS A 90 1.63 4.09 -12.75
CA LYS A 90 1.93 3.68 -11.39
C LYS A 90 0.77 3.98 -10.52
N LEU A 91 0.30 5.20 -10.37
CA LEU A 91 -0.72 5.45 -9.38
C LEU A 91 -2.02 4.70 -9.63
N GLY A 92 -2.41 4.38 -10.86
CA GLY A 92 -3.54 3.47 -11.05
C GLY A 92 -3.20 2.05 -10.54
N GLU A 93 -2.06 1.48 -10.94
CA GLU A 93 -1.58 0.18 -10.45
C GLU A 93 -1.29 0.15 -8.93
N LEU A 94 -0.85 1.28 -8.35
CA LEU A 94 -0.47 1.56 -6.96
C LEU A 94 -1.72 1.68 -6.10
N LYS A 95 -2.67 2.52 -6.50
CA LYS A 95 -3.98 2.69 -5.85
C LYS A 95 -4.78 1.37 -5.92
N ARG A 96 -4.58 0.55 -6.97
CA ARG A 96 -5.08 -0.83 -7.08
C ARG A 96 -4.31 -1.82 -6.23
N GLN A 97 -2.97 -1.69 -6.06
CA GLN A 97 -2.25 -2.49 -5.06
C GLN A 97 -2.89 -2.23 -3.73
N LEU A 98 -3.17 -0.97 -3.41
CA LEU A 98 -3.93 -0.65 -2.22
C LEU A 98 -5.28 -1.30 -2.20
N ALA A 99 -6.12 -1.19 -3.22
CA ALA A 99 -7.42 -1.86 -3.17
C ALA A 99 -7.35 -3.38 -2.96
N ASP A 100 -6.25 -4.05 -3.32
CA ASP A 100 -5.96 -5.46 -2.97
C ASP A 100 -5.40 -5.64 -1.53
N LEU A 101 -4.43 -4.81 -1.15
CA LEU A 101 -3.81 -4.67 0.18
C LEU A 101 -4.83 -4.45 1.28
N VAL A 102 -5.65 -3.44 1.03
CA VAL A 102 -6.58 -2.84 1.96
C VAL A 102 -7.65 -3.87 2.27
N ALA A 103 -8.11 -4.53 1.21
CA ALA A 103 -9.00 -5.68 1.22
C ALA A 103 -8.40 -6.97 1.82
N ALA A 104 -7.20 -6.88 2.39
CA ALA A 104 -6.50 -7.88 3.17
C ALA A 104 -6.06 -7.37 4.57
N GLN A 105 -5.91 -6.05 4.76
CA GLN A 105 -5.71 -5.41 6.07
C GLN A 105 -6.86 -5.73 7.05
N LYS A 106 -8.05 -6.00 6.48
CA LYS A 106 -9.32 -6.36 7.11
C LYS A 106 -9.36 -7.79 7.71
N LEU A 107 -8.46 -8.68 7.27
CA LEU A 107 -8.46 -10.12 7.55
C LEU A 107 -7.77 -10.49 8.88
N MET A 1 -56.53 -35.06 49.17
CA MET A 1 -55.54 -36.14 48.88
C MET A 1 -55.87 -36.83 47.55
N HIS A 2 -54.83 -37.32 46.86
CA HIS A 2 -54.92 -38.00 45.55
C HIS A 2 -54.00 -39.24 45.51
N HIS A 3 -54.08 -40.05 44.45
CA HIS A 3 -53.37 -41.33 44.33
C HIS A 3 -52.93 -41.63 42.89
N HIS A 4 -51.75 -42.26 42.73
CA HIS A 4 -51.18 -42.64 41.43
C HIS A 4 -50.30 -43.91 41.43
N HIS A 5 -50.15 -44.59 42.59
CA HIS A 5 -49.18 -45.67 42.78
C HIS A 5 -49.49 -46.97 42.01
N HIS A 6 -50.73 -47.12 41.52
CA HIS A 6 -51.18 -48.21 40.64
C HIS A 6 -50.56 -48.12 39.23
N HIS A 7 -49.36 -48.69 39.09
CA HIS A 7 -48.61 -48.83 37.83
C HIS A 7 -47.77 -50.13 37.85
N GLY A 8 -47.28 -50.58 36.69
CA GLY A 8 -46.62 -51.88 36.54
C GLY A 8 -45.79 -52.07 35.27
N LYS A 9 -45.18 -50.99 34.74
CA LYS A 9 -44.36 -50.97 33.53
C LYS A 9 -43.08 -50.13 33.72
N PRO A 10 -41.98 -50.48 33.03
CA PRO A 10 -40.74 -49.70 33.06
C PRO A 10 -40.85 -48.38 32.26
N ILE A 11 -39.88 -47.48 32.43
CA ILE A 11 -39.79 -46.21 31.70
C ILE A 11 -38.32 -45.78 31.48
N PRO A 12 -37.97 -45.29 30.27
CA PRO A 12 -36.64 -44.80 29.93
C PRO A 12 -36.37 -43.37 30.47
N ASN A 13 -35.15 -42.87 30.26
CA ASN A 13 -34.76 -41.48 30.52
C ASN A 13 -33.94 -40.93 29.33
N PRO A 14 -34.24 -39.71 28.83
CA PRO A 14 -33.55 -39.13 27.66
C PRO A 14 -32.16 -38.58 28.01
N LEU A 15 -31.28 -38.51 27.01
CA LEU A 15 -29.94 -37.89 27.06
C LEU A 15 -29.62 -37.22 25.71
N LEU A 16 -28.89 -36.10 25.76
CA LEU A 16 -28.40 -35.37 24.57
C LEU A 16 -27.20 -34.46 24.90
N GLY A 17 -27.25 -33.76 26.04
CA GLY A 17 -26.28 -32.70 26.41
C GLY A 17 -26.57 -31.36 25.72
N LEU A 18 -25.79 -30.33 26.07
CA LEU A 18 -25.88 -28.97 25.53
C LEU A 18 -24.52 -28.28 25.56
N ASP A 19 -24.22 -27.47 24.53
CA ASP A 19 -23.01 -26.64 24.43
C ASP A 19 -23.29 -25.34 23.64
N SER A 20 -22.50 -24.31 23.91
CA SER A 20 -22.54 -22.98 23.29
C SER A 20 -21.14 -22.34 23.16
N THR A 21 -20.07 -23.09 23.42
CA THR A 21 -18.68 -22.63 23.44
C THR A 21 -18.17 -22.22 22.05
N GLU A 22 -18.20 -20.91 21.76
CA GLU A 22 -17.73 -20.31 20.51
C GLU A 22 -17.22 -18.87 20.76
N ASN A 23 -15.90 -18.69 20.81
CA ASN A 23 -15.23 -17.41 21.04
C ASN A 23 -13.81 -17.40 20.44
N LEU A 24 -13.38 -16.27 19.87
CA LEU A 24 -12.01 -16.01 19.41
C LEU A 24 -11.61 -14.56 19.75
N TYR A 25 -12.01 -13.59 18.92
CA TYR A 25 -11.83 -12.13 19.07
C TYR A 25 -10.50 -11.70 19.74
N PHE A 26 -9.36 -12.13 19.17
CA PHE A 26 -8.01 -11.87 19.69
C PHE A 26 -6.98 -11.59 18.57
N GLN A 27 -5.75 -11.25 18.95
CA GLN A 27 -4.62 -10.88 18.08
C GLN A 27 -3.98 -12.08 17.33
N GLY A 28 -4.77 -13.04 16.87
CA GLY A 28 -4.34 -14.30 16.24
C GLY A 28 -3.82 -14.20 14.80
N ILE A 29 -3.25 -13.06 14.41
CA ILE A 29 -2.74 -12.76 13.05
C ILE A 29 -1.59 -11.73 13.13
N ASP A 30 -0.56 -11.89 12.28
CA ASP A 30 0.58 -10.97 12.19
C ASP A 30 0.18 -9.62 11.54
N PRO A 31 0.77 -8.49 11.97
CA PRO A 31 0.44 -7.15 11.45
C PRO A 31 1.07 -6.84 10.07
N PHE A 32 1.98 -7.70 9.57
CA PHE A 32 2.82 -7.45 8.40
C PHE A 32 2.07 -7.00 7.13
N THR A 33 0.88 -7.54 6.87
CA THR A 33 0.03 -7.15 5.73
C THR A 33 -0.40 -5.68 5.78
N MET A 34 -0.58 -5.09 6.97
CA MET A 34 -0.81 -3.65 7.13
C MET A 34 0.47 -2.84 7.39
N SER A 35 1.59 -3.46 7.73
CA SER A 35 2.89 -2.76 7.70
C SER A 35 3.19 -2.42 6.23
N THR A 36 2.85 -3.35 5.33
CA THR A 36 2.82 -3.17 3.88
C THR A 36 1.80 -2.11 3.46
N LEU A 37 0.62 -2.01 4.08
CA LEU A 37 -0.29 -0.87 3.85
C LEU A 37 0.41 0.43 4.12
N GLN A 38 1.05 0.53 5.27
CA GLN A 38 1.57 1.80 5.72
C GLN A 38 2.70 2.29 4.80
N GLU A 39 3.53 1.35 4.33
CA GLU A 39 4.55 1.52 3.28
C GLU A 39 3.94 1.85 1.91
N LEU A 40 2.92 1.13 1.45
CA LEU A 40 2.39 1.25 0.09
C LEU A 40 1.44 2.44 -0.07
N GLN A 41 0.65 2.77 0.94
CA GLN A 41 -0.17 4.00 1.02
C GLN A 41 0.74 5.25 1.13
N GLU A 42 1.95 5.09 1.66
CA GLU A 42 3.00 6.11 1.62
C GLU A 42 3.73 6.12 0.25
N ASN A 43 3.92 4.96 -0.38
CA ASN A 43 4.46 4.83 -1.73
C ASN A 43 3.55 5.51 -2.76
N ILE A 44 2.24 5.34 -2.62
CA ILE A 44 1.19 6.06 -3.34
C ILE A 44 1.48 7.55 -3.23
N THR A 45 1.61 8.06 -2.02
CA THR A 45 1.78 9.49 -1.73
C THR A 45 3.13 10.02 -2.22
N ALA A 46 4.22 9.27 -2.10
CA ALA A 46 5.53 9.73 -2.59
C ALA A 46 5.65 9.62 -4.12
N HIS A 47 5.07 8.60 -4.74
CA HIS A 47 4.94 8.45 -6.19
C HIS A 47 3.84 9.37 -6.74
N GLU A 48 2.86 9.81 -5.92
CA GLU A 48 1.91 10.87 -6.31
C GLU A 48 2.64 12.22 -6.26
N GLN A 49 3.49 12.46 -5.27
CA GLN A 49 4.24 13.72 -5.14
C GLN A 49 5.36 13.78 -6.18
N GLN A 50 6.00 12.66 -6.50
CA GLN A 50 6.89 12.58 -7.65
C GLN A 50 6.05 12.75 -8.93
N LEU A 51 4.75 12.44 -8.89
CA LEU A 51 3.82 12.72 -9.98
C LEU A 51 3.44 14.20 -10.08
N VAL A 52 3.07 14.91 -9.00
CA VAL A 52 2.86 16.36 -9.02
C VAL A 52 4.12 17.06 -9.45
N THR A 53 5.27 16.58 -9.00
CA THR A 53 6.55 17.08 -9.42
C THR A 53 6.77 16.73 -10.88
N ALA A 54 6.42 15.55 -11.39
CA ALA A 54 6.51 15.25 -12.82
C ALA A 54 5.61 16.18 -13.65
N ARG A 55 4.42 16.56 -13.15
CA ARG A 55 3.61 17.62 -13.78
C ARG A 55 4.37 18.96 -13.75
N GLN A 56 5.00 19.28 -12.61
CA GLN A 56 5.81 20.49 -12.38
C GLN A 56 7.10 20.55 -13.24
N LYS A 57 7.75 19.39 -13.43
CA LYS A 57 8.91 19.19 -14.31
C LYS A 57 8.47 19.32 -15.76
N LEU A 58 7.30 18.79 -16.13
CA LEU A 58 6.74 19.03 -17.45
C LEU A 58 6.37 20.51 -17.65
N LYS A 59 5.92 21.23 -16.62
CA LYS A 59 5.76 22.68 -16.73
C LYS A 59 7.10 23.42 -16.90
N ASP A 60 8.19 22.92 -16.31
CA ASP A 60 9.56 23.40 -16.57
C ASP A 60 10.03 23.04 -18.01
N ALA A 61 9.46 22.01 -18.64
CA ALA A 61 9.64 21.71 -20.07
C ALA A 61 8.73 22.59 -20.96
N GLU A 62 7.54 22.96 -20.52
CA GLU A 62 6.71 23.97 -21.20
C GLU A 62 7.38 25.34 -21.12
N LYS A 63 8.00 25.63 -19.98
CA LYS A 63 8.88 26.78 -19.79
C LYS A 63 10.02 26.75 -20.80
N ALA A 64 10.55 25.57 -21.11
CA ALA A 64 11.66 25.42 -22.04
C ALA A 64 11.27 25.71 -23.50
N VAL A 65 10.07 25.30 -23.93
CA VAL A 65 9.52 25.73 -25.23
C VAL A 65 8.96 27.17 -25.21
N GLU A 66 8.62 27.73 -24.04
CA GLU A 66 8.32 29.16 -23.84
C GLU A 66 9.54 30.03 -24.09
N VAL A 67 10.70 29.52 -23.68
CA VAL A 67 11.92 30.31 -23.58
C VAL A 67 13.03 29.99 -24.57
N ASP A 68 13.06 28.78 -25.10
CA ASP A 68 13.93 28.42 -26.21
C ASP A 68 13.33 27.28 -27.08
N PRO A 69 12.27 27.57 -27.86
CA PRO A 69 11.46 26.63 -28.66
C PRO A 69 12.16 25.77 -29.74
N ASP A 70 13.25 25.07 -29.42
CA ASP A 70 13.80 24.05 -30.30
C ASP A 70 12.92 22.81 -30.24
N ASP A 71 12.84 22.04 -31.32
CA ASP A 71 11.92 20.88 -31.44
C ASP A 71 12.14 19.84 -30.35
N VAL A 72 13.34 19.83 -29.77
CA VAL A 72 13.68 19.10 -28.58
C VAL A 72 12.99 19.58 -27.33
N ASN A 73 12.81 20.86 -27.06
CA ASN A 73 12.19 21.32 -25.80
C ASN A 73 10.71 20.96 -25.78
N LYS A 74 10.12 20.83 -26.98
CA LYS A 74 8.76 20.29 -27.22
C LYS A 74 8.74 18.76 -27.09
N SER A 75 9.76 18.05 -27.59
CA SER A 75 9.95 16.59 -27.39
C SER A 75 10.31 16.19 -25.96
N THR A 76 11.05 17.05 -25.30
CA THR A 76 11.40 17.10 -23.88
C THR A 76 10.15 17.33 -23.08
N LEU A 77 9.16 18.01 -23.64
CA LEU A 77 7.86 18.00 -23.01
C LEU A 77 7.29 16.60 -23.02
N GLN A 78 7.24 15.96 -24.17
CA GLN A 78 6.73 14.60 -24.36
C GLN A 78 7.44 13.54 -23.52
N ASN A 79 8.69 13.81 -23.17
CA ASN A 79 9.53 13.09 -22.21
C ASN A 79 9.16 13.34 -20.75
N ARG A 80 8.92 14.60 -20.34
CA ARG A 80 8.45 14.88 -18.98
C ARG A 80 7.02 14.38 -18.76
N ARG A 81 6.20 14.55 -19.79
CA ARG A 81 4.85 14.00 -19.99
C ARG A 81 4.87 12.47 -20.03
N ALA A 82 5.97 11.88 -20.51
CA ALA A 82 6.22 10.45 -20.42
C ALA A 82 6.56 10.01 -18.98
N ALA A 83 7.21 10.85 -18.15
CA ALA A 83 7.31 10.57 -16.72
C ALA A 83 5.94 10.68 -16.07
N VAL A 84 5.16 11.73 -16.29
CA VAL A 84 3.76 11.80 -15.80
C VAL A 84 3.02 10.55 -16.23
N SER A 85 3.21 10.02 -17.44
CA SER A 85 2.61 8.76 -17.86
C SER A 85 3.16 7.52 -17.12
N THR A 86 4.47 7.47 -16.82
CA THR A 86 5.09 6.46 -15.91
C THR A 86 4.41 6.47 -14.55
N LEU A 87 4.40 7.65 -13.97
CA LEU A 87 3.93 8.02 -12.66
C LEU A 87 2.43 7.77 -12.51
N GLU A 88 1.66 8.11 -13.54
CA GLU A 88 0.21 7.90 -13.65
C GLU A 88 -0.12 6.40 -13.81
N THR A 89 0.65 5.66 -14.65
CA THR A 89 0.55 4.19 -14.76
C THR A 89 0.80 3.54 -13.42
N LYS A 90 1.89 3.97 -12.77
CA LYS A 90 2.17 3.58 -11.40
C LYS A 90 0.99 3.90 -10.55
N LEU A 91 0.54 5.12 -10.42
CA LEU A 91 -0.48 5.40 -9.43
C LEU A 91 -1.81 4.69 -9.68
N GLY A 92 -2.19 4.35 -10.90
CA GLY A 92 -3.33 3.47 -11.11
C GLY A 92 -3.02 2.05 -10.60
N GLU A 93 -1.88 1.47 -10.98
CA GLU A 93 -1.43 0.15 -10.50
C GLU A 93 -1.15 0.12 -8.98
N LEU A 94 -0.69 1.23 -8.39
CA LEU A 94 -0.34 1.51 -7.00
C LEU A 94 -1.59 1.67 -6.15
N LYS A 95 -2.52 2.54 -6.56
CA LYS A 95 -3.84 2.71 -5.94
C LYS A 95 -4.66 1.40 -6.02
N ARG A 96 -4.41 0.57 -7.05
CA ARG A 96 -4.92 -0.82 -7.18
C ARG A 96 -4.17 -1.81 -6.29
N GLN A 97 -2.85 -1.70 -6.11
CA GLN A 97 -2.15 -2.50 -5.08
C GLN A 97 -2.81 -2.22 -3.76
N LEU A 98 -3.09 -0.95 -3.47
CA LEU A 98 -3.87 -0.60 -2.31
C LEU A 98 -5.24 -1.25 -2.32
N ALA A 99 -6.05 -1.12 -3.36
CA ALA A 99 -7.35 -1.77 -3.35
C ALA A 99 -7.31 -3.31 -3.12
N ASP A 100 -6.20 -3.99 -3.42
CA ASP A 100 -5.95 -5.39 -3.05
C ASP A 100 -5.44 -5.55 -1.59
N LEU A 101 -4.47 -4.71 -1.18
CA LEU A 101 -3.90 -4.58 0.16
C LEU A 101 -4.95 -4.32 1.23
N VAL A 102 -5.73 -3.29 0.94
CA VAL A 102 -6.68 -2.66 1.83
C VAL A 102 -7.79 -3.66 2.11
N ALA A 103 -8.23 -4.33 1.06
CA ALA A 103 -9.15 -5.45 1.05
C ALA A 103 -8.63 -6.74 1.73
N ALA A 104 -7.43 -6.67 2.30
CA ALA A 104 -6.80 -7.67 3.15
C ALA A 104 -6.43 -7.15 4.55
N GLN A 105 -6.25 -5.82 4.72
CA GLN A 105 -6.11 -5.16 6.03
C GLN A 105 -7.33 -5.41 6.94
N LYS A 106 -8.49 -5.65 6.30
CA LYS A 106 -9.82 -5.95 6.89
C LYS A 106 -9.95 -7.35 7.52
N LEU A 107 -9.11 -8.30 7.10
CA LEU A 107 -9.20 -9.74 7.40
C LEU A 107 -8.67 -10.10 8.81
N MET A 1 -60.47 -71.01 23.27
CA MET A 1 -59.15 -71.40 23.82
C MET A 1 -58.92 -70.74 25.19
N HIS A 2 -58.12 -71.37 26.05
CA HIS A 2 -57.91 -70.96 27.46
C HIS A 2 -56.42 -70.90 27.85
N HIS A 3 -55.51 -70.94 26.87
CA HIS A 3 -54.05 -71.06 27.06
C HIS A 3 -53.27 -70.03 26.21
N HIS A 4 -53.89 -68.88 25.90
CA HIS A 4 -53.35 -67.82 25.05
C HIS A 4 -53.52 -66.46 25.75
N HIS A 5 -52.43 -65.90 26.27
CA HIS A 5 -52.41 -64.66 27.07
C HIS A 5 -51.04 -63.94 27.03
N HIS A 6 -51.01 -62.70 27.52
CA HIS A 6 -49.78 -61.91 27.73
C HIS A 6 -48.86 -62.53 28.79
N HIS A 7 -47.54 -62.34 28.65
CA HIS A 7 -46.52 -62.78 29.62
C HIS A 7 -45.30 -61.82 29.71
N GLY A 8 -45.42 -60.58 29.25
CA GLY A 8 -44.41 -59.53 29.44
C GLY A 8 -44.25 -59.14 30.92
N LYS A 9 -43.07 -58.59 31.27
CA LYS A 9 -42.64 -58.34 32.66
C LYS A 9 -42.01 -56.95 32.82
N PRO A 10 -42.14 -56.31 34.00
CA PRO A 10 -41.77 -54.91 34.19
C PRO A 10 -40.24 -54.68 34.17
N ILE A 11 -39.84 -53.45 33.83
CA ILE A 11 -38.45 -52.99 33.72
C ILE A 11 -38.37 -51.46 33.93
N PRO A 12 -37.30 -50.94 34.58
CA PRO A 12 -37.03 -49.51 34.71
C PRO A 12 -37.08 -48.73 33.38
N ASN A 13 -37.45 -47.45 33.46
CA ASN A 13 -37.49 -46.54 32.31
C ASN A 13 -36.11 -46.37 31.64
N PRO A 14 -36.04 -46.25 30.30
CA PRO A 14 -34.79 -46.07 29.56
C PRO A 14 -34.19 -44.66 29.74
N LEU A 15 -32.90 -44.52 29.45
CA LEU A 15 -32.14 -43.27 29.54
C LEU A 15 -31.04 -43.22 28.45
N LEU A 16 -30.91 -42.07 27.79
CA LEU A 16 -29.90 -41.82 26.74
C LEU A 16 -28.49 -41.52 27.32
N GLY A 17 -27.48 -41.42 26.45
CA GLY A 17 -26.11 -41.02 26.80
C GLY A 17 -25.27 -40.60 25.59
N LEU A 18 -24.12 -39.97 25.86
CA LEU A 18 -23.20 -39.39 24.86
C LEU A 18 -21.77 -39.29 25.44
N ASP A 19 -20.76 -39.31 24.56
CA ASP A 19 -19.34 -39.10 24.89
C ASP A 19 -18.62 -38.37 23.74
N SER A 20 -17.64 -37.52 24.08
CA SER A 20 -16.95 -36.62 23.14
C SER A 20 -15.57 -36.16 23.64
N THR A 21 -14.85 -35.41 22.81
CA THR A 21 -13.52 -34.83 23.12
C THR A 21 -13.44 -33.36 22.71
N GLU A 22 -12.46 -32.62 23.25
CA GLU A 22 -12.31 -31.16 23.06
C GLU A 22 -12.06 -30.75 21.59
N ASN A 23 -12.88 -29.84 21.07
CA ASN A 23 -12.73 -29.26 19.73
C ASN A 23 -11.48 -28.37 19.58
N LEU A 24 -10.92 -28.30 18.36
CA LEU A 24 -9.81 -27.42 17.98
C LEU A 24 -10.04 -26.82 16.58
N TYR A 25 -9.40 -25.68 16.30
CA TYR A 25 -9.64 -24.86 15.10
C TYR A 25 -8.35 -24.22 14.55
N PHE A 26 -8.44 -23.68 13.33
CA PHE A 26 -7.34 -23.01 12.61
C PHE A 26 -6.96 -21.63 13.21
N GLN A 27 -5.95 -20.99 12.62
CA GLN A 27 -5.39 -19.69 13.05
C GLN A 27 -5.54 -18.60 11.97
N GLY A 28 -5.29 -17.34 12.34
CA GLY A 28 -5.43 -16.17 11.46
C GLY A 28 -4.32 -16.01 10.40
N ILE A 29 -4.48 -14.99 9.55
CA ILE A 29 -3.51 -14.61 8.49
C ILE A 29 -2.15 -14.19 9.08
N ASP A 30 -1.08 -14.27 8.27
CA ASP A 30 0.28 -13.83 8.62
C ASP A 30 0.36 -12.33 9.01
N PRO A 31 1.33 -11.94 9.85
CA PRO A 31 1.56 -10.54 10.24
C PRO A 31 2.15 -9.68 9.10
N PHE A 32 2.30 -8.38 9.38
CA PHE A 32 2.98 -7.36 8.55
C PHE A 32 2.29 -6.98 7.22
N THR A 33 1.08 -7.49 6.95
CA THR A 33 0.25 -7.07 5.80
C THR A 33 -0.09 -5.58 5.84
N MET A 34 -0.36 -5.00 7.01
CA MET A 34 -0.52 -3.55 7.14
C MET A 34 0.81 -2.79 7.30
N SER A 35 1.93 -3.44 7.62
CA SER A 35 3.25 -2.78 7.51
C SER A 35 3.49 -2.45 6.03
N THR A 36 3.09 -3.39 5.16
CA THR A 36 3.01 -3.22 3.71
C THR A 36 1.99 -2.14 3.30
N LEU A 37 0.83 -2.01 3.97
CA LEU A 37 -0.07 -0.86 3.76
C LEU A 37 0.66 0.44 4.02
N GLN A 38 1.34 0.52 5.16
CA GLN A 38 1.89 1.79 5.58
C GLN A 38 3.02 2.26 4.65
N GLU A 39 3.76 1.32 4.05
CA GLU A 39 4.75 1.53 2.97
C GLU A 39 4.08 1.82 1.61
N LEU A 40 3.04 1.09 1.21
CA LEU A 40 2.45 1.20 -0.12
C LEU A 40 1.49 2.38 -0.25
N GLN A 41 0.73 2.71 0.80
CA GLN A 41 -0.08 3.93 0.90
C GLN A 41 0.82 5.18 0.97
N GLU A 42 2.04 5.03 1.49
CA GLU A 42 3.10 6.04 1.42
C GLU A 42 3.74 6.07 0.03
N ASN A 43 3.91 4.91 -0.63
CA ASN A 43 4.39 4.79 -2.01
C ASN A 43 3.43 5.49 -2.99
N ILE A 44 2.13 5.30 -2.79
CA ILE A 44 1.05 6.03 -3.47
C ILE A 44 1.33 7.52 -3.35
N THR A 45 1.47 8.02 -2.14
CA THR A 45 1.57 9.46 -1.87
C THR A 45 2.92 10.03 -2.35
N ALA A 46 4.02 9.29 -2.28
CA ALA A 46 5.32 9.74 -2.77
C ALA A 46 5.42 9.68 -4.30
N HIS A 47 4.92 8.61 -4.91
CA HIS A 47 4.74 8.47 -6.35
C HIS A 47 3.63 9.41 -6.86
N GLU A 48 2.69 9.87 -6.02
CA GLU A 48 1.77 10.95 -6.37
C GLU A 48 2.49 12.29 -6.31
N GLN A 49 3.30 12.58 -5.29
CA GLN A 49 4.09 13.82 -5.22
C GLN A 49 5.13 13.88 -6.33
N GLN A 50 5.77 12.76 -6.67
CA GLN A 50 6.59 12.66 -7.87
C GLN A 50 5.73 12.84 -9.11
N LEU A 51 4.42 12.54 -9.05
CA LEU A 51 3.49 12.81 -10.13
C LEU A 51 3.07 14.29 -10.23
N VAL A 52 2.78 14.99 -9.14
CA VAL A 52 2.57 16.45 -9.14
C VAL A 52 3.81 17.16 -9.60
N THR A 53 4.97 16.68 -9.14
CA THR A 53 6.26 17.18 -9.53
C THR A 53 6.50 16.85 -10.98
N ALA A 54 6.11 15.69 -11.51
CA ALA A 54 6.17 15.38 -12.94
C ALA A 54 5.26 16.31 -13.74
N ARG A 55 4.09 16.72 -13.20
CA ARG A 55 3.27 17.77 -13.81
C ARG A 55 4.05 19.10 -13.83
N GLN A 56 4.65 19.46 -12.69
CA GLN A 56 5.50 20.64 -12.48
C GLN A 56 6.81 20.61 -13.32
N LYS A 57 7.30 19.42 -13.63
CA LYS A 57 8.48 19.15 -14.46
C LYS A 57 8.11 19.29 -15.93
N LEU A 58 6.94 18.80 -16.33
CA LEU A 58 6.40 19.08 -17.66
C LEU A 58 6.02 20.56 -17.82
N LYS A 59 5.57 21.27 -16.79
CA LYS A 59 5.42 22.74 -16.86
C LYS A 59 6.75 23.50 -16.96
N ASP A 60 7.82 23.01 -16.33
CA ASP A 60 9.19 23.51 -16.51
C ASP A 60 9.79 23.14 -17.89
N ALA A 61 9.30 22.06 -18.54
CA ALA A 61 9.62 21.76 -19.93
C ALA A 61 8.77 22.61 -20.90
N GLU A 62 7.55 23.00 -20.55
CA GLU A 62 6.78 24.00 -21.32
C GLU A 62 7.45 25.36 -21.19
N LYS A 63 7.96 25.67 -19.99
CA LYS A 63 8.83 26.82 -19.77
C LYS A 63 10.05 26.77 -20.68
N ALA A 64 10.59 25.58 -20.95
CA ALA A 64 11.76 25.42 -21.81
C ALA A 64 11.48 25.70 -23.29
N VAL A 65 10.33 25.26 -23.81
CA VAL A 65 9.87 25.67 -25.16
C VAL A 65 9.33 27.12 -25.19
N GLU A 66 8.90 27.69 -24.06
CA GLU A 66 8.60 29.12 -23.90
C GLU A 66 9.84 29.99 -24.08
N VAL A 67 10.96 29.50 -23.55
CA VAL A 67 12.17 30.28 -23.37
C VAL A 67 13.34 29.96 -24.26
N ASP A 68 13.41 28.75 -24.78
CA ASP A 68 14.35 28.37 -25.83
C ASP A 68 13.82 27.22 -26.73
N PRO A 69 12.82 27.50 -27.59
CA PRO A 69 12.07 26.56 -28.43
C PRO A 69 12.83 25.69 -29.45
N ASP A 70 13.85 24.95 -29.04
CA ASP A 70 14.45 23.91 -29.88
C ASP A 70 13.52 22.71 -29.90
N ASP A 71 13.54 21.93 -30.98
CA ASP A 71 12.68 20.75 -31.19
C ASP A 71 12.70 19.75 -30.06
N VAL A 72 13.87 19.66 -29.45
CA VAL A 72 14.12 18.91 -28.25
C VAL A 72 13.39 19.43 -27.05
N ASN A 73 13.24 20.72 -26.80
CA ASN A 73 12.56 21.20 -25.60
C ASN A 73 11.07 20.87 -25.68
N LYS A 74 10.56 20.71 -26.90
CA LYS A 74 9.19 20.22 -27.20
C LYS A 74 9.11 18.69 -27.08
N SER A 75 10.15 17.95 -27.49
CA SER A 75 10.26 16.49 -27.28
C SER A 75 10.52 16.09 -25.83
N THR A 76 11.30 16.90 -25.14
CA THR A 76 11.59 16.95 -23.71
C THR A 76 10.30 17.23 -22.96
N LEU A 77 9.37 17.94 -23.60
CA LEU A 77 8.04 17.99 -23.03
C LEU A 77 7.39 16.61 -23.02
N GLN A 78 7.36 15.96 -24.17
CA GLN A 78 6.77 14.62 -24.36
C GLN A 78 7.43 13.56 -23.49
N ASN A 79 8.69 13.76 -23.13
CA ASN A 79 9.47 13.01 -22.15
C ASN A 79 9.05 13.28 -20.69
N ARG A 80 8.84 14.54 -20.31
CA ARG A 80 8.34 14.90 -18.97
C ARG A 80 6.89 14.46 -18.77
N ARG A 81 6.09 14.66 -19.82
CA ARG A 81 4.73 14.18 -20.03
C ARG A 81 4.67 12.64 -20.11
N ALA A 82 5.75 12.00 -20.56
CA ALA A 82 5.94 10.55 -20.49
C ALA A 82 6.25 10.10 -19.04
N ALA A 83 6.94 10.90 -18.22
CA ALA A 83 7.03 10.61 -16.78
C ALA A 83 5.64 10.72 -16.16
N VAL A 84 4.87 11.77 -16.41
CA VAL A 84 3.46 11.84 -15.94
C VAL A 84 2.71 10.59 -16.36
N SER A 85 2.92 10.06 -17.56
CA SER A 85 2.30 8.79 -17.99
C SER A 85 2.85 7.55 -17.23
N THR A 86 4.15 7.49 -16.93
CA THR A 86 4.77 6.49 -16.03
C THR A 86 4.09 6.50 -14.67
N LEU A 87 4.07 7.69 -14.09
CA LEU A 87 3.59 8.06 -12.78
C LEU A 87 2.10 7.80 -12.64
N GLU A 88 1.32 8.15 -13.67
CA GLU A 88 -0.12 7.96 -13.75
C GLU A 88 -0.46 6.45 -13.90
N THR A 89 0.27 5.71 -14.75
CA THR A 89 0.16 4.24 -14.87
C THR A 89 0.42 3.59 -13.53
N LYS A 90 1.53 4.00 -12.90
CA LYS A 90 1.86 3.59 -11.55
C LYS A 90 0.70 3.89 -10.66
N LEU A 91 0.25 5.12 -10.51
CA LEU A 91 -0.75 5.39 -9.49
C LEU A 91 -2.07 4.68 -9.71
N GLY A 92 -2.50 4.40 -10.94
CA GLY A 92 -3.65 3.52 -11.12
C GLY A 92 -3.36 2.10 -10.62
N GLU A 93 -2.24 1.51 -11.03
CA GLU A 93 -1.79 0.19 -10.57
C GLU A 93 -1.48 0.15 -9.05
N LEU A 94 -0.94 1.23 -8.49
CA LEU A 94 -0.54 1.48 -7.10
C LEU A 94 -1.77 1.61 -6.22
N LYS A 95 -2.72 2.48 -6.60
CA LYS A 95 -4.02 2.64 -5.94
C LYS A 95 -4.83 1.33 -5.99
N ARG A 96 -4.63 0.51 -7.05
CA ARG A 96 -5.15 -0.87 -7.15
C ARG A 96 -4.37 -1.89 -6.30
N GLN A 97 -3.04 -1.75 -6.13
CA GLN A 97 -2.30 -2.56 -5.15
C GLN A 97 -2.90 -2.28 -3.79
N LEU A 98 -3.18 -1.01 -3.50
CA LEU A 98 -3.91 -0.66 -2.30
C LEU A 98 -5.28 -1.30 -2.23
N ALA A 99 -6.13 -1.20 -3.24
CA ALA A 99 -7.44 -1.85 -3.15
C ALA A 99 -7.38 -3.38 -2.90
N ASP A 100 -6.29 -4.06 -3.28
CA ASP A 100 -6.00 -5.45 -2.90
C ASP A 100 -5.41 -5.60 -1.47
N LEU A 101 -4.44 -4.74 -1.13
CA LEU A 101 -3.80 -4.60 0.19
C LEU A 101 -4.79 -4.35 1.31
N VAL A 102 -5.61 -3.34 1.08
CA VAL A 102 -6.51 -2.72 2.00
C VAL A 102 -7.57 -3.74 2.38
N ALA A 103 -8.08 -4.43 1.35
CA ALA A 103 -8.98 -5.57 1.42
C ALA A 103 -8.39 -6.83 2.10
N ALA A 104 -7.16 -6.74 2.60
CA ALA A 104 -6.46 -7.72 3.41
C ALA A 104 -5.98 -7.16 4.77
N GLN A 105 -5.81 -5.83 4.90
CA GLN A 105 -5.58 -5.13 6.18
C GLN A 105 -6.73 -5.38 7.19
N LYS A 106 -7.94 -5.63 6.65
CA LYS A 106 -9.21 -5.92 7.33
C LYS A 106 -9.25 -7.30 8.02
N LEU A 107 -8.41 -8.24 7.58
CA LEU A 107 -8.43 -9.67 7.95
C LEU A 107 -7.77 -9.96 9.30
N MET A 1 -0.78 9.68 27.42
CA MET A 1 0.47 10.42 27.72
C MET A 1 0.75 11.45 26.62
N HIS A 2 1.38 11.05 25.50
CA HIS A 2 1.63 11.89 24.33
C HIS A 2 1.67 11.02 23.06
N HIS A 3 0.81 11.33 22.08
CA HIS A 3 0.56 10.49 20.90
C HIS A 3 0.45 11.26 19.58
N HIS A 4 0.36 12.60 19.63
CA HIS A 4 0.34 13.51 18.47
C HIS A 4 0.81 14.91 18.87
N HIS A 5 1.19 15.75 17.90
CA HIS A 5 1.68 17.12 18.10
C HIS A 5 0.64 18.11 18.67
N HIS A 6 -0.65 17.72 18.67
CA HIS A 6 -1.79 18.50 19.18
C HIS A 6 -2.89 17.57 19.73
N HIS A 7 -3.94 18.12 20.32
CA HIS A 7 -5.15 17.39 20.72
C HIS A 7 -5.82 16.67 19.52
N GLY A 8 -6.56 15.59 19.81
CA GLY A 8 -7.27 14.77 18.82
C GLY A 8 -8.25 13.77 19.46
N LYS A 9 -8.97 13.02 18.63
CA LYS A 9 -10.03 12.07 19.06
C LYS A 9 -9.50 10.98 20.00
N PRO A 10 -10.27 10.58 21.03
CA PRO A 10 -9.87 9.59 22.04
C PRO A 10 -10.08 8.11 21.60
N ILE A 11 -10.62 7.89 20.39
CA ILE A 11 -11.03 6.57 19.88
C ILE A 11 -9.88 5.52 19.83
N PRO A 12 -10.20 4.22 19.94
CA PRO A 12 -9.24 3.13 19.98
C PRO A 12 -8.68 2.77 18.59
N ASN A 13 -7.76 1.80 18.53
CA ASN A 13 -7.18 1.22 17.30
C ASN A 13 -6.83 -0.27 17.52
N PRO A 14 -6.74 -1.09 16.46
CA PRO A 14 -6.57 -2.56 16.54
C PRO A 14 -5.13 -3.02 16.83
N LEU A 15 -4.40 -2.29 17.69
CA LEU A 15 -3.01 -2.58 18.08
C LEU A 15 -2.83 -3.95 18.75
N LEU A 16 -1.63 -4.51 18.62
CA LEU A 16 -1.19 -5.77 19.25
C LEU A 16 0.33 -5.75 19.53
N GLY A 17 0.84 -6.78 20.22
CA GLY A 17 2.24 -6.85 20.64
C GLY A 17 2.59 -5.93 21.83
N LEU A 18 1.59 -5.55 22.62
CA LEU A 18 1.68 -4.56 23.72
C LEU A 18 1.26 -5.15 25.09
N ASP A 19 1.22 -6.48 25.18
CA ASP A 19 0.82 -7.26 26.37
C ASP A 19 1.91 -8.30 26.76
N SER A 20 3.16 -8.05 26.35
CA SER A 20 4.35 -8.86 26.62
C SER A 20 5.62 -7.99 26.73
N THR A 21 6.74 -8.58 27.16
CA THR A 21 8.01 -7.88 27.40
C THR A 21 8.63 -7.27 26.13
N GLU A 22 9.28 -6.12 26.29
CA GLU A 22 9.94 -5.34 25.23
C GLU A 22 11.06 -4.46 25.84
N ASN A 23 12.17 -4.31 25.12
CA ASN A 23 13.34 -3.52 25.54
C ASN A 23 13.97 -2.65 24.42
N LEU A 24 13.47 -2.73 23.18
CA LEU A 24 13.94 -1.99 22.00
C LEU A 24 12.80 -1.24 21.26
N TYR A 25 11.63 -1.06 21.90
CA TYR A 25 10.45 -0.29 21.45
C TYR A 25 9.85 -0.55 20.05
N PHE A 26 10.35 -1.54 19.28
CA PHE A 26 9.77 -1.99 18.00
C PHE A 26 9.67 -3.53 17.87
N GLN A 27 9.89 -4.27 18.96
CA GLN A 27 9.75 -5.73 19.01
C GLN A 27 8.28 -6.20 18.96
N GLY A 28 7.33 -5.32 19.30
CA GLY A 28 5.89 -5.54 19.17
C GLY A 28 5.22 -4.45 18.31
N ILE A 29 4.69 -4.85 17.15
CA ILE A 29 4.14 -3.97 16.09
C ILE A 29 2.96 -4.63 15.36
N ASP A 30 2.30 -3.87 14.48
CA ASP A 30 1.28 -4.33 13.51
C ASP A 30 1.76 -5.52 12.63
N PRO A 31 0.84 -6.34 12.07
CA PRO A 31 1.21 -7.45 11.19
C PRO A 31 1.80 -6.95 9.85
N PHE A 32 2.77 -7.70 9.31
CA PHE A 32 3.57 -7.28 8.15
C PHE A 32 2.76 -6.96 6.89
N THR A 33 1.60 -7.60 6.69
CA THR A 33 0.66 -7.29 5.61
C THR A 33 0.14 -5.84 5.65
N MET A 34 0.00 -5.25 6.85
CA MET A 34 -0.30 -3.81 7.00
C MET A 34 0.94 -2.94 7.23
N SER A 35 2.10 -3.50 7.59
CA SER A 35 3.36 -2.72 7.51
C SER A 35 3.60 -2.38 6.03
N THR A 36 3.25 -3.33 5.15
CA THR A 36 3.18 -3.15 3.69
C THR A 36 2.10 -2.16 3.30
N LEU A 37 0.95 -2.07 3.98
CA LEU A 37 -0.01 -0.98 3.76
C LEU A 37 0.67 0.35 4.02
N GLN A 38 1.33 0.49 5.18
CA GLN A 38 1.84 1.77 5.57
C GLN A 38 2.93 2.26 4.59
N GLU A 39 3.76 1.34 4.10
CA GLU A 39 4.75 1.48 3.02
C GLU A 39 4.13 1.78 1.65
N LEU A 40 3.09 1.06 1.23
CA LEU A 40 2.49 1.18 -0.10
C LEU A 40 1.52 2.36 -0.21
N GLN A 41 0.76 2.68 0.84
CA GLN A 41 -0.06 3.90 0.96
C GLN A 41 0.86 5.14 1.03
N GLU A 42 2.08 4.99 1.54
CA GLU A 42 3.14 6.00 1.46
C GLU A 42 3.77 6.04 0.06
N ASN A 43 3.95 4.88 -0.59
CA ASN A 43 4.41 4.80 -1.98
C ASN A 43 3.43 5.48 -2.95
N ILE A 44 2.13 5.30 -2.72
CA ILE A 44 1.04 6.03 -3.40
C ILE A 44 1.32 7.51 -3.28
N THR A 45 1.42 8.02 -2.07
CA THR A 45 1.53 9.46 -1.80
C THR A 45 2.85 10.03 -2.31
N ALA A 46 3.97 9.31 -2.19
CA ALA A 46 5.27 9.78 -2.69
C ALA A 46 5.39 9.68 -4.21
N HIS A 47 4.83 8.64 -4.82
CA HIS A 47 4.68 8.51 -6.28
C HIS A 47 3.56 9.45 -6.79
N GLU A 48 2.64 9.91 -5.94
CA GLU A 48 1.70 10.99 -6.30
C GLU A 48 2.41 12.34 -6.24
N GLN A 49 3.23 12.63 -5.23
CA GLN A 49 4.01 13.88 -5.16
C GLN A 49 5.08 13.92 -6.25
N GLN A 50 5.71 12.79 -6.58
CA GLN A 50 6.55 12.69 -7.77
C GLN A 50 5.70 12.83 -9.03
N LEU A 51 4.39 12.55 -8.97
CA LEU A 51 3.46 12.79 -10.07
C LEU A 51 3.04 14.25 -10.21
N VAL A 52 2.69 14.96 -9.13
CA VAL A 52 2.47 16.41 -9.18
C VAL A 52 3.71 17.12 -9.62
N THR A 53 4.86 16.69 -9.10
CA THR A 53 6.14 17.20 -9.50
C THR A 53 6.40 16.81 -10.94
N ALA A 54 6.04 15.63 -11.44
CA ALA A 54 6.15 15.34 -12.86
C ALA A 54 5.26 16.26 -13.70
N ARG A 55 4.08 16.67 -13.20
CA ARG A 55 3.31 17.73 -13.87
C ARG A 55 4.08 19.07 -13.86
N GLN A 56 4.67 19.40 -12.71
CA GLN A 56 5.46 20.60 -12.43
C GLN A 56 6.78 20.65 -13.23
N LYS A 57 7.44 19.51 -13.42
CA LYS A 57 8.62 19.30 -14.26
C LYS A 57 8.23 19.41 -15.73
N LEU A 58 7.06 18.88 -16.13
CA LEU A 58 6.55 19.09 -17.47
C LEU A 58 6.21 20.56 -17.71
N LYS A 59 5.69 21.30 -16.74
CA LYS A 59 5.56 22.76 -16.88
C LYS A 59 6.90 23.47 -16.97
N ASP A 60 7.94 23.00 -16.29
CA ASP A 60 9.32 23.48 -16.47
C ASP A 60 9.90 23.12 -17.87
N ALA A 61 9.37 22.09 -18.53
CA ALA A 61 9.64 21.78 -19.95
C ALA A 61 8.82 22.66 -20.90
N GLU A 62 7.59 23.04 -20.55
CA GLU A 62 6.83 24.06 -21.30
C GLU A 62 7.51 25.42 -21.17
N LYS A 63 8.02 25.69 -19.98
CA LYS A 63 8.90 26.83 -19.68
C LYS A 63 10.18 26.79 -20.49
N ALA A 64 10.63 25.64 -20.97
CA ALA A 64 11.77 25.52 -21.87
C ALA A 64 11.47 25.82 -23.35
N VAL A 65 10.38 25.28 -23.89
CA VAL A 65 9.88 25.67 -25.22
C VAL A 65 9.40 27.15 -25.24
N GLU A 66 9.11 27.74 -24.07
CA GLU A 66 8.88 29.19 -23.88
C GLU A 66 10.17 29.99 -24.19
N VAL A 67 11.29 29.58 -23.59
CA VAL A 67 12.56 30.33 -23.57
C VAL A 67 13.43 30.09 -24.79
N ASP A 68 13.47 28.86 -25.27
CA ASP A 68 14.25 28.46 -26.44
C ASP A 68 13.61 27.26 -27.15
N PRO A 69 12.56 27.50 -27.97
CA PRO A 69 11.76 26.51 -28.70
C PRO A 69 12.50 25.62 -29.73
N ASP A 70 13.57 24.94 -29.32
CA ASP A 70 14.19 23.89 -30.11
C ASP A 70 13.30 22.66 -30.07
N ASP A 71 13.26 21.86 -31.15
CA ASP A 71 12.34 20.73 -31.27
C ASP A 71 12.48 19.72 -30.13
N VAL A 72 13.68 19.66 -29.54
CA VAL A 72 13.98 18.94 -28.33
C VAL A 72 13.27 19.46 -27.11
N ASN A 73 13.12 20.75 -26.86
CA ASN A 73 12.48 21.24 -25.64
C ASN A 73 10.99 20.90 -25.65
N LYS A 74 10.44 20.71 -26.85
CA LYS A 74 9.09 20.19 -27.11
C LYS A 74 9.04 18.66 -26.96
N SER A 75 10.04 17.92 -27.47
CA SER A 75 10.19 16.46 -27.23
C SER A 75 10.50 16.10 -25.76
N THR A 76 11.23 16.98 -25.10
CA THR A 76 11.52 17.05 -23.66
C THR A 76 10.25 17.31 -22.92
N LEU A 77 9.29 18.00 -23.54
CA LEU A 77 7.96 18.02 -22.96
C LEU A 77 7.35 16.63 -22.99
N GLN A 78 7.36 15.97 -24.14
CA GLN A 78 6.81 14.62 -24.34
C GLN A 78 7.47 13.56 -23.44
N ASN A 79 8.71 13.80 -23.05
CA ASN A 79 9.49 13.08 -22.06
C ASN A 79 9.05 13.35 -20.62
N ARG A 80 8.83 14.62 -20.23
CA ARG A 80 8.31 14.93 -18.89
C ARG A 80 6.86 14.45 -18.74
N ARG A 81 6.09 14.60 -19.82
CA ARG A 81 4.74 14.06 -20.05
C ARG A 81 4.73 12.54 -20.07
N ALA A 82 5.82 11.91 -20.53
CA ALA A 82 6.05 10.48 -20.42
C ALA A 82 6.34 10.07 -18.96
N ALA A 83 6.97 10.91 -18.14
CA ALA A 83 7.04 10.65 -16.69
C ALA A 83 5.65 10.76 -16.08
N VAL A 84 4.87 11.81 -16.31
CA VAL A 84 3.46 11.87 -15.86
C VAL A 84 2.72 10.63 -16.28
N SER A 85 2.94 10.10 -17.49
CA SER A 85 2.34 8.83 -17.92
C SER A 85 2.88 7.59 -17.18
N THR A 86 4.18 7.53 -16.85
CA THR A 86 4.81 6.53 -15.95
C THR A 86 4.12 6.53 -14.60
N LEU A 87 4.10 7.72 -14.01
CA LEU A 87 3.61 8.09 -12.70
C LEU A 87 2.12 7.82 -12.57
N GLU A 88 1.35 8.16 -13.60
CA GLU A 88 -0.09 7.94 -13.70
C GLU A 88 -0.42 6.45 -13.85
N THR A 89 0.32 5.71 -14.70
CA THR A 89 0.21 4.23 -14.82
C THR A 89 0.47 3.59 -13.48
N LYS A 90 1.57 4.00 -12.84
CA LYS A 90 1.88 3.60 -11.48
C LYS A 90 0.72 3.90 -10.60
N LEU A 91 0.26 5.12 -10.44
CA LEU A 91 -0.76 5.38 -9.44
C LEU A 91 -2.06 4.65 -9.67
N GLY A 92 -2.47 4.35 -10.90
CA GLY A 92 -3.60 3.44 -11.08
C GLY A 92 -3.27 2.03 -10.58
N GLU A 93 -2.14 1.44 -10.99
CA GLU A 93 -1.69 0.13 -10.50
C GLU A 93 -1.38 0.11 -8.99
N LEU A 94 -0.90 1.22 -8.43
CA LEU A 94 -0.50 1.48 -7.04
C LEU A 94 -1.74 1.60 -6.16
N LYS A 95 -2.68 2.46 -6.54
CA LYS A 95 -3.99 2.60 -5.87
C LYS A 95 -4.78 1.28 -5.95
N ARG A 96 -4.58 0.47 -7.00
CA ARG A 96 -5.07 -0.92 -7.12
C ARG A 96 -4.28 -1.94 -6.30
N GLN A 97 -2.97 -1.78 -6.10
CA GLN A 97 -2.22 -2.60 -5.13
C GLN A 97 -2.84 -2.35 -3.78
N LEU A 98 -3.11 -1.08 -3.45
CA LEU A 98 -3.84 -0.76 -2.25
C LEU A 98 -5.20 -1.42 -2.22
N ALA A 99 -6.05 -1.34 -3.24
CA ALA A 99 -7.33 -2.01 -3.18
C ALA A 99 -7.24 -3.54 -2.95
N ASP A 100 -6.13 -4.20 -3.29
CA ASP A 100 -5.83 -5.59 -2.92
C ASP A 100 -5.28 -5.74 -1.49
N LEU A 101 -4.32 -4.89 -1.12
CA LEU A 101 -3.69 -4.73 0.20
C LEU A 101 -4.71 -4.49 1.31
N VAL A 102 -5.53 -3.48 1.06
CA VAL A 102 -6.45 -2.87 1.98
C VAL A 102 -7.52 -3.90 2.32
N ALA A 103 -7.94 -4.62 1.28
CA ALA A 103 -8.81 -5.76 1.30
C ALA A 103 -8.22 -7.05 1.93
N ALA A 104 -7.06 -6.89 2.59
CA ALA A 104 -6.39 -7.86 3.44
C ALA A 104 -6.03 -7.26 4.82
N GLN A 105 -5.74 -5.96 4.89
CA GLN A 105 -5.60 -5.18 6.13
C GLN A 105 -6.87 -5.30 7.00
N LYS A 106 -8.03 -5.32 6.32
CA LYS A 106 -9.38 -5.31 6.90
C LYS A 106 -9.87 -6.65 7.49
N LEU A 107 -9.14 -7.74 7.24
CA LEU A 107 -9.52 -9.13 7.59
C LEU A 107 -9.14 -9.48 9.04
N MET A 1 -60.63 -30.26 21.82
CA MET A 1 -61.18 -29.69 20.57
C MET A 1 -62.20 -30.66 19.94
N HIS A 2 -62.00 -31.12 18.70
CA HIS A 2 -62.85 -32.11 18.01
C HIS A 2 -62.03 -32.96 17.02
N HIS A 3 -62.60 -34.06 16.53
CA HIS A 3 -62.02 -34.94 15.49
C HIS A 3 -60.56 -35.40 15.80
N HIS A 4 -60.28 -35.67 17.08
CA HIS A 4 -58.95 -36.03 17.60
C HIS A 4 -58.35 -37.31 16.96
N HIS A 5 -57.02 -37.42 17.00
CA HIS A 5 -56.24 -38.58 16.51
C HIS A 5 -55.18 -38.99 17.55
N HIS A 6 -54.61 -40.19 17.42
CA HIS A 6 -53.70 -40.81 18.39
C HIS A 6 -52.47 -41.48 17.76
N HIS A 7 -52.26 -41.33 16.44
CA HIS A 7 -51.09 -41.85 15.72
C HIS A 7 -49.76 -41.23 16.20
N GLY A 8 -48.67 -41.98 16.09
CA GLY A 8 -47.32 -41.54 16.46
C GLY A 8 -46.24 -42.61 16.26
N LYS A 9 -44.97 -42.22 16.47
CA LYS A 9 -43.76 -43.05 16.30
C LYS A 9 -42.69 -42.69 17.36
N PRO A 10 -41.81 -43.64 17.72
CA PRO A 10 -40.72 -43.39 18.67
C PRO A 10 -39.67 -42.40 18.11
N ILE A 11 -38.93 -41.75 19.01
CA ILE A 11 -37.95 -40.69 18.70
C ILE A 11 -36.64 -40.85 19.50
N PRO A 12 -35.53 -40.26 19.04
CA PRO A 12 -34.22 -40.24 19.72
C PRO A 12 -34.23 -39.77 21.19
N ASN A 13 -33.17 -40.15 21.92
CA ASN A 13 -32.90 -39.74 23.30
C ASN A 13 -31.38 -39.54 23.49
N PRO A 14 -30.91 -38.35 23.94
CA PRO A 14 -29.48 -37.99 24.04
C PRO A 14 -28.75 -38.65 25.25
N LEU A 15 -28.98 -39.95 25.47
CA LEU A 15 -28.33 -40.77 26.52
C LEU A 15 -26.79 -40.84 26.37
N LEU A 16 -26.27 -40.70 25.14
CA LEU A 16 -24.86 -40.73 24.78
C LEU A 16 -24.51 -39.60 23.79
N GLY A 17 -23.22 -39.34 23.59
CA GLY A 17 -22.70 -38.27 22.72
C GLY A 17 -21.18 -38.34 22.53
N LEU A 18 -20.61 -37.26 21.96
CA LEU A 18 -19.16 -37.11 21.75
C LEU A 18 -18.39 -37.00 23.08
N ASP A 19 -18.97 -36.32 24.07
CA ASP A 19 -18.39 -36.02 25.40
C ASP A 19 -16.97 -35.39 25.39
N SER A 20 -16.57 -34.79 24.26
CA SER A 20 -15.29 -34.10 24.04
C SER A 20 -15.40 -33.11 22.87
N THR A 21 -14.42 -32.21 22.73
CA THR A 21 -14.34 -31.25 21.61
C THR A 21 -14.05 -31.94 20.26
N GLU A 22 -14.67 -31.45 19.18
CA GLU A 22 -14.53 -32.00 17.82
C GLU A 22 -14.50 -30.89 16.73
N ASN A 23 -14.50 -29.61 17.13
CA ASN A 23 -14.36 -28.44 16.25
C ASN A 23 -13.70 -27.27 17.00
N LEU A 24 -13.00 -26.39 16.29
CA LEU A 24 -12.26 -25.25 16.84
C LEU A 24 -12.07 -24.10 15.82
N TYR A 25 -11.48 -22.98 16.27
CA TYR A 25 -11.17 -21.80 15.47
C TYR A 25 -10.16 -22.04 14.32
N PHE A 26 -10.02 -21.06 13.42
CA PHE A 26 -9.04 -21.05 12.33
C PHE A 26 -8.52 -19.63 12.06
N GLN A 27 -7.25 -19.52 11.67
CA GLN A 27 -6.58 -18.28 11.23
C GLN A 27 -5.55 -18.59 10.12
N GLY A 28 -5.20 -17.58 9.32
CA GLY A 28 -4.27 -17.72 8.18
C GLY A 28 -3.66 -16.41 7.69
N ILE A 29 -3.50 -15.42 8.59
CA ILE A 29 -2.98 -14.07 8.31
C ILE A 29 -1.99 -13.60 9.40
N ASP A 30 -1.29 -12.48 9.14
CA ASP A 30 -0.32 -11.83 10.03
C ASP A 30 -0.38 -10.30 9.86
N PRO A 31 0.03 -9.51 10.88
CA PRO A 31 -0.06 -8.04 10.83
C PRO A 31 0.86 -7.38 9.79
N PHE A 32 1.84 -8.10 9.26
CA PHE A 32 2.79 -7.62 8.23
C PHE A 32 2.11 -7.14 6.94
N THR A 33 0.88 -7.60 6.64
CA THR A 33 0.06 -7.07 5.54
C THR A 33 -0.19 -5.57 5.67
N MET A 34 -0.35 -5.04 6.89
CA MET A 34 -0.46 -3.60 7.10
C MET A 34 0.88 -2.87 7.30
N SER A 35 1.99 -3.57 7.57
CA SER A 35 3.32 -2.94 7.49
C SER A 35 3.56 -2.58 6.02
N THR A 36 3.15 -3.49 5.12
CA THR A 36 3.07 -3.27 3.68
C THR A 36 2.08 -2.18 3.31
N LEU A 37 0.92 -2.04 3.97
CA LEU A 37 0.03 -0.88 3.77
C LEU A 37 0.77 0.41 4.04
N GLN A 38 1.46 0.46 5.18
CA GLN A 38 2.02 1.71 5.64
C GLN A 38 3.17 2.20 4.72
N GLU A 39 3.84 1.27 4.04
CA GLU A 39 4.82 1.46 2.96
C GLU A 39 4.15 1.81 1.63
N LEU A 40 3.11 1.08 1.22
CA LEU A 40 2.49 1.21 -0.10
C LEU A 40 1.52 2.38 -0.22
N GLN A 41 0.76 2.70 0.83
CA GLN A 41 -0.06 3.92 0.94
C GLN A 41 0.83 5.17 1.01
N GLU A 42 2.06 5.03 1.53
CA GLU A 42 3.12 6.03 1.45
C GLU A 42 3.76 6.08 0.06
N ASN A 43 3.94 4.93 -0.60
CA ASN A 43 4.42 4.82 -1.97
C ASN A 43 3.47 5.51 -2.95
N ILE A 44 2.16 5.31 -2.77
CA ILE A 44 1.08 6.03 -3.46
C ILE A 44 1.35 7.52 -3.34
N THR A 45 1.49 8.03 -2.12
CA THR A 45 1.59 9.46 -1.86
C THR A 45 2.91 10.04 -2.35
N ALA A 46 4.04 9.32 -2.24
CA ALA A 46 5.33 9.79 -2.74
C ALA A 46 5.44 9.71 -4.27
N HIS A 47 4.88 8.66 -4.89
CA HIS A 47 4.69 8.51 -6.32
C HIS A 47 3.55 9.42 -6.85
N GLU A 48 2.65 9.92 -5.99
CA GLU A 48 1.70 10.97 -6.36
C GLU A 48 2.42 12.34 -6.29
N GLN A 49 3.26 12.61 -5.29
CA GLN A 49 4.05 13.84 -5.21
C GLN A 49 5.10 13.89 -6.34
N GLN A 50 5.72 12.75 -6.66
CA GLN A 50 6.54 12.65 -7.87
C GLN A 50 5.67 12.79 -9.12
N LEU A 51 4.35 12.54 -9.03
CA LEU A 51 3.42 12.80 -10.13
C LEU A 51 3.01 14.26 -10.24
N VAL A 52 2.70 14.98 -9.15
CA VAL A 52 2.50 16.43 -9.16
C VAL A 52 3.76 17.12 -9.64
N THR A 53 4.92 16.64 -9.19
CA THR A 53 6.20 17.17 -9.60
C THR A 53 6.48 16.77 -11.03
N ALA A 54 6.08 15.62 -11.53
CA ALA A 54 6.15 15.30 -12.95
C ALA A 54 5.23 16.24 -13.77
N ARG A 55 4.07 16.65 -13.23
CA ARG A 55 3.26 17.71 -13.85
C ARG A 55 4.04 19.04 -13.86
N GLN A 56 4.61 19.41 -12.71
CA GLN A 56 5.45 20.60 -12.48
C GLN A 56 6.73 20.58 -13.33
N LYS A 57 7.25 19.39 -13.64
CA LYS A 57 8.43 19.12 -14.47
C LYS A 57 8.08 19.23 -15.95
N LEU A 58 6.93 18.69 -16.37
CA LEU A 58 6.43 18.93 -17.72
C LEU A 58 6.06 20.40 -17.91
N LYS A 59 5.59 21.12 -16.88
CA LYS A 59 5.44 22.58 -16.97
C LYS A 59 6.79 23.33 -17.00
N ASP A 60 7.82 22.86 -16.30
CA ASP A 60 9.20 23.36 -16.44
C ASP A 60 9.81 23.02 -17.83
N ALA A 61 9.32 21.98 -18.52
CA ALA A 61 9.64 21.71 -19.92
C ALA A 61 8.78 22.56 -20.88
N GLU A 62 7.54 22.92 -20.53
CA GLU A 62 6.75 23.92 -21.28
C GLU A 62 7.41 25.29 -21.16
N LYS A 63 7.93 25.58 -19.96
CA LYS A 63 8.78 26.73 -19.71
C LYS A 63 10.00 26.71 -20.62
N ALA A 64 10.56 25.53 -20.90
CA ALA A 64 11.73 25.39 -21.75
C ALA A 64 11.45 25.70 -23.23
N VAL A 65 10.29 25.27 -23.75
CA VAL A 65 9.84 25.70 -25.09
C VAL A 65 9.28 27.15 -25.09
N GLU A 66 8.84 27.69 -23.95
CA GLU A 66 8.52 29.12 -23.77
C GLU A 66 9.75 30.00 -23.92
N VAL A 67 10.88 29.50 -23.42
CA VAL A 67 12.08 30.29 -23.21
C VAL A 67 13.26 30.00 -24.12
N ASP A 68 13.36 28.80 -24.66
CA ASP A 68 14.30 28.47 -25.72
C ASP A 68 13.78 27.32 -26.64
N PRO A 69 12.78 27.60 -27.50
CA PRO A 69 12.03 26.65 -28.34
C PRO A 69 12.80 25.80 -29.37
N ASP A 70 13.84 25.07 -28.97
CA ASP A 70 14.45 24.05 -29.81
C ASP A 70 13.54 22.82 -29.87
N ASP A 71 13.53 22.08 -31.00
CA ASP A 71 12.61 20.95 -31.21
C ASP A 71 12.71 19.87 -30.14
N VAL A 72 13.87 19.82 -29.49
CA VAL A 72 14.12 19.04 -28.31
C VAL A 72 13.37 19.51 -27.09
N ASN A 73 13.21 20.80 -26.79
CA ASN A 73 12.52 21.24 -25.58
C ASN A 73 11.03 20.89 -25.66
N LYS A 74 10.52 20.78 -26.89
CA LYS A 74 9.16 20.30 -27.23
C LYS A 74 9.08 18.76 -27.18
N SER A 75 10.16 18.04 -27.47
CA SER A 75 10.27 16.57 -27.33
C SER A 75 10.54 16.11 -25.89
N THR A 76 11.34 16.90 -25.19
CA THR A 76 11.64 16.91 -23.76
C THR A 76 10.35 17.16 -23.02
N LEU A 77 9.42 17.87 -23.64
CA LEU A 77 8.09 17.91 -23.09
C LEU A 77 7.45 16.53 -23.07
N GLN A 78 7.40 15.88 -24.22
CA GLN A 78 6.81 14.55 -24.42
C GLN A 78 7.47 13.47 -23.55
N ASN A 79 8.74 13.69 -23.19
CA ASN A 79 9.51 12.94 -22.21
C ASN A 79 9.09 13.21 -20.76
N ARG A 80 8.88 14.48 -20.37
CA ARG A 80 8.39 14.82 -19.03
C ARG A 80 6.93 14.40 -18.83
N ARG A 81 6.14 14.60 -19.87
CA ARG A 81 4.77 14.12 -20.08
C ARG A 81 4.70 12.59 -20.15
N ALA A 82 5.77 11.94 -20.62
CA ALA A 82 5.95 10.50 -20.54
C ALA A 82 6.25 10.04 -19.11
N ALA A 83 6.95 10.84 -18.27
CA ALA A 83 7.03 10.56 -16.85
C ALA A 83 5.65 10.68 -16.21
N VAL A 84 4.88 11.75 -16.46
CA VAL A 84 3.48 11.80 -15.98
C VAL A 84 2.71 10.56 -16.40
N SER A 85 2.91 10.03 -17.60
CA SER A 85 2.29 8.76 -18.03
C SER A 85 2.82 7.53 -17.26
N THR A 86 4.12 7.47 -16.95
CA THR A 86 4.74 6.47 -16.04
C THR A 86 4.07 6.50 -14.67
N LEU A 87 4.06 7.69 -14.10
CA LEU A 87 3.59 8.07 -12.79
C LEU A 87 2.09 7.82 -12.65
N GLU A 88 1.33 8.14 -13.68
CA GLU A 88 -0.11 7.94 -13.77
C GLU A 88 -0.45 6.43 -13.92
N THR A 89 0.28 5.69 -14.76
CA THR A 89 0.17 4.21 -14.88
C THR A 89 0.43 3.57 -13.54
N LYS A 90 1.54 3.99 -12.90
CA LYS A 90 1.85 3.59 -11.55
C LYS A 90 0.68 3.91 -10.67
N LEU A 91 0.23 5.13 -10.53
CA LEU A 91 -0.77 5.40 -9.51
C LEU A 91 -2.10 4.68 -9.72
N GLY A 92 -2.51 4.35 -10.95
CA GLY A 92 -3.65 3.45 -11.13
C GLY A 92 -3.32 2.04 -10.61
N GLU A 93 -2.19 1.46 -11.03
CA GLU A 93 -1.72 0.15 -10.56
C GLU A 93 -1.42 0.10 -9.05
N LEU A 94 -0.93 1.23 -8.48
CA LEU A 94 -0.55 1.50 -7.10
C LEU A 94 -1.78 1.63 -6.22
N LYS A 95 -2.72 2.51 -6.60
CA LYS A 95 -4.01 2.67 -5.91
C LYS A 95 -4.82 1.36 -5.95
N ARG A 96 -4.63 0.54 -7.00
CA ARG A 96 -5.14 -0.86 -7.09
C ARG A 96 -4.35 -1.85 -6.24
N GLN A 97 -3.02 -1.73 -6.10
CA GLN A 97 -2.28 -2.52 -5.11
C GLN A 97 -2.88 -2.24 -3.76
N LEU A 98 -3.17 -0.97 -3.46
CA LEU A 98 -3.89 -0.64 -2.26
C LEU A 98 -5.25 -1.30 -2.18
N ALA A 99 -6.12 -1.19 -3.17
CA ALA A 99 -7.41 -1.86 -3.09
C ALA A 99 -7.33 -3.39 -2.86
N ASP A 100 -6.23 -4.05 -3.23
CA ASP A 100 -5.93 -5.45 -2.87
C ASP A 100 -5.34 -5.61 -1.45
N LEU A 101 -4.37 -4.75 -1.09
CA LEU A 101 -3.73 -4.60 0.22
C LEU A 101 -4.72 -4.37 1.35
N VAL A 102 -5.53 -3.36 1.11
CA VAL A 102 -6.45 -2.77 2.07
C VAL A 102 -7.50 -3.80 2.42
N ALA A 103 -7.92 -4.55 1.38
CA ALA A 103 -8.77 -5.71 1.42
C ALA A 103 -8.11 -6.99 2.01
N ALA A 104 -6.98 -6.80 2.69
CA ALA A 104 -6.27 -7.78 3.52
C ALA A 104 -5.83 -7.16 4.87
N GLN A 105 -5.63 -5.84 4.94
CA GLN A 105 -5.46 -5.07 6.18
C GLN A 105 -6.70 -5.22 7.08
N LYS A 106 -7.87 -5.27 6.44
CA LYS A 106 -9.22 -5.29 7.04
C LYS A 106 -9.64 -6.65 7.65
N LEU A 107 -8.90 -7.73 7.36
CA LEU A 107 -9.14 -9.10 7.83
C LEU A 107 -8.82 -9.27 9.33
N MET A 1 -33.20 -30.94 33.45
CA MET A 1 -31.86 -31.51 33.74
C MET A 1 -30.78 -30.43 33.57
N HIS A 2 -29.78 -30.41 34.47
CA HIS A 2 -28.71 -29.40 34.52
C HIS A 2 -27.31 -30.02 34.76
N HIS A 3 -27.17 -31.34 34.53
CA HIS A 3 -25.98 -32.13 34.86
C HIS A 3 -25.60 -33.13 33.74
N HIS A 4 -24.38 -33.67 33.81
CA HIS A 4 -23.89 -34.74 32.93
C HIS A 4 -24.68 -36.05 33.07
N HIS A 5 -24.59 -36.93 32.06
CA HIS A 5 -25.15 -38.29 32.11
C HIS A 5 -24.46 -39.13 33.20
N HIS A 6 -25.25 -39.90 33.96
CA HIS A 6 -24.79 -40.69 35.12
C HIS A 6 -24.16 -42.06 34.74
N HIS A 7 -24.08 -42.38 33.44
CA HIS A 7 -23.54 -43.63 32.91
C HIS A 7 -22.87 -43.42 31.54
N GLY A 8 -21.93 -44.31 31.18
CA GLY A 8 -21.25 -44.32 29.87
C GLY A 8 -20.26 -45.49 29.73
N LYS A 9 -19.76 -45.70 28.51
CA LYS A 9 -18.77 -46.74 28.16
C LYS A 9 -17.39 -46.44 28.78
N PRO A 10 -16.55 -47.48 29.03
CA PRO A 10 -15.15 -47.32 29.42
C PRO A 10 -14.32 -46.44 28.45
N ILE A 11 -13.22 -45.87 28.95
CA ILE A 11 -12.34 -44.95 28.21
C ILE A 11 -10.84 -45.25 28.45
N PRO A 12 -9.94 -44.79 27.56
CA PRO A 12 -8.48 -44.81 27.73
C PRO A 12 -7.96 -44.12 29.01
N ASN A 13 -6.68 -44.36 29.31
CA ASN A 13 -5.92 -43.67 30.37
C ASN A 13 -4.44 -43.48 29.95
N PRO A 14 -3.74 -42.43 30.43
CA PRO A 14 -2.39 -42.11 30.00
C PRO A 14 -1.35 -43.11 30.55
N LEU A 15 -0.54 -43.68 29.66
CA LEU A 15 0.45 -44.73 29.98
C LEU A 15 1.72 -44.65 29.09
N LEU A 16 1.96 -43.50 28.43
CA LEU A 16 3.05 -43.31 27.46
C LEU A 16 4.46 -43.37 28.06
N GLY A 17 4.62 -43.05 29.36
CA GLY A 17 5.87 -43.22 30.11
C GLY A 17 6.95 -42.16 29.84
N LEU A 18 6.59 -40.99 29.28
CA LEU A 18 7.49 -39.86 28.99
C LEU A 18 6.80 -38.49 29.16
N ASP A 19 7.56 -37.40 29.00
CA ASP A 19 7.13 -36.02 29.14
C ASP A 19 7.72 -35.08 28.06
N SER A 20 7.25 -33.83 28.00
CA SER A 20 7.56 -32.84 26.97
C SER A 20 9.08 -32.60 26.77
N THR A 21 9.51 -32.53 25.50
CA THR A 21 10.93 -32.36 25.10
C THR A 21 11.15 -31.19 24.14
N GLU A 22 10.15 -30.81 23.32
CA GLU A 22 10.20 -29.60 22.49
C GLU A 22 10.23 -28.31 23.33
N ASN A 23 10.92 -27.28 22.82
CA ASN A 23 11.18 -26.01 23.53
C ASN A 23 11.19 -24.76 22.63
N LEU A 24 10.78 -24.88 21.36
CA LEU A 24 10.75 -23.80 20.37
C LEU A 24 9.59 -24.03 19.36
N TYR A 25 8.92 -22.95 18.98
CA TYR A 25 7.83 -22.93 18.00
C TYR A 25 7.75 -21.56 17.28
N PHE A 26 7.16 -21.56 16.08
CA PHE A 26 7.09 -20.37 15.20
C PHE A 26 5.85 -20.33 14.28
N GLN A 27 5.02 -21.38 14.25
CA GLN A 27 3.83 -21.47 13.40
C GLN A 27 2.77 -20.42 13.77
N GLY A 28 2.37 -19.60 12.79
CA GLY A 28 1.44 -18.47 12.98
C GLY A 28 1.46 -17.48 11.81
N ILE A 29 0.92 -16.28 12.07
CA ILE A 29 0.88 -15.12 11.14
C ILE A 29 1.29 -13.82 11.86
N ASP A 30 1.57 -12.77 11.08
CA ASP A 30 2.09 -11.48 11.58
C ASP A 30 1.44 -10.28 10.84
N PRO A 31 1.40 -9.08 11.46
CA PRO A 31 0.81 -7.87 10.87
C PRO A 31 1.65 -7.23 9.74
N PHE A 32 2.72 -7.88 9.26
CA PHE A 32 3.59 -7.41 8.18
C PHE A 32 2.84 -7.03 6.88
N THR A 33 1.71 -7.68 6.60
CA THR A 33 0.80 -7.32 5.50
C THR A 33 0.27 -5.88 5.59
N MET A 34 0.11 -5.32 6.79
CA MET A 34 -0.19 -3.90 6.99
C MET A 34 1.06 -3.02 7.23
N SER A 35 2.22 -3.59 7.52
CA SER A 35 3.48 -2.80 7.47
C SER A 35 3.68 -2.40 5.99
N THR A 36 3.35 -3.33 5.09
CA THR A 36 3.23 -3.12 3.64
C THR A 36 2.13 -2.11 3.29
N LEU A 37 0.98 -2.08 3.98
CA LEU A 37 0.00 -0.98 3.81
C LEU A 37 0.65 0.35 4.09
N GLN A 38 1.32 0.45 5.23
CA GLN A 38 1.80 1.74 5.70
C GLN A 38 2.88 2.30 4.75
N GLU A 39 3.71 1.43 4.18
CA GLU A 39 4.67 1.68 3.09
C GLU A 39 3.99 2.01 1.76
N LEU A 40 2.99 1.23 1.33
CA LEU A 40 2.40 1.35 0.00
C LEU A 40 1.39 2.50 -0.10
N GLN A 41 0.61 2.77 0.94
CA GLN A 41 -0.27 3.95 1.07
C GLN A 41 0.57 5.25 1.16
N GLU A 42 1.81 5.16 1.65
CA GLU A 42 2.82 6.22 1.58
C GLU A 42 3.48 6.28 0.20
N ASN A 43 3.73 5.13 -0.45
CA ASN A 43 4.23 5.03 -1.82
C ASN A 43 3.28 5.69 -2.80
N ILE A 44 1.98 5.46 -2.63
CA ILE A 44 0.88 6.15 -3.32
C ILE A 44 1.11 7.64 -3.22
N THR A 45 1.16 8.18 -2.00
CA THR A 45 1.21 9.62 -1.77
C THR A 45 2.52 10.22 -2.27
N ALA A 46 3.66 9.55 -2.07
CA ALA A 46 4.96 10.04 -2.53
C ALA A 46 5.09 9.98 -4.05
N HIS A 47 4.60 8.92 -4.69
CA HIS A 47 4.44 8.76 -6.13
C HIS A 47 3.31 9.64 -6.69
N GLU A 48 2.36 10.13 -5.88
CA GLU A 48 1.41 11.16 -6.30
C GLU A 48 2.08 12.53 -6.24
N GLN A 49 2.88 12.85 -5.21
CA GLN A 49 3.66 14.10 -5.15
C GLN A 49 4.77 14.13 -6.20
N GLN A 50 5.42 13.00 -6.46
CA GLN A 50 6.32 12.84 -7.61
C GLN A 50 5.52 12.97 -8.90
N LEU A 51 4.22 12.65 -8.89
CA LEU A 51 3.33 12.88 -10.03
C LEU A 51 3.00 14.36 -10.19
N VAL A 52 2.57 15.09 -9.17
CA VAL A 52 2.36 16.56 -9.27
C VAL A 52 3.64 17.26 -9.65
N THR A 53 4.78 16.78 -9.12
CA THR A 53 6.07 17.26 -9.51
C THR A 53 6.34 16.89 -10.95
N ALA A 54 6.00 15.71 -11.46
CA ALA A 54 6.11 15.40 -12.88
C ALA A 54 5.25 16.33 -13.75
N ARG A 55 4.05 16.76 -13.28
CA ARG A 55 3.30 17.83 -13.96
C ARG A 55 4.10 19.15 -13.93
N GLN A 56 4.70 19.48 -12.78
CA GLN A 56 5.52 20.67 -12.52
C GLN A 56 6.84 20.68 -13.33
N LYS A 57 7.48 19.51 -13.49
CA LYS A 57 8.66 19.26 -14.31
C LYS A 57 8.27 19.38 -15.79
N LEU A 58 7.09 18.88 -16.19
CA LEU A 58 6.59 19.12 -17.54
C LEU A 58 6.30 20.60 -17.77
N LYS A 59 5.82 21.36 -16.79
CA LYS A 59 5.74 22.83 -16.95
C LYS A 59 7.12 23.49 -17.07
N ASP A 60 8.15 22.97 -16.41
CA ASP A 60 9.55 23.39 -16.62
C ASP A 60 10.07 22.99 -18.03
N ALA A 61 9.48 21.97 -18.67
CA ALA A 61 9.72 21.65 -20.08
C ALA A 61 8.91 22.56 -21.03
N GLU A 62 7.71 23.01 -20.65
CA GLU A 62 6.99 24.05 -21.39
C GLU A 62 7.71 25.38 -21.28
N LYS A 63 8.29 25.66 -20.11
CA LYS A 63 9.20 26.76 -19.88
C LYS A 63 10.39 26.67 -20.83
N ALA A 64 10.89 25.47 -21.09
CA ALA A 64 12.04 25.26 -21.96
C ALA A 64 11.74 25.55 -23.44
N VAL A 65 10.55 25.22 -23.93
CA VAL A 65 10.09 25.65 -25.26
C VAL A 65 9.62 27.13 -25.28
N GLU A 66 9.24 27.71 -24.13
CA GLU A 66 9.00 29.17 -23.95
C GLU A 66 10.28 29.97 -24.14
N VAL A 67 11.39 29.40 -23.68
CA VAL A 67 12.65 30.10 -23.50
C VAL A 67 13.80 29.71 -24.41
N ASP A 68 13.79 28.49 -24.93
CA ASP A 68 14.70 28.06 -25.98
C ASP A 68 14.08 26.96 -26.89
N PRO A 69 13.09 27.31 -27.74
CA PRO A 69 12.27 26.43 -28.59
C PRO A 69 12.96 25.52 -29.63
N ASP A 70 14.00 24.77 -29.27
CA ASP A 70 14.54 23.71 -30.11
C ASP A 70 13.57 22.53 -30.08
N ASP A 71 13.49 21.75 -31.17
CA ASP A 71 12.51 20.65 -31.31
C ASP A 71 12.63 19.61 -30.20
N VAL A 72 13.79 19.55 -29.57
CA VAL A 72 14.05 18.80 -28.36
C VAL A 72 13.33 19.33 -27.14
N ASN A 73 13.20 20.63 -26.89
CA ASN A 73 12.56 21.11 -25.67
C ASN A 73 11.05 20.84 -25.71
N LYS A 74 10.52 20.71 -26.93
CA LYS A 74 9.15 20.25 -27.23
C LYS A 74 9.04 18.72 -27.09
N SER A 75 10.04 17.96 -27.54
CA SER A 75 10.14 16.49 -27.34
C SER A 75 10.42 16.09 -25.88
N THR A 76 11.16 16.93 -25.19
CA THR A 76 11.45 16.97 -23.75
C THR A 76 10.17 17.26 -23.00
N LEU A 77 9.24 17.97 -23.63
CA LEU A 77 7.92 18.03 -23.04
C LEU A 77 7.28 16.64 -23.05
N GLN A 78 7.27 15.99 -24.21
CA GLN A 78 6.70 14.66 -24.41
C GLN A 78 7.33 13.58 -23.53
N ASN A 79 8.58 13.78 -23.15
CA ASN A 79 9.36 13.04 -22.16
C ASN A 79 8.93 13.32 -20.71
N ARG A 80 8.73 14.59 -20.32
CA ARG A 80 8.21 14.91 -18.98
C ARG A 80 6.75 14.47 -18.81
N ARG A 81 5.97 14.65 -19.88
CA ARG A 81 4.62 14.14 -20.11
C ARG A 81 4.58 12.61 -20.13
N ALA A 82 5.65 11.97 -20.58
CA ALA A 82 5.86 10.53 -20.48
C ALA A 82 6.16 10.11 -19.02
N ALA A 83 6.82 10.95 -18.20
CA ALA A 83 6.90 10.68 -16.75
C ALA A 83 5.53 10.83 -16.12
N VAL A 84 4.76 11.89 -16.36
CA VAL A 84 3.36 11.97 -15.88
C VAL A 84 2.58 10.75 -16.31
N SER A 85 2.79 10.21 -17.50
CA SER A 85 2.17 8.95 -17.92
C SER A 85 2.69 7.70 -17.16
N THR A 86 3.99 7.63 -16.85
CA THR A 86 4.60 6.63 -15.95
C THR A 86 3.93 6.66 -14.58
N LEU A 87 3.92 7.85 -14.01
CA LEU A 87 3.45 8.23 -12.70
C LEU A 87 1.95 7.97 -12.56
N GLU A 88 1.19 8.31 -13.61
CA GLU A 88 -0.25 8.11 -13.70
C GLU A 88 -0.59 6.60 -13.83
N THR A 89 0.13 5.85 -14.68
CA THR A 89 0.03 4.38 -14.79
C THR A 89 0.30 3.73 -13.45
N LYS A 90 1.41 4.14 -12.83
CA LYS A 90 1.74 3.75 -11.46
C LYS A 90 0.57 4.04 -10.59
N LEU A 91 0.11 5.26 -10.47
CA LEU A 91 -0.89 5.54 -9.45
C LEU A 91 -2.21 4.82 -9.64
N GLY A 92 -2.68 4.54 -10.84
CA GLY A 92 -3.84 3.65 -10.96
C GLY A 92 -3.49 2.22 -10.49
N GLU A 93 -2.34 1.66 -10.92
CA GLU A 93 -1.87 0.34 -10.49
C GLU A 93 -1.51 0.25 -9.00
N LEU A 94 -1.00 1.36 -8.41
CA LEU A 94 -0.60 1.61 -7.01
C LEU A 94 -1.84 1.70 -6.14
N LYS A 95 -2.80 2.54 -6.52
CA LYS A 95 -4.10 2.67 -5.84
C LYS A 95 -4.87 1.34 -5.89
N ARG A 96 -4.66 0.53 -6.95
CA ARG A 96 -5.13 -0.87 -7.05
C ARG A 96 -4.33 -1.84 -6.20
N GLN A 97 -2.99 -1.70 -6.08
CA GLN A 97 -2.23 -2.48 -5.09
C GLN A 97 -2.82 -2.24 -3.74
N LEU A 98 -3.15 -0.98 -3.42
CA LEU A 98 -3.88 -0.69 -2.21
C LEU A 98 -5.22 -1.37 -2.16
N ALA A 99 -6.09 -1.25 -3.16
CA ALA A 99 -7.37 -1.95 -3.09
C ALA A 99 -7.27 -3.48 -2.89
N ASP A 100 -6.16 -4.11 -3.29
CA ASP A 100 -5.85 -5.51 -2.95
C ASP A 100 -5.25 -5.70 -1.54
N LEU A 101 -4.29 -4.84 -1.16
CA LEU A 101 -3.66 -4.72 0.16
C LEU A 101 -4.66 -4.54 1.28
N VAL A 102 -5.50 -3.54 1.07
CA VAL A 102 -6.42 -2.97 2.02
C VAL A 102 -7.47 -4.02 2.34
N ALA A 103 -7.95 -4.67 1.28
CA ALA A 103 -8.83 -5.83 1.29
C ALA A 103 -8.21 -7.11 1.89
N ALA A 104 -6.99 -7.01 2.42
CA ALA A 104 -6.27 -8.03 3.18
C ALA A 104 -5.78 -7.51 4.56
N GLN A 105 -5.67 -6.19 4.76
CA GLN A 105 -5.44 -5.56 6.07
C GLN A 105 -6.58 -5.92 7.07
N LYS A 106 -7.76 -6.20 6.52
CA LYS A 106 -9.02 -6.61 7.17
C LYS A 106 -9.01 -8.03 7.74
N LEU A 107 -8.06 -8.89 7.33
CA LEU A 107 -8.01 -10.33 7.60
C LEU A 107 -7.14 -10.66 8.83
N MET A 1 -29.78 32.90 13.97
CA MET A 1 -30.71 31.78 14.25
C MET A 1 -30.22 30.50 13.54
N HIS A 2 -30.78 29.34 13.91
CA HIS A 2 -30.30 28.00 13.51
C HIS A 2 -31.44 27.08 13.01
N HIS A 3 -32.44 27.65 12.33
CA HIS A 3 -33.67 26.96 11.87
C HIS A 3 -33.44 25.71 11.01
N HIS A 4 -32.25 25.48 10.46
CA HIS A 4 -31.90 24.24 9.77
C HIS A 4 -32.02 22.97 10.64
N HIS A 5 -32.03 23.08 11.98
CA HIS A 5 -32.33 21.95 12.87
C HIS A 5 -33.78 21.42 12.75
N HIS A 6 -34.69 22.17 12.11
CA HIS A 6 -36.05 21.69 11.77
C HIS A 6 -36.06 20.66 10.62
N HIS A 7 -34.98 20.53 9.84
CA HIS A 7 -34.80 19.53 8.79
C HIS A 7 -34.50 18.12 9.36
N GLY A 8 -34.28 17.13 8.49
CA GLY A 8 -33.92 15.76 8.86
C GLY A 8 -33.20 14.97 7.76
N LYS A 9 -32.75 13.75 8.10
CA LYS A 9 -31.94 12.85 7.27
C LYS A 9 -32.35 11.38 7.46
N PRO A 10 -32.08 10.51 6.47
CA PRO A 10 -32.30 9.07 6.60
C PRO A 10 -31.40 8.43 7.66
N ILE A 11 -31.78 7.24 8.13
CA ILE A 11 -31.04 6.46 9.15
C ILE A 11 -29.62 6.09 8.71
N PRO A 12 -28.68 5.91 9.66
CA PRO A 12 -27.29 5.55 9.38
C PRO A 12 -27.15 4.08 8.92
N ASN A 13 -26.02 3.74 8.31
CA ASN A 13 -25.72 2.38 7.84
C ASN A 13 -25.76 1.35 9.00
N PRO A 14 -26.46 0.20 8.83
CA PRO A 14 -26.65 -0.78 9.90
C PRO A 14 -25.41 -1.67 10.14
N LEU A 15 -25.42 -2.37 11.26
CA LEU A 15 -24.44 -3.40 11.67
C LEU A 15 -25.16 -4.57 12.37
N LEU A 16 -24.52 -5.74 12.40
CA LEU A 16 -25.09 -6.99 12.95
C LEU A 16 -24.12 -7.89 13.74
N GLY A 17 -22.80 -7.60 13.71
CA GLY A 17 -21.77 -8.38 14.42
C GLY A 17 -20.41 -8.37 13.72
N LEU A 18 -19.52 -9.25 14.21
CA LEU A 18 -18.19 -9.54 13.64
C LEU A 18 -17.89 -11.04 13.82
N ASP A 19 -17.26 -11.67 12.82
CA ASP A 19 -16.95 -13.10 12.82
C ASP A 19 -15.91 -13.54 13.89
N SER A 20 -15.92 -14.83 14.23
CA SER A 20 -14.95 -15.47 15.14
C SER A 20 -14.80 -16.96 14.83
N THR A 21 -13.70 -17.58 15.29
CA THR A 21 -13.27 -18.94 14.97
C THR A 21 -12.67 -19.64 16.20
N GLU A 22 -13.37 -19.54 17.33
CA GLU A 22 -12.94 -19.93 18.69
C GLU A 22 -12.31 -21.34 18.85
N ASN A 23 -12.64 -22.29 17.97
CA ASN A 23 -12.17 -23.68 18.02
C ASN A 23 -11.26 -24.08 16.84
N LEU A 24 -10.97 -23.15 15.92
CA LEU A 24 -10.04 -23.37 14.79
C LEU A 24 -8.59 -23.51 15.28
N TYR A 25 -8.20 -22.71 16.29
CA TYR A 25 -6.91 -22.67 17.01
C TYR A 25 -5.64 -22.37 16.20
N PHE A 26 -5.41 -23.05 15.06
CA PHE A 26 -4.20 -22.95 14.25
C PHE A 26 -4.02 -21.59 13.54
N GLN A 27 -2.76 -21.28 13.18
CA GLN A 27 -2.39 -20.10 12.39
C GLN A 27 -2.95 -20.12 10.94
N GLY A 28 -2.96 -18.95 10.29
CA GLY A 28 -3.41 -18.81 8.89
C GLY A 28 -3.29 -17.41 8.27
N ILE A 29 -2.76 -16.42 9.00
CA ILE A 29 -2.55 -15.03 8.58
C ILE A 29 -1.37 -14.41 9.36
N ASP A 30 -0.80 -13.30 8.86
CA ASP A 30 0.30 -12.56 9.48
C ASP A 30 0.08 -11.03 9.33
N PRO A 31 0.61 -10.20 10.25
CA PRO A 31 0.42 -8.74 10.22
C PRO A 31 1.20 -8.03 9.10
N PHE A 32 2.11 -8.72 8.42
CA PHE A 32 2.96 -8.19 7.35
C PHE A 32 2.19 -7.66 6.13
N THR A 33 0.89 -7.96 5.98
CA THR A 33 0.03 -7.34 4.98
C THR A 33 -0.18 -5.85 5.22
N MET A 34 -0.17 -5.38 6.48
CA MET A 34 -0.41 -3.96 6.80
C MET A 34 0.86 -3.14 7.07
N SER A 35 2.02 -3.75 7.35
CA SER A 35 3.28 -2.98 7.30
C SER A 35 3.47 -2.54 5.85
N THR A 36 3.14 -3.45 4.93
CA THR A 36 3.01 -3.23 3.50
C THR A 36 1.95 -2.17 3.18
N LEU A 37 0.81 -2.10 3.88
CA LEU A 37 -0.12 -0.96 3.73
C LEU A 37 0.59 0.34 4.04
N GLN A 38 1.26 0.39 5.18
CA GLN A 38 1.79 1.65 5.66
C GLN A 38 2.88 2.20 4.73
N GLU A 39 3.66 1.28 4.12
CA GLU A 39 4.62 1.51 3.04
C GLU A 39 3.95 1.88 1.72
N LEU A 40 2.95 1.15 1.26
CA LEU A 40 2.36 1.30 -0.07
C LEU A 40 1.37 2.47 -0.15
N GLN A 41 0.59 2.74 0.89
CA GLN A 41 -0.26 3.93 1.03
C GLN A 41 0.59 5.20 1.12
N GLU A 42 1.83 5.10 1.61
CA GLU A 42 2.85 6.14 1.56
C GLU A 42 3.52 6.21 0.18
N ASN A 43 3.77 5.06 -0.46
CA ASN A 43 4.28 4.97 -1.84
C ASN A 43 3.34 5.66 -2.82
N ILE A 44 2.03 5.44 -2.67
CA ILE A 44 0.95 6.15 -3.35
C ILE A 44 1.21 7.65 -3.24
N THR A 45 1.33 8.15 -2.02
CA THR A 45 1.43 9.58 -1.74
C THR A 45 2.76 10.17 -2.24
N ALA A 46 3.88 9.48 -2.07
CA ALA A 46 5.18 9.96 -2.54
C ALA A 46 5.30 9.90 -4.07
N HIS A 47 4.77 8.84 -4.69
CA HIS A 47 4.59 8.71 -6.13
C HIS A 47 3.47 9.60 -6.67
N GLU A 48 2.54 10.10 -5.84
CA GLU A 48 1.61 11.15 -6.23
C GLU A 48 2.32 12.51 -6.18
N GLN A 49 3.14 12.80 -5.15
CA GLN A 49 3.94 14.02 -5.08
C GLN A 49 5.01 14.06 -6.17
N GLN A 50 5.64 12.93 -6.49
CA GLN A 50 6.49 12.80 -7.68
C GLN A 50 5.64 12.97 -8.94
N LEU A 51 4.33 12.70 -8.88
CA LEU A 51 3.42 12.96 -10.00
C LEU A 51 3.03 14.44 -10.12
N VAL A 52 2.75 15.16 -9.04
CA VAL A 52 2.59 16.63 -9.07
C VAL A 52 3.86 17.29 -9.54
N THR A 53 5.01 16.80 -9.06
CA THR A 53 6.31 17.26 -9.48
C THR A 53 6.53 16.92 -10.93
N ALA A 54 6.13 15.74 -11.43
CA ALA A 54 6.19 15.41 -12.85
C ALA A 54 5.30 16.35 -13.67
N ARG A 55 4.14 16.79 -13.15
CA ARG A 55 3.35 17.85 -13.78
C ARG A 55 4.16 19.17 -13.82
N GLN A 56 4.75 19.53 -12.68
CA GLN A 56 5.64 20.69 -12.48
C GLN A 56 6.93 20.63 -13.32
N LYS A 57 7.41 19.42 -13.62
CA LYS A 57 8.58 19.11 -14.45
C LYS A 57 8.22 19.25 -15.92
N LEU A 58 7.04 18.77 -16.33
CA LEU A 58 6.51 19.05 -17.67
C LEU A 58 6.15 20.52 -17.85
N LYS A 59 5.71 21.25 -16.82
CA LYS A 59 5.57 22.72 -16.91
C LYS A 59 6.91 23.47 -17.02
N ASP A 60 7.97 22.96 -16.39
CA ASP A 60 9.36 23.45 -16.57
C ASP A 60 9.93 23.07 -17.96
N ALA A 61 9.43 22.01 -18.60
CA ALA A 61 9.73 21.71 -20.01
C ALA A 61 8.87 22.56 -20.97
N GLU A 62 7.65 22.94 -20.61
CA GLU A 62 6.87 23.94 -21.37
C GLU A 62 7.54 25.30 -21.27
N LYS A 63 8.09 25.60 -20.08
CA LYS A 63 8.96 26.76 -19.87
C LYS A 63 10.16 26.71 -20.82
N ALA A 64 10.69 25.52 -21.09
CA ALA A 64 11.85 25.34 -21.96
C ALA A 64 11.54 25.62 -23.44
N VAL A 65 10.37 25.22 -23.94
CA VAL A 65 9.89 25.62 -25.28
C VAL A 65 9.36 27.07 -25.29
N GLU A 66 8.96 27.64 -24.15
CA GLU A 66 8.65 29.09 -23.98
C GLU A 66 9.91 29.95 -24.18
N VAL A 67 11.04 29.44 -23.69
CA VAL A 67 12.26 30.20 -23.54
C VAL A 67 13.42 29.87 -24.46
N ASP A 68 13.47 28.65 -24.97
CA ASP A 68 14.39 28.27 -26.03
C ASP A 68 13.82 27.14 -26.92
N PRO A 69 12.82 27.42 -27.77
CA PRO A 69 12.03 26.48 -28.59
C PRO A 69 12.77 25.61 -29.63
N ASP A 70 13.80 24.86 -29.23
CA ASP A 70 14.38 23.83 -30.09
C ASP A 70 13.43 22.63 -30.09
N ASP A 71 13.44 21.86 -31.18
CA ASP A 71 12.57 20.68 -31.37
C ASP A 71 12.59 19.68 -30.23
N VAL A 72 13.76 19.58 -29.63
CA VAL A 72 14.02 18.85 -28.44
C VAL A 72 13.29 19.38 -27.23
N ASN A 73 13.19 20.67 -26.97
CA ASN A 73 12.52 21.15 -25.76
C ASN A 73 11.02 20.84 -25.82
N LYS A 74 10.50 20.66 -27.04
CA LYS A 74 9.13 20.18 -27.33
C LYS A 74 9.00 18.66 -27.22
N SER A 75 10.07 17.90 -27.51
CA SER A 75 10.16 16.43 -27.32
C SER A 75 10.46 16.01 -25.88
N THR A 76 11.31 16.79 -25.23
CA THR A 76 11.64 16.84 -23.81
C THR A 76 10.38 17.13 -23.04
N LEU A 77 9.43 17.84 -23.66
CA LEU A 77 8.11 17.92 -23.08
C LEU A 77 7.46 16.55 -23.02
N GLN A 78 7.36 15.87 -24.16
CA GLN A 78 6.76 14.55 -24.31
C GLN A 78 7.43 13.48 -23.45
N ASN A 79 8.69 13.69 -23.09
CA ASN A 79 9.48 12.95 -22.12
C ASN A 79 9.10 13.26 -20.66
N ARG A 80 8.93 14.54 -20.29
CA ARG A 80 8.45 14.90 -18.95
C ARG A 80 6.99 14.47 -18.72
N ARG A 81 6.19 14.66 -19.76
CA ARG A 81 4.82 14.20 -19.95
C ARG A 81 4.75 12.66 -20.01
N ALA A 82 5.82 12.00 -20.47
CA ALA A 82 5.99 10.55 -20.38
C ALA A 82 6.29 10.12 -18.93
N ALA A 83 6.98 10.93 -18.11
CA ALA A 83 7.06 10.66 -16.67
C ALA A 83 5.67 10.81 -16.05
N VAL A 84 4.91 11.87 -16.31
CA VAL A 84 3.51 11.95 -15.84
C VAL A 84 2.74 10.70 -16.26
N SER A 85 2.93 10.17 -17.46
CA SER A 85 2.31 8.90 -17.87
C SER A 85 2.84 7.66 -17.11
N THR A 86 4.13 7.60 -16.79
CA THR A 86 4.75 6.60 -15.87
C THR A 86 4.06 6.64 -14.52
N LEU A 87 4.04 7.84 -13.95
CA LEU A 87 3.57 8.22 -12.64
C LEU A 87 2.06 7.97 -12.51
N GLU A 88 1.30 8.31 -13.54
CA GLU A 88 -0.15 8.12 -13.65
C GLU A 88 -0.50 6.62 -13.79
N THR A 89 0.24 5.87 -14.65
CA THR A 89 0.11 4.39 -14.76
C THR A 89 0.38 3.74 -13.43
N LYS A 90 1.49 4.15 -12.80
CA LYS A 90 1.81 3.73 -11.45
C LYS A 90 0.65 4.02 -10.56
N LEU A 91 0.21 5.25 -10.39
CA LEU A 91 -0.81 5.52 -9.40
C LEU A 91 -2.13 4.81 -9.63
N GLY A 92 -2.54 4.52 -10.86
CA GLY A 92 -3.68 3.64 -11.05
C GLY A 92 -3.38 2.22 -10.53
N GLU A 93 -2.25 1.62 -10.94
CA GLU A 93 -1.80 0.31 -10.46
C GLU A 93 -1.47 0.27 -8.95
N LEU A 94 -0.98 1.37 -8.38
CA LEU A 94 -0.58 1.62 -6.99
C LEU A 94 -1.83 1.73 -6.12
N LYS A 95 -2.77 2.59 -6.52
CA LYS A 95 -4.08 2.75 -5.86
C LYS A 95 -4.88 1.42 -5.93
N ARG A 96 -4.67 0.62 -6.99
CA ARG A 96 -5.17 -0.77 -7.13
C ARG A 96 -4.38 -1.81 -6.33
N GLN A 97 -3.07 -1.64 -6.10
CA GLN A 97 -2.32 -2.47 -5.15
C GLN A 97 -2.95 -2.25 -3.80
N LEU A 98 -3.23 -0.98 -3.46
CA LEU A 98 -3.97 -0.67 -2.27
C LEU A 98 -5.32 -1.36 -2.25
N ALA A 99 -6.16 -1.27 -3.27
CA ALA A 99 -7.43 -1.97 -3.21
C ALA A 99 -7.34 -3.50 -2.98
N ASP A 100 -6.22 -4.15 -3.34
CA ASP A 100 -5.91 -5.54 -2.95
C ASP A 100 -5.35 -5.69 -1.53
N LEU A 101 -4.39 -4.83 -1.17
CA LEU A 101 -3.76 -4.67 0.14
C LEU A 101 -4.77 -4.46 1.26
N VAL A 102 -5.60 -3.46 1.02
CA VAL A 102 -6.53 -2.87 1.94
C VAL A 102 -7.56 -3.92 2.29
N ALA A 103 -8.04 -4.62 1.26
CA ALA A 103 -8.88 -5.79 1.31
C ALA A 103 -8.25 -7.05 1.95
N ALA A 104 -7.03 -6.90 2.49
CA ALA A 104 -6.29 -7.88 3.29
C ALA A 104 -5.77 -7.30 4.63
N GLN A 105 -5.80 -5.97 4.82
CA GLN A 105 -5.55 -5.31 6.12
C GLN A 105 -6.68 -5.66 7.12
N LYS A 106 -7.86 -5.96 6.57
CA LYS A 106 -9.12 -6.35 7.23
C LYS A 106 -9.09 -7.74 7.87
N LEU A 107 -8.24 -8.64 7.36
CA LEU A 107 -8.12 -10.06 7.73
C LEU A 107 -7.44 -10.26 9.11
#